data_1PAL
# 
_entry.id   1PAL 
# 
_audit_conform.dict_name       mmcif_pdbx.dic 
_audit_conform.dict_version    5.397 
_audit_conform.dict_location   http://mmcif.pdb.org/dictionaries/ascii/mmcif_pdbx.dic 
# 
loop_
_database_2.database_id 
_database_2.database_code 
_database_2.pdbx_database_accession 
_database_2.pdbx_DOI 
PDB   1PAL         pdb_00001pal 10.2210/pdb1pal/pdb 
WWPDB D_1000175568 ?            ?                   
# 
loop_
_pdbx_audit_revision_history.ordinal 
_pdbx_audit_revision_history.data_content_type 
_pdbx_audit_revision_history.major_revision 
_pdbx_audit_revision_history.minor_revision 
_pdbx_audit_revision_history.revision_date 
1 'Structure model' 1 0 1992-01-15 
2 'Structure model' 1 1 2008-03-03 
3 'Structure model' 1 2 2011-07-13 
4 'Structure model' 1 3 2024-06-05 
5 'Structure model' 1 4 2024-10-23 
# 
_pdbx_audit_revision_details.ordinal             1 
_pdbx_audit_revision_details.revision_ordinal    1 
_pdbx_audit_revision_details.data_content_type   'Structure model' 
_pdbx_audit_revision_details.provider            repository 
_pdbx_audit_revision_details.type                'Initial release' 
_pdbx_audit_revision_details.description         ? 
_pdbx_audit_revision_details.details             ? 
# 
loop_
_pdbx_audit_revision_group.ordinal 
_pdbx_audit_revision_group.revision_ordinal 
_pdbx_audit_revision_group.data_content_type 
_pdbx_audit_revision_group.group 
1 2 'Structure model' 'Version format compliance' 
2 3 'Structure model' 'Version format compliance' 
3 4 'Structure model' 'Data collection'           
4 4 'Structure model' 'Database references'       
5 4 'Structure model' 'Derived calculations'      
6 4 'Structure model' Other                       
7 5 'Structure model' 'Structure summary'         
# 
loop_
_pdbx_audit_revision_category.ordinal 
_pdbx_audit_revision_category.revision_ordinal 
_pdbx_audit_revision_category.data_content_type 
_pdbx_audit_revision_category.category 
1 4 'Structure model' chem_comp_atom            
2 4 'Structure model' chem_comp_bond            
3 4 'Structure model' database_2                
4 4 'Structure model' pdbx_database_status      
5 4 'Structure model' pdbx_struct_conn_angle    
6 4 'Structure model' struct_conn               
7 4 'Structure model' struct_site               
8 5 'Structure model' pdbx_entry_details        
9 5 'Structure model' pdbx_modification_feature 
# 
loop_
_pdbx_audit_revision_item.ordinal 
_pdbx_audit_revision_item.revision_ordinal 
_pdbx_audit_revision_item.data_content_type 
_pdbx_audit_revision_item.item 
1  4 'Structure model' '_database_2.pdbx_DOI'                        
2  4 'Structure model' '_database_2.pdbx_database_accession'         
3  4 'Structure model' '_pdbx_database_status.process_site'          
4  4 'Structure model' '_pdbx_struct_conn_angle.ptnr1_auth_comp_id'  
5  4 'Structure model' '_pdbx_struct_conn_angle.ptnr1_auth_seq_id'   
6  4 'Structure model' '_pdbx_struct_conn_angle.ptnr1_label_asym_id' 
7  4 'Structure model' '_pdbx_struct_conn_angle.ptnr1_label_atom_id' 
8  4 'Structure model' '_pdbx_struct_conn_angle.ptnr1_label_comp_id' 
9  4 'Structure model' '_pdbx_struct_conn_angle.ptnr1_label_seq_id'  
10 4 'Structure model' '_pdbx_struct_conn_angle.ptnr2_auth_seq_id'   
11 4 'Structure model' '_pdbx_struct_conn_angle.ptnr2_label_asym_id' 
12 4 'Structure model' '_pdbx_struct_conn_angle.ptnr3_auth_comp_id'  
13 4 'Structure model' '_pdbx_struct_conn_angle.ptnr3_auth_seq_id'   
14 4 'Structure model' '_pdbx_struct_conn_angle.ptnr3_label_asym_id' 
15 4 'Structure model' '_pdbx_struct_conn_angle.ptnr3_label_atom_id' 
16 4 'Structure model' '_pdbx_struct_conn_angle.ptnr3_label_comp_id' 
17 4 'Structure model' '_pdbx_struct_conn_angle.ptnr3_label_seq_id'  
18 4 'Structure model' '_pdbx_struct_conn_angle.value'               
19 4 'Structure model' '_struct_conn.pdbx_dist_value'                
20 4 'Structure model' '_struct_conn.pdbx_leaving_atom_flag'         
21 4 'Structure model' '_struct_conn.ptnr1_auth_comp_id'             
22 4 'Structure model' '_struct_conn.ptnr1_auth_seq_id'              
23 4 'Structure model' '_struct_conn.ptnr1_label_asym_id'            
24 4 'Structure model' '_struct_conn.ptnr1_label_atom_id'            
25 4 'Structure model' '_struct_conn.ptnr1_label_comp_id'            
26 4 'Structure model' '_struct_conn.ptnr1_label_seq_id'             
27 4 'Structure model' '_struct_conn.ptnr2_auth_comp_id'             
28 4 'Structure model' '_struct_conn.ptnr2_auth_seq_id'              
29 4 'Structure model' '_struct_conn.ptnr2_label_asym_id'            
30 4 'Structure model' '_struct_conn.ptnr2_label_atom_id'            
31 4 'Structure model' '_struct_conn.ptnr2_label_comp_id'            
32 4 'Structure model' '_struct_conn.ptnr2_label_seq_id'             
33 4 'Structure model' '_struct_site.pdbx_auth_asym_id'              
34 4 'Structure model' '_struct_site.pdbx_auth_comp_id'              
35 4 'Structure model' '_struct_site.pdbx_auth_seq_id'               
# 
_pdbx_database_status.status_code                     REL 
_pdbx_database_status.entry_id                        1PAL 
_pdbx_database_status.recvd_initial_deposition_date   1990-11-08 
_pdbx_database_status.deposit_site                    ? 
_pdbx_database_status.process_site                    BNL 
_pdbx_database_status.status_code_sf                  REL 
_pdbx_database_status.status_code_mr                  ? 
_pdbx_database_status.SG_entry                        ? 
_pdbx_database_status.pdb_format_compatible           Y 
_pdbx_database_status.status_code_cs                  ? 
_pdbx_database_status.status_code_nmr_data            ? 
_pdbx_database_status.methods_development_category    ? 
# 
loop_
_audit_author.name 
_audit_author.pdbx_ordinal 
'Declercq, J.P.' 1 
'Tinant, B.'     2 
'Parello, J.'    3 
'Rambaud, J.'    4 
# 
loop_
_citation.id 
_citation.title 
_citation.journal_abbrev 
_citation.journal_volume 
_citation.page_first 
_citation.page_last 
_citation.year 
_citation.journal_id_ASTM 
_citation.country 
_citation.journal_id_ISSN 
_citation.journal_id_CSD 
_citation.book_publisher 
_citation.pdbx_database_id_PubMed 
_citation.pdbx_database_id_DOI 
primary 
;Ionic interactions with parvalbumins. Crystal structure determination of pike 4.10 parvalbumin in four different ionic environments.
;
J.Mol.Biol. 220 1017 1039 1991 JMOBAK UK 0022-2836 0070 ? 1880797 '10.1016/0022-2836(91)90369-H' 
1       'Crystal Structure Determination and Refinement of Pike 4.10 Parvalbumin (Minor Component from Esox Lucius)' J.Mol.Biol. 
202 349  ?    1988 JMOBAK UK 0022-2836 0070 ? ?       ?                              
# 
loop_
_citation_author.citation_id 
_citation_author.name 
_citation_author.ordinal 
_citation_author.identifier_ORCID 
primary 'Declercq, J.P.'  1 ? 
primary 'Tinant, B.'      2 ? 
primary 'Parello, J.'     3 ? 
primary 'Rambaud, J.'     4 ? 
1       'Declercq, J.-P.' 5 ? 
1       'Tinant, B.'      6 ? 
1       'Parello, J.'     7 ? 
1       'Etienne, G.'     8 ? 
1       'Huber, R.'       9 ? 
# 
loop_
_entity.id 
_entity.type 
_entity.src_method 
_entity.pdbx_description 
_entity.formula_weight 
_entity.pdbx_number_of_molecules 
_entity.pdbx_ec 
_entity.pdbx_mutation 
_entity.pdbx_fragment 
_entity.details 
1 polymer     man PARVALBUMIN    11429.834 1  ? ? ? ? 
2 non-polymer syn 'CALCIUM ION'  40.078    2  ? ? ? ? 
3 non-polymer syn 'AMMONIUM ION' 18.038    1  ? ? ? ? 
4 water       nat water          18.015    64 ? ? ? ? 
# 
_entity_poly.entity_id                      1 
_entity_poly.type                           'polypeptide(L)' 
_entity_poly.nstd_linkage                   no 
_entity_poly.nstd_monomer                   yes 
_entity_poly.pdbx_seq_one_letter_code       
;(ACE)SFAGLKDADVAAALAACSAADSFKHKEFFAKVGLASKSLDDVKKAFYVIDQDKSGFIEEDELKLFLQNFSPSARA
LTDAETKAFLADGDKDGDGMIGVDEFAAMIKA
;
_entity_poly.pdbx_seq_one_letter_code_can   
;XSFAGLKDADVAAALAACSAADSFKHKEFFAKVGLASKSLDDVKKAFYVIDQDKSGFIEEDELKLFLQNFSPSARALTDA
ETKAFLADGDKDGDGMIGVDEFAAMIKA
;
_entity_poly.pdbx_strand_id                 A 
_entity_poly.pdbx_target_identifier         ? 
# 
loop_
_pdbx_entity_nonpoly.entity_id 
_pdbx_entity_nonpoly.name 
_pdbx_entity_nonpoly.comp_id 
2 'CALCIUM ION'  CA  
3 'AMMONIUM ION' NH4 
4 water          HOH 
# 
loop_
_entity_poly_seq.entity_id 
_entity_poly_seq.num 
_entity_poly_seq.mon_id 
_entity_poly_seq.hetero 
1 1   ACE n 
1 2   SER n 
1 3   PHE n 
1 4   ALA n 
1 5   GLY n 
1 6   LEU n 
1 7   LYS n 
1 8   ASP n 
1 9   ALA n 
1 10  ASP n 
1 11  VAL n 
1 12  ALA n 
1 13  ALA n 
1 14  ALA n 
1 15  LEU n 
1 16  ALA n 
1 17  ALA n 
1 18  CYS n 
1 19  SER n 
1 20  ALA n 
1 21  ALA n 
1 22  ASP n 
1 23  SER n 
1 24  PHE n 
1 25  LYS n 
1 26  HIS n 
1 27  LYS n 
1 28  GLU n 
1 29  PHE n 
1 30  PHE n 
1 31  ALA n 
1 32  LYS n 
1 33  VAL n 
1 34  GLY n 
1 35  LEU n 
1 36  ALA n 
1 37  SER n 
1 38  LYS n 
1 39  SER n 
1 40  LEU n 
1 41  ASP n 
1 42  ASP n 
1 43  VAL n 
1 44  LYS n 
1 45  LYS n 
1 46  ALA n 
1 47  PHE n 
1 48  TYR n 
1 49  VAL n 
1 50  ILE n 
1 51  ASP n 
1 52  GLN n 
1 53  ASP n 
1 54  LYS n 
1 55  SER n 
1 56  GLY n 
1 57  PHE n 
1 58  ILE n 
1 59  GLU n 
1 60  GLU n 
1 61  ASP n 
1 62  GLU n 
1 63  LEU n 
1 64  LYS n 
1 65  LEU n 
1 66  PHE n 
1 67  LEU n 
1 68  GLN n 
1 69  ASN n 
1 70  PHE n 
1 71  SER n 
1 72  PRO n 
1 73  SER n 
1 74  ALA n 
1 75  ARG n 
1 76  ALA n 
1 77  LEU n 
1 78  THR n 
1 79  ASP n 
1 80  ALA n 
1 81  GLU n 
1 82  THR n 
1 83  LYS n 
1 84  ALA n 
1 85  PHE n 
1 86  LEU n 
1 87  ALA n 
1 88  ASP n 
1 89  GLY n 
1 90  ASP n 
1 91  LYS n 
1 92  ASP n 
1 93  GLY n 
1 94  ASP n 
1 95  GLY n 
1 96  MET n 
1 97  ILE n 
1 98  GLY n 
1 99  VAL n 
1 100 ASP n 
1 101 GLU n 
1 102 PHE n 
1 103 ALA n 
1 104 ALA n 
1 105 MET n 
1 106 ILE n 
1 107 LYS n 
1 108 ALA n 
# 
_entity_src_gen.entity_id                          1 
_entity_src_gen.pdbx_src_id                        1 
_entity_src_gen.pdbx_alt_source_flag               sample 
_entity_src_gen.pdbx_seq_type                      ? 
_entity_src_gen.pdbx_beg_seq_num                   ? 
_entity_src_gen.pdbx_end_seq_num                   ? 
_entity_src_gen.gene_src_common_name               'northern pike' 
_entity_src_gen.gene_src_genus                     Esox 
_entity_src_gen.pdbx_gene_src_gene                 ? 
_entity_src_gen.gene_src_species                   ? 
_entity_src_gen.gene_src_strain                    ? 
_entity_src_gen.gene_src_tissue                    ? 
_entity_src_gen.gene_src_tissue_fraction           ? 
_entity_src_gen.gene_src_details                   ? 
_entity_src_gen.pdbx_gene_src_fragment             ? 
_entity_src_gen.pdbx_gene_src_scientific_name      'Esox lucius' 
_entity_src_gen.pdbx_gene_src_ncbi_taxonomy_id     8010 
_entity_src_gen.pdbx_gene_src_variant              ? 
_entity_src_gen.pdbx_gene_src_cell_line            ? 
_entity_src_gen.pdbx_gene_src_atcc                 ? 
_entity_src_gen.pdbx_gene_src_organ                ? 
_entity_src_gen.pdbx_gene_src_organelle            ? 
_entity_src_gen.pdbx_gene_src_cell                 ? 
_entity_src_gen.pdbx_gene_src_cellular_location    ? 
_entity_src_gen.host_org_common_name               ? 
_entity_src_gen.pdbx_host_org_scientific_name      ? 
_entity_src_gen.pdbx_host_org_ncbi_taxonomy_id     ? 
_entity_src_gen.host_org_genus                     ? 
_entity_src_gen.pdbx_host_org_gene                 ? 
_entity_src_gen.pdbx_host_org_organ                ? 
_entity_src_gen.host_org_species                   ? 
_entity_src_gen.pdbx_host_org_tissue               ? 
_entity_src_gen.pdbx_host_org_tissue_fraction      ? 
_entity_src_gen.pdbx_host_org_strain               ? 
_entity_src_gen.pdbx_host_org_variant              ? 
_entity_src_gen.pdbx_host_org_cell_line            ? 
_entity_src_gen.pdbx_host_org_atcc                 ? 
_entity_src_gen.pdbx_host_org_culture_collection   ? 
_entity_src_gen.pdbx_host_org_cell                 ? 
_entity_src_gen.pdbx_host_org_organelle            ? 
_entity_src_gen.pdbx_host_org_cellular_location    ? 
_entity_src_gen.pdbx_host_org_vector_type          ? 
_entity_src_gen.pdbx_host_org_vector               ? 
_entity_src_gen.host_org_details                   ? 
_entity_src_gen.expression_system_id               ? 
_entity_src_gen.plasmid_name                       ? 
_entity_src_gen.plasmid_details                    ? 
_entity_src_gen.pdbx_description                   ? 
# 
loop_
_chem_comp.id 
_chem_comp.type 
_chem_comp.mon_nstd_flag 
_chem_comp.name 
_chem_comp.pdbx_synonyms 
_chem_comp.formula 
_chem_comp.formula_weight 
ACE non-polymer         . 'ACETYL GROUP'  ? 'C2 H4 O'        44.053  
ALA 'L-peptide linking' y ALANINE         ? 'C3 H7 N O2'     89.093  
ARG 'L-peptide linking' y ARGININE        ? 'C6 H15 N4 O2 1' 175.209 
ASN 'L-peptide linking' y ASPARAGINE      ? 'C4 H8 N2 O3'    132.118 
ASP 'L-peptide linking' y 'ASPARTIC ACID' ? 'C4 H7 N O4'     133.103 
CA  non-polymer         . 'CALCIUM ION'   ? 'Ca 2'           40.078  
CYS 'L-peptide linking' y CYSTEINE        ? 'C3 H7 N O2 S'   121.158 
GLN 'L-peptide linking' y GLUTAMINE       ? 'C5 H10 N2 O3'   146.144 
GLU 'L-peptide linking' y 'GLUTAMIC ACID' ? 'C5 H9 N O4'     147.129 
GLY 'peptide linking'   y GLYCINE         ? 'C2 H5 N O2'     75.067  
HIS 'L-peptide linking' y HISTIDINE       ? 'C6 H10 N3 O2 1' 156.162 
HOH non-polymer         . WATER           ? 'H2 O'           18.015  
ILE 'L-peptide linking' y ISOLEUCINE      ? 'C6 H13 N O2'    131.173 
LEU 'L-peptide linking' y LEUCINE         ? 'C6 H13 N O2'    131.173 
LYS 'L-peptide linking' y LYSINE          ? 'C6 H15 N2 O2 1' 147.195 
MET 'L-peptide linking' y METHIONINE      ? 'C5 H11 N O2 S'  149.211 
NH4 non-polymer         . 'AMMONIUM ION'  ? 'H4 N 1'         18.038  
PHE 'L-peptide linking' y PHENYLALANINE   ? 'C9 H11 N O2'    165.189 
PRO 'L-peptide linking' y PROLINE         ? 'C5 H9 N O2'     115.130 
SER 'L-peptide linking' y SERINE          ? 'C3 H7 N O3'     105.093 
THR 'L-peptide linking' y THREONINE       ? 'C4 H9 N O3'     119.119 
TYR 'L-peptide linking' y TYROSINE        ? 'C9 H11 N O3'    181.189 
VAL 'L-peptide linking' y VALINE          ? 'C5 H11 N O2'    117.146 
# 
loop_
_pdbx_poly_seq_scheme.asym_id 
_pdbx_poly_seq_scheme.entity_id 
_pdbx_poly_seq_scheme.seq_id 
_pdbx_poly_seq_scheme.mon_id 
_pdbx_poly_seq_scheme.ndb_seq_num 
_pdbx_poly_seq_scheme.pdb_seq_num 
_pdbx_poly_seq_scheme.auth_seq_num 
_pdbx_poly_seq_scheme.pdb_mon_id 
_pdbx_poly_seq_scheme.auth_mon_id 
_pdbx_poly_seq_scheme.pdb_strand_id 
_pdbx_poly_seq_scheme.pdb_ins_code 
_pdbx_poly_seq_scheme.hetero 
A 1 1   ACE 1   0   0   ACE ACE A . n 
A 1 2   SER 2   1   1   SER SER A . n 
A 1 3   PHE 3   2   2   PHE PHE A . n 
A 1 4   ALA 4   3   3   ALA ALA A . n 
A 1 5   GLY 5   4   4   GLY GLY A . n 
A 1 6   LEU 6   6   6   LEU LEU A . n 
A 1 7   LYS 7   7   7   LYS LYS A . n 
A 1 8   ASP 8   8   8   ASP ASP A . n 
A 1 9   ALA 9   9   9   ALA ALA A . n 
A 1 10  ASP 10  10  10  ASP ASP A . n 
A 1 11  VAL 11  11  11  VAL VAL A . n 
A 1 12  ALA 12  12  12  ALA ALA A . n 
A 1 13  ALA 13  13  13  ALA ALA A . n 
A 1 14  ALA 14  14  14  ALA ALA A . n 
A 1 15  LEU 15  15  15  LEU LEU A . n 
A 1 16  ALA 16  16  16  ALA ALA A . n 
A 1 17  ALA 17  17  17  ALA ALA A . n 
A 1 18  CYS 18  18  18  CYS CYS A . n 
A 1 19  SER 19  19  19  SER SER A . n 
A 1 20  ALA 20  20  20  ALA ALA A . n 
A 1 21  ALA 21  21  21  ALA ALA A . n 
A 1 22  ASP 22  22  22  ASP ASP A . n 
A 1 23  SER 23  23  23  SER SER A . n 
A 1 24  PHE 24  24  24  PHE PHE A . n 
A 1 25  LYS 25  25  25  LYS LYS A . n 
A 1 26  HIS 26  26  26  HIS HIS A . n 
A 1 27  LYS 27  27  27  LYS LYS A . n 
A 1 28  GLU 28  28  28  GLU GLU A . n 
A 1 29  PHE 29  29  29  PHE PHE A . n 
A 1 30  PHE 30  30  30  PHE PHE A . n 
A 1 31  ALA 31  31  31  ALA ALA A . n 
A 1 32  LYS 32  32  32  LYS LYS A . n 
A 1 33  VAL 33  33  33  VAL VAL A . n 
A 1 34  GLY 34  34  34  GLY GLY A . n 
A 1 35  LEU 35  35  35  LEU LEU A . n 
A 1 36  ALA 36  36  36  ALA ALA A . n 
A 1 37  SER 37  37  37  SER SER A . n 
A 1 38  LYS 38  38  38  LYS LYS A . n 
A 1 39  SER 39  39  39  SER SER A . n 
A 1 40  LEU 40  40  40  LEU LEU A . n 
A 1 41  ASP 41  41  41  ASP ASP A . n 
A 1 42  ASP 42  42  42  ASP ASP A . n 
A 1 43  VAL 43  43  43  VAL VAL A . n 
A 1 44  LYS 44  44  44  LYS LYS A . n 
A 1 45  LYS 45  45  45  LYS LYS A . n 
A 1 46  ALA 46  46  46  ALA ALA A . n 
A 1 47  PHE 47  47  47  PHE PHE A . n 
A 1 48  TYR 48  48  48  TYR TYR A . n 
A 1 49  VAL 49  49  49  VAL VAL A . n 
A 1 50  ILE 50  50  50  ILE ILE A . n 
A 1 51  ASP 51  51  51  ASP ASP A . n 
A 1 52  GLN 52  52  52  GLN GLN A . n 
A 1 53  ASP 53  53  53  ASP ASP A . n 
A 1 54  LYS 54  54  54  LYS LYS A . n 
A 1 55  SER 55  55  55  SER SER A . n 
A 1 56  GLY 56  56  56  GLY GLY A . n 
A 1 57  PHE 57  57  57  PHE PHE A . n 
A 1 58  ILE 58  58  58  ILE ILE A . n 
A 1 59  GLU 59  59  59  GLU GLU A . n 
A 1 60  GLU 60  60  60  GLU GLU A . n 
A 1 61  ASP 61  61  61  ASP ASP A . n 
A 1 62  GLU 62  62  62  GLU GLU A . n 
A 1 63  LEU 63  63  63  LEU LEU A . n 
A 1 64  LYS 64  64  64  LYS LYS A . n 
A 1 65  LEU 65  65  65  LEU LEU A . n 
A 1 66  PHE 66  66  66  PHE PHE A . n 
A 1 67  LEU 67  67  67  LEU LEU A . n 
A 1 68  GLN 68  68  68  GLN GLN A . n 
A 1 69  ASN 69  69  69  ASN ASN A . n 
A 1 70  PHE 70  70  70  PHE PHE A . n 
A 1 71  SER 71  71  71  SER SER A . n 
A 1 72  PRO 72  72  72  PRO PRO A . n 
A 1 73  SER 73  73  73  SER SER A . n 
A 1 74  ALA 74  74  74  ALA ALA A . n 
A 1 75  ARG 75  75  75  ARG ARG A . n 
A 1 76  ALA 76  76  76  ALA ALA A . n 
A 1 77  LEU 77  77  77  LEU LEU A . n 
A 1 78  THR 78  78  78  THR THR A . n 
A 1 79  ASP 79  79  79  ASP ASP A . n 
A 1 80  ALA 80  80  80  ALA ALA A . n 
A 1 81  GLU 81  81  81  GLU GLU A . n 
A 1 82  THR 82  82  82  THR THR A . n 
A 1 83  LYS 83  83  83  LYS LYS A . n 
A 1 84  ALA 84  84  84  ALA ALA A . n 
A 1 85  PHE 85  85  85  PHE PHE A . n 
A 1 86  LEU 86  86  86  LEU LEU A . n 
A 1 87  ALA 87  87  87  ALA ALA A . n 
A 1 88  ASP 88  88  88  ASP ASP A . n 
A 1 89  GLY 89  89  89  GLY GLY A . n 
A 1 90  ASP 90  90  90  ASP ASP A . n 
A 1 91  LYS 91  91  91  LYS LYS A . n 
A 1 92  ASP 92  92  92  ASP ASP A . n 
A 1 93  GLY 93  93  93  GLY GLY A . n 
A 1 94  ASP 94  94  94  ASP ASP A . n 
A 1 95  GLY 95  95  95  GLY GLY A . n 
A 1 96  MET 96  96  96  MET MET A . n 
A 1 97  ILE 97  97  97  ILE ILE A . n 
A 1 98  GLY 98  98  98  GLY GLY A . n 
A 1 99  VAL 99  99  99  VAL VAL A . n 
A 1 100 ASP 100 100 100 ASP ASP A . n 
A 1 101 GLU 101 101 101 GLU GLU A . n 
A 1 102 PHE 102 102 102 PHE PHE A . n 
A 1 103 ALA 103 103 103 ALA ALA A . n 
A 1 104 ALA 104 104 104 ALA ALA A . n 
A 1 105 MET 105 105 105 MET MET A . n 
A 1 106 ILE 106 106 106 ILE ILE A . n 
A 1 107 LYS 107 107 107 LYS LYS A . n 
A 1 108 ALA 108 108 108 ALA ALA A . n 
# 
loop_
_pdbx_nonpoly_scheme.asym_id 
_pdbx_nonpoly_scheme.entity_id 
_pdbx_nonpoly_scheme.mon_id 
_pdbx_nonpoly_scheme.ndb_seq_num 
_pdbx_nonpoly_scheme.pdb_seq_num 
_pdbx_nonpoly_scheme.auth_seq_num 
_pdbx_nonpoly_scheme.pdb_mon_id 
_pdbx_nonpoly_scheme.auth_mon_id 
_pdbx_nonpoly_scheme.pdb_strand_id 
_pdbx_nonpoly_scheme.pdb_ins_code 
B 2 CA  1  110 110 CA  CA  A . 
C 2 CA  1  111 111 CA  CA  A . 
D 3 NH4 1  223 223 NH4 NH4 A . 
E 4 HOH 1  200 200 HOH HOH A . 
E 4 HOH 2  201 201 HOH HOH A . 
E 4 HOH 3  202 202 HOH HOH A . 
E 4 HOH 4  203 203 HOH HOH A . 
E 4 HOH 5  204 204 HOH HOH A . 
E 4 HOH 6  205 205 HOH HOH A . 
E 4 HOH 7  206 206 HOH HOH A . 
E 4 HOH 8  207 207 HOH HOH A . 
E 4 HOH 9  208 208 HOH HOH A . 
E 4 HOH 10 209 209 HOH HOH A . 
E 4 HOH 11 210 210 HOH HOH A . 
E 4 HOH 12 211 211 HOH HOH A . 
E 4 HOH 13 212 212 HOH HOH A . 
E 4 HOH 14 213 213 HOH HOH A . 
E 4 HOH 15 214 214 HOH HOH A . 
E 4 HOH 16 215 215 HOH HOH A . 
E 4 HOH 17 216 216 HOH HOH A . 
E 4 HOH 18 217 217 HOH HOH A . 
E 4 HOH 19 218 218 HOH HOH A . 
E 4 HOH 20 219 219 HOH HOH A . 
E 4 HOH 21 220 220 HOH HOH A . 
E 4 HOH 22 221 221 HOH HOH A . 
E 4 HOH 23 222 222 HOH HOH A . 
E 4 HOH 24 224 224 HOH HOH A . 
E 4 HOH 25 225 225 HOH HOH A . 
E 4 HOH 26 226 226 HOH HOH A . 
E 4 HOH 27 227 227 HOH HOH A . 
E 4 HOH 28 228 228 HOH HOH A . 
E 4 HOH 29 229 229 HOH HOH A . 
E 4 HOH 30 230 230 HOH HOH A . 
E 4 HOH 31 231 231 HOH HOH A . 
E 4 HOH 32 232 232 HOH HOH A . 
E 4 HOH 33 233 233 HOH HOH A . 
E 4 HOH 34 234 234 HOH HOH A . 
E 4 HOH 35 235 235 HOH HOH A . 
E 4 HOH 36 236 236 HOH HOH A . 
E 4 HOH 37 237 237 HOH HOH A . 
E 4 HOH 38 238 238 HOH HOH A . 
E 4 HOH 39 239 239 HOH HOH A . 
E 4 HOH 40 240 240 HOH HOH A . 
E 4 HOH 41 241 241 HOH HOH A . 
E 4 HOH 42 242 242 HOH HOH A . 
E 4 HOH 43 243 243 HOH HOH A . 
E 4 HOH 44 244 244 HOH HOH A . 
E 4 HOH 45 245 245 HOH HOH A . 
E 4 HOH 46 246 246 HOH HOH A . 
E 4 HOH 47 247 247 HOH HOH A . 
E 4 HOH 48 248 248 HOH HOH A . 
E 4 HOH 49 249 249 HOH HOH A . 
E 4 HOH 50 250 250 HOH HOH A . 
E 4 HOH 51 251 251 HOH HOH A . 
E 4 HOH 52 252 252 HOH HOH A . 
E 4 HOH 53 253 253 HOH HOH A . 
E 4 HOH 54 254 254 HOH HOH A . 
E 4 HOH 55 255 255 HOH HOH A . 
E 4 HOH 56 256 256 HOH HOH A . 
E 4 HOH 57 257 257 HOH HOH A . 
E 4 HOH 58 258 258 HOH HOH A . 
E 4 HOH 59 259 259 HOH HOH A . 
E 4 HOH 60 260 260 HOH HOH A . 
E 4 HOH 61 261 261 HOH HOH A . 
E 4 HOH 62 262 262 HOH HOH A . 
E 4 HOH 63 263 263 HOH HOH A . 
E 4 HOH 64 264 264 HOH HOH A . 
# 
loop_
_pdbx_unobs_or_zero_occ_atoms.id 
_pdbx_unobs_or_zero_occ_atoms.PDB_model_num 
_pdbx_unobs_or_zero_occ_atoms.polymer_flag 
_pdbx_unobs_or_zero_occ_atoms.occupancy_flag 
_pdbx_unobs_or_zero_occ_atoms.auth_asym_id 
_pdbx_unobs_or_zero_occ_atoms.auth_comp_id 
_pdbx_unobs_or_zero_occ_atoms.auth_seq_id 
_pdbx_unobs_or_zero_occ_atoms.PDB_ins_code 
_pdbx_unobs_or_zero_occ_atoms.auth_atom_id 
_pdbx_unobs_or_zero_occ_atoms.label_alt_id 
_pdbx_unobs_or_zero_occ_atoms.label_asym_id 
_pdbx_unobs_or_zero_occ_atoms.label_comp_id 
_pdbx_unobs_or_zero_occ_atoms.label_seq_id 
_pdbx_unobs_or_zero_occ_atoms.label_atom_id 
1 1 Y 0 A ALA 108 ? CA  ? A ALA 108 CA  
2 1 Y 0 A ALA 108 ? C   ? A ALA 108 C   
3 1 Y 0 A ALA 108 ? O   ? A ALA 108 O   
4 1 Y 0 A ALA 108 ? CB  ? A ALA 108 CB  
5 1 Y 0 A ALA 108 ? OXT ? A ALA 108 OXT 
# 
_software.name             PROLSQ 
_software.classification   refinement 
_software.version          . 
_software.citation_id      ? 
_software.pdbx_ordinal     1 
# 
_cell.entry_id           1PAL 
_cell.length_a           59.500 
_cell.length_b           59.630 
_cell.length_c           26.240 
_cell.angle_alpha        90.00 
_cell.angle_beta         90.00 
_cell.angle_gamma        90.00 
_cell.Z_PDB              4 
_cell.pdbx_unique_axis   ? 
# 
_symmetry.entry_id                         1PAL 
_symmetry.space_group_name_H-M             'P 21 21 2' 
_symmetry.pdbx_full_space_group_name_H-M   ? 
_symmetry.cell_setting                     ? 
_symmetry.Int_Tables_number                18 
# 
_exptl.entry_id          1PAL 
_exptl.method            'X-RAY DIFFRACTION' 
_exptl.crystals_number   ? 
# 
_exptl_crystal.id                    1 
_exptl_crystal.density_meas          ? 
_exptl_crystal.density_Matthews      2.04 
_exptl_crystal.density_percent_sol   39.60 
_exptl_crystal.description           ? 
# 
_diffrn.id                     1 
_diffrn.ambient_temp           ? 
_diffrn.ambient_temp_details   ? 
_diffrn.crystal_id             1 
# 
_diffrn_radiation.diffrn_id                        1 
_diffrn_radiation.wavelength_id                    1 
_diffrn_radiation.pdbx_monochromatic_or_laue_m_l   ? 
_diffrn_radiation.monochromator                    ? 
_diffrn_radiation.pdbx_diffrn_protocol             ? 
_diffrn_radiation.pdbx_scattering_type             x-ray 
# 
_diffrn_radiation_wavelength.id           1 
_diffrn_radiation_wavelength.wavelength   . 
_diffrn_radiation_wavelength.wt           1.0 
# 
_refine.entry_id                                 1PAL 
_refine.ls_number_reflns_obs                     ? 
_refine.ls_number_reflns_all                     ? 
_refine.pdbx_ls_sigma_I                          ? 
_refine.pdbx_ls_sigma_F                          ? 
_refine.pdbx_data_cutoff_high_absF               ? 
_refine.pdbx_data_cutoff_low_absF                ? 
_refine.pdbx_data_cutoff_high_rms_absF           ? 
_refine.ls_d_res_low                             ? 
_refine.ls_d_res_high                            1.65 
_refine.ls_percent_reflns_obs                    ? 
_refine.ls_R_factor_obs                          0.1970000 
_refine.ls_R_factor_all                          ? 
_refine.ls_R_factor_R_work                       ? 
_refine.ls_R_factor_R_free                       ? 
_refine.ls_R_factor_R_free_error                 ? 
_refine.ls_R_factor_R_free_error_details         ? 
_refine.ls_percent_reflns_R_free                 ? 
_refine.ls_number_reflns_R_free                  ? 
_refine.ls_number_parameters                     ? 
_refine.ls_number_restraints                     ? 
_refine.occupancy_min                            ? 
_refine.occupancy_max                            ? 
_refine.B_iso_mean                               ? 
_refine.aniso_B[1][1]                            ? 
_refine.aniso_B[2][2]                            ? 
_refine.aniso_B[3][3]                            ? 
_refine.aniso_B[1][2]                            ? 
_refine.aniso_B[1][3]                            ? 
_refine.aniso_B[2][3]                            ? 
_refine.solvent_model_details                    ? 
_refine.solvent_model_param_ksol                 ? 
_refine.solvent_model_param_bsol                 ? 
_refine.pdbx_ls_cross_valid_method               ? 
_refine.details                                  ? 
_refine.pdbx_starting_model                      ? 
_refine.pdbx_method_to_determine_struct          ? 
_refine.pdbx_isotropic_thermal_model             ? 
_refine.pdbx_stereochemistry_target_values       ? 
_refine.pdbx_stereochem_target_val_spec_case     ? 
_refine.pdbx_R_Free_selection_details            ? 
_refine.pdbx_overall_ESU_R                       ? 
_refine.pdbx_overall_ESU_R_Free                  ? 
_refine.overall_SU_ML                            ? 
_refine.overall_SU_B                             ? 
_refine.pdbx_refine_id                           'X-RAY DIFFRACTION' 
_refine.pdbx_diffrn_id                           1 
_refine.pdbx_TLS_residual_ADP_flag               ? 
_refine.correlation_coeff_Fo_to_Fc               ? 
_refine.correlation_coeff_Fo_to_Fc_free          ? 
_refine.pdbx_solvent_vdw_probe_radii             ? 
_refine.pdbx_solvent_ion_probe_radii             ? 
_refine.pdbx_solvent_shrinkage_radii             ? 
_refine.pdbx_overall_phase_error                 ? 
_refine.overall_SU_R_Cruickshank_DPI             ? 
_refine.pdbx_overall_SU_R_free_Cruickshank_DPI   ? 
_refine.pdbx_overall_SU_R_Blow_DPI               ? 
_refine.pdbx_overall_SU_R_free_Blow_DPI          ? 
# 
_refine_hist.pdbx_refine_id                   'X-RAY DIFFRACTION' 
_refine_hist.cycle_id                         LAST 
_refine_hist.pdbx_number_atoms_protein        805 
_refine_hist.pdbx_number_atoms_nucleic_acid   0 
_refine_hist.pdbx_number_atoms_ligand         3 
_refine_hist.number_atoms_solvent             64 
_refine_hist.number_atoms_total               872 
_refine_hist.d_res_high                       1.65 
_refine_hist.d_res_low                        . 
# 
loop_
_refine_ls_restr.type 
_refine_ls_restr.dev_ideal 
_refine_ls_restr.dev_ideal_target 
_refine_ls_restr.weight 
_refine_ls_restr.number 
_refine_ls_restr.pdbx_refine_id 
_refine_ls_restr.pdbx_restraint_function 
p_bond_d            0.024 0.030 ? ? 'X-RAY DIFFRACTION' ? 
p_angle_d           0.064 0.060 ? ? 'X-RAY DIFFRACTION' ? 
p_angle_deg         ?     ?     ? ? 'X-RAY DIFFRACTION' ? 
p_planar_d          0.096 0.080 ? ? 'X-RAY DIFFRACTION' ? 
p_hb_or_metal_coord ?     ?     ? ? 'X-RAY DIFFRACTION' ? 
p_mcbond_it         5.6   7.000 ? ? 'X-RAY DIFFRACTION' ? 
p_mcangle_it        6.5   8.000 ? ? 'X-RAY DIFFRACTION' ? 
p_scbond_it         9.0   10.00 ? ? 'X-RAY DIFFRACTION' ? 
p_scangle_it        10.8  12.00 ? ? 'X-RAY DIFFRACTION' ? 
p_plane_restr       0.017 0.025 ? ? 'X-RAY DIFFRACTION' ? 
p_chiral_restr      0.37  0.300 ? ? 'X-RAY DIFFRACTION' ? 
p_singtor_nbd       0.20  0.500 ? ? 'X-RAY DIFFRACTION' ? 
p_multtor_nbd       0.22  0.500 ? ? 'X-RAY DIFFRACTION' ? 
p_xhyhbond_nbd      0.20  0.500 ? ? 'X-RAY DIFFRACTION' ? 
p_xyhbond_nbd       ?     ?     ? ? 'X-RAY DIFFRACTION' ? 
p_planar_tor        2.8   4.0   ? ? 'X-RAY DIFFRACTION' ? 
p_staggered_tor     24.   20.0  ? ? 'X-RAY DIFFRACTION' ? 
p_orthonormal_tor   24.   20.0  ? ? 'X-RAY DIFFRACTION' ? 
p_transverse_tor    ?     ?     ? ? 'X-RAY DIFFRACTION' ? 
p_special_tor       ?     ?     ? ? 'X-RAY DIFFRACTION' ? 
# 
_struct.entry_id                  1PAL 
_struct.title                     
'IONIC INTERACTIONS WITH PARVALBUMINS. CRYSTAL STRUCTURE DETERMINATION OF PIKE 4.10 PARVALBUMIN IN FOUR DIFFERENT IONIC ENVIRONMENTS' 
_struct.pdbx_model_details        ? 
_struct.pdbx_CASP_flag            ? 
_struct.pdbx_model_type_details   ? 
# 
_struct_keywords.entry_id        1PAL 
_struct_keywords.pdbx_keywords   'CALCIUM BINDING PROTEIN' 
_struct_keywords.text            'CALCIUM BINDING PROTEIN' 
# 
loop_
_struct_asym.id 
_struct_asym.pdbx_blank_PDB_chainid_flag 
_struct_asym.pdbx_modified 
_struct_asym.entity_id 
_struct_asym.details 
A N N 1 ? 
B N N 2 ? 
C N N 2 ? 
D N N 3 ? 
E N N 4 ? 
# 
_struct_ref.id                         1 
_struct_ref.db_name                    UNP 
_struct_ref.db_code                    PRVB_ESOLU 
_struct_ref.entity_id                  1 
_struct_ref.pdbx_db_accession          P02619 
_struct_ref.pdbx_align_begin           1 
_struct_ref.pdbx_seq_one_letter_code   
;SFAGLKDADVAAALAACSAADSFKHKEFFAKVGLASKSLDDVKKAFYVIDQDKSGFIEEDELKLFLQNFSPSARALTDAE
TKAFLADGDKDGDGMIGVDEFAAMIKA
;
_struct_ref.pdbx_db_isoform            ? 
# 
_struct_ref_seq.align_id                      1 
_struct_ref_seq.ref_id                        1 
_struct_ref_seq.pdbx_PDB_id_code              1PAL 
_struct_ref_seq.pdbx_strand_id                A 
_struct_ref_seq.seq_align_beg                 2 
_struct_ref_seq.pdbx_seq_align_beg_ins_code   ? 
_struct_ref_seq.seq_align_end                 108 
_struct_ref_seq.pdbx_seq_align_end_ins_code   ? 
_struct_ref_seq.pdbx_db_accession             P02619 
_struct_ref_seq.db_align_beg                  1 
_struct_ref_seq.pdbx_db_align_beg_ins_code    ? 
_struct_ref_seq.db_align_end                  107 
_struct_ref_seq.pdbx_db_align_end_ins_code    ? 
_struct_ref_seq.pdbx_auth_seq_align_beg       1 
_struct_ref_seq.pdbx_auth_seq_align_end       108 
# 
_pdbx_struct_assembly.id                   1 
_pdbx_struct_assembly.details              author_defined_assembly 
_pdbx_struct_assembly.method_details       ? 
_pdbx_struct_assembly.oligomeric_details   monomeric 
_pdbx_struct_assembly.oligomeric_count     1 
# 
_pdbx_struct_assembly_gen.assembly_id       1 
_pdbx_struct_assembly_gen.oper_expression   1 
_pdbx_struct_assembly_gen.asym_id_list      A,B,C,D,E 
# 
_pdbx_struct_oper_list.id                   1 
_pdbx_struct_oper_list.type                 'identity operation' 
_pdbx_struct_oper_list.name                 1_555 
_pdbx_struct_oper_list.symmetry_operation   x,y,z 
_pdbx_struct_oper_list.matrix[1][1]         1.0000000000 
_pdbx_struct_oper_list.matrix[1][2]         0.0000000000 
_pdbx_struct_oper_list.matrix[1][3]         0.0000000000 
_pdbx_struct_oper_list.vector[1]            0.0000000000 
_pdbx_struct_oper_list.matrix[2][1]         0.0000000000 
_pdbx_struct_oper_list.matrix[2][2]         1.0000000000 
_pdbx_struct_oper_list.matrix[2][3]         0.0000000000 
_pdbx_struct_oper_list.vector[2]            0.0000000000 
_pdbx_struct_oper_list.matrix[3][1]         0.0000000000 
_pdbx_struct_oper_list.matrix[3][2]         0.0000000000 
_pdbx_struct_oper_list.matrix[3][3]         1.0000000000 
_pdbx_struct_oper_list.vector[3]            0.0000000000 
# 
_struct_biol.id   1 
# 
loop_
_struct_conf.conf_type_id 
_struct_conf.id 
_struct_conf.pdbx_PDB_helix_id 
_struct_conf.beg_label_comp_id 
_struct_conf.beg_label_asym_id 
_struct_conf.beg_label_seq_id 
_struct_conf.pdbx_beg_PDB_ins_code 
_struct_conf.end_label_comp_id 
_struct_conf.end_label_asym_id 
_struct_conf.end_label_seq_id 
_struct_conf.pdbx_end_PDB_ins_code 
_struct_conf.beg_auth_comp_id 
_struct_conf.beg_auth_asym_id 
_struct_conf.beg_auth_seq_id 
_struct_conf.end_auth_comp_id 
_struct_conf.end_auth_asym_id 
_struct_conf.end_auth_seq_id 
_struct_conf.pdbx_PDB_helix_class 
_struct_conf.details 
_struct_conf.pdbx_PDB_helix_length 
HELX_P HELX_P1 A ASP A 8  ? ALA A 17  ? ASP A 8  ALA A 17  1 ?                       10 
HELX_P HELX_P2 B HIS A 26 ? VAL A 33  ? HIS A 26 VAL A 33  1 ?                       8  
HELX_P HELX_P3 C LEU A 40 ? ILE A 50  ? LEU A 40 ILE A 50  1 ?                       11 
HELX_P HELX_P4 D GLU A 60 ? PHE A 70  ? GLU A 60 PHE A 70  1 'BENDING AT RESIDUE 65' 11 
HELX_P HELX_P5 E ASP A 79 ? GLY A 89  ? ASP A 79 GLY A 89  1 ?                       11 
HELX_P HELX_P6 F VAL A 99 ? LYS A 107 ? VAL A 99 LYS A 107 1 ?                       9  
# 
_struct_conf_type.id          HELX_P 
_struct_conf_type.criteria    ? 
_struct_conf_type.reference   ? 
# 
loop_
_struct_conn.id 
_struct_conn.conn_type_id 
_struct_conn.pdbx_leaving_atom_flag 
_struct_conn.pdbx_PDB_id 
_struct_conn.ptnr1_label_asym_id 
_struct_conn.ptnr1_label_comp_id 
_struct_conn.ptnr1_label_seq_id 
_struct_conn.ptnr1_label_atom_id 
_struct_conn.pdbx_ptnr1_label_alt_id 
_struct_conn.pdbx_ptnr1_PDB_ins_code 
_struct_conn.pdbx_ptnr1_standard_comp_id 
_struct_conn.ptnr1_symmetry 
_struct_conn.ptnr2_label_asym_id 
_struct_conn.ptnr2_label_comp_id 
_struct_conn.ptnr2_label_seq_id 
_struct_conn.ptnr2_label_atom_id 
_struct_conn.pdbx_ptnr2_label_alt_id 
_struct_conn.pdbx_ptnr2_PDB_ins_code 
_struct_conn.ptnr1_auth_asym_id 
_struct_conn.ptnr1_auth_comp_id 
_struct_conn.ptnr1_auth_seq_id 
_struct_conn.ptnr2_auth_asym_id 
_struct_conn.ptnr2_auth_comp_id 
_struct_conn.ptnr2_auth_seq_id 
_struct_conn.ptnr2_symmetry 
_struct_conn.pdbx_ptnr3_label_atom_id 
_struct_conn.pdbx_ptnr3_label_seq_id 
_struct_conn.pdbx_ptnr3_label_comp_id 
_struct_conn.pdbx_ptnr3_label_asym_id 
_struct_conn.pdbx_ptnr3_label_alt_id 
_struct_conn.pdbx_ptnr3_PDB_ins_code 
_struct_conn.details 
_struct_conn.pdbx_dist_value 
_struct_conn.pdbx_value_order 
_struct_conn.pdbx_role 
covale1  covale both ? A ACE 1   C   ? ? ? 1_555 A SER 2 N  ? ? A ACE 0   A SER 1   1_555 ? ? ? ? ? ? ? 1.371 ? ? 
metalc1  metalc ?    ? A ASP 51  OD1 ? ? ? 1_555 C CA  . CA ? ? A ASP 51  A CA  111 1_555 ? ? ? ? ? ? ? 2.207 ? ? 
metalc2  metalc ?    ? A ASP 53  OD1 ? ? ? 1_555 C CA  . CA ? ? A ASP 53  A CA  111 1_555 ? ? ? ? ? ? ? 2.250 ? ? 
metalc3  metalc ?    ? A SER 55  OG  ? ? ? 1_555 C CA  . CA ? ? A SER 55  A CA  111 1_555 ? ? ? ? ? ? ? 2.313 ? ? 
metalc4  metalc ?    ? A PHE 57  O   ? ? ? 1_555 C CA  . CA ? ? A PHE 57  A CA  111 1_555 ? ? ? ? ? ? ? 2.303 ? ? 
metalc5  metalc ?    ? A GLU 59  OE1 ? ? ? 1_555 C CA  . CA ? ? A GLU 59  A CA  111 1_555 ? ? ? ? ? ? ? 2.416 ? ? 
metalc6  metalc ?    ? A GLU 62  OE2 ? ? ? 1_555 C CA  . CA ? ? A GLU 62  A CA  111 1_555 ? ? ? ? ? ? ? 2.522 ? ? 
metalc7  metalc ?    ? A GLU 62  OE1 ? ? ? 1_555 C CA  . CA ? ? A GLU 62  A CA  111 1_555 ? ? ? ? ? ? ? 2.496 ? ? 
metalc8  metalc ?    ? A ASP 90  OD2 ? ? ? 1_555 B CA  . CA ? ? A ASP 90  A CA  110 1_555 ? ? ? ? ? ? ? 2.349 ? ? 
metalc9  metalc ?    ? A ASP 92  OD1 ? ? ? 1_555 B CA  . CA ? ? A ASP 92  A CA  110 1_555 ? ? ? ? ? ? ? 2.367 ? ? 
metalc10 metalc ?    ? A ASP 94  OD1 ? ? ? 1_555 B CA  . CA ? ? A ASP 94  A CA  110 1_555 ? ? ? ? ? ? ? 2.197 ? ? 
metalc11 metalc ?    ? A MET 96  O   ? ? ? 1_555 B CA  . CA ? ? A MET 96  A CA  110 1_555 ? ? ? ? ? ? ? 2.320 ? ? 
metalc12 metalc ?    ? A GLU 101 OE2 ? ? ? 1_555 B CA  . CA ? ? A GLU 101 A CA  110 1_555 ? ? ? ? ? ? ? 2.148 ? ? 
metalc13 metalc ?    ? A GLU 101 OE1 ? ? ? 1_555 B CA  . CA ? ? A GLU 101 A CA  110 1_555 ? ? ? ? ? ? ? 2.467 ? ? 
metalc14 metalc ?    ? B CA  .   CA  ? ? ? 1_555 E HOH . O  ? ? A CA  110 A HOH 246 1_555 ? ? ? ? ? ? ? 2.472 ? ? 
# 
loop_
_struct_conn_type.id 
_struct_conn_type.criteria 
_struct_conn_type.reference 
covale ? ? 
metalc ? ? 
# 
loop_
_pdbx_struct_conn_angle.id 
_pdbx_struct_conn_angle.ptnr1_label_atom_id 
_pdbx_struct_conn_angle.ptnr1_label_alt_id 
_pdbx_struct_conn_angle.ptnr1_label_asym_id 
_pdbx_struct_conn_angle.ptnr1_label_comp_id 
_pdbx_struct_conn_angle.ptnr1_label_seq_id 
_pdbx_struct_conn_angle.ptnr1_auth_atom_id 
_pdbx_struct_conn_angle.ptnr1_auth_asym_id 
_pdbx_struct_conn_angle.ptnr1_auth_comp_id 
_pdbx_struct_conn_angle.ptnr1_auth_seq_id 
_pdbx_struct_conn_angle.ptnr1_PDB_ins_code 
_pdbx_struct_conn_angle.ptnr1_symmetry 
_pdbx_struct_conn_angle.ptnr2_label_atom_id 
_pdbx_struct_conn_angle.ptnr2_label_alt_id 
_pdbx_struct_conn_angle.ptnr2_label_asym_id 
_pdbx_struct_conn_angle.ptnr2_label_comp_id 
_pdbx_struct_conn_angle.ptnr2_label_seq_id 
_pdbx_struct_conn_angle.ptnr2_auth_atom_id 
_pdbx_struct_conn_angle.ptnr2_auth_asym_id 
_pdbx_struct_conn_angle.ptnr2_auth_comp_id 
_pdbx_struct_conn_angle.ptnr2_auth_seq_id 
_pdbx_struct_conn_angle.ptnr2_PDB_ins_code 
_pdbx_struct_conn_angle.ptnr2_symmetry 
_pdbx_struct_conn_angle.ptnr3_label_atom_id 
_pdbx_struct_conn_angle.ptnr3_label_alt_id 
_pdbx_struct_conn_angle.ptnr3_label_asym_id 
_pdbx_struct_conn_angle.ptnr3_label_comp_id 
_pdbx_struct_conn_angle.ptnr3_label_seq_id 
_pdbx_struct_conn_angle.ptnr3_auth_atom_id 
_pdbx_struct_conn_angle.ptnr3_auth_asym_id 
_pdbx_struct_conn_angle.ptnr3_auth_comp_id 
_pdbx_struct_conn_angle.ptnr3_auth_seq_id 
_pdbx_struct_conn_angle.ptnr3_PDB_ins_code 
_pdbx_struct_conn_angle.ptnr3_symmetry 
_pdbx_struct_conn_angle.value 
_pdbx_struct_conn_angle.value_esd 
1  OD1 ? A ASP 51  ? A ASP 51  ? 1_555 CA ? C CA . ? A CA 111 ? 1_555 OD1 ? A ASP 53  ? A ASP 53  ? 1_555 87.9  ? 
2  OD1 ? A ASP 51  ? A ASP 51  ? 1_555 CA ? C CA . ? A CA 111 ? 1_555 OG  ? A SER 55  ? A SER 55  ? 1_555 85.8  ? 
3  OD1 ? A ASP 53  ? A ASP 53  ? 1_555 CA ? C CA . ? A CA 111 ? 1_555 OG  ? A SER 55  ? A SER 55  ? 1_555 80.7  ? 
4  OD1 ? A ASP 51  ? A ASP 51  ? 1_555 CA ? C CA . ? A CA 111 ? 1_555 O   ? A PHE 57  ? A PHE 57  ? 1_555 85.1  ? 
5  OD1 ? A ASP 53  ? A ASP 53  ? 1_555 CA ? C CA . ? A CA 111 ? 1_555 O   ? A PHE 57  ? A PHE 57  ? 1_555 152.6 ? 
6  OG  ? A SER 55  ? A SER 55  ? 1_555 CA ? C CA . ? A CA 111 ? 1_555 O   ? A PHE 57  ? A PHE 57  ? 1_555 72.3  ? 
7  OD1 ? A ASP 51  ? A ASP 51  ? 1_555 CA ? C CA . ? A CA 111 ? 1_555 OE1 ? A GLU 59  ? A GLU 59  ? 1_555 167.0 ? 
8  OD1 ? A ASP 53  ? A ASP 53  ? 1_555 CA ? C CA . ? A CA 111 ? 1_555 OE1 ? A GLU 59  ? A GLU 59  ? 1_555 95.1  ? 
9  OG  ? A SER 55  ? A SER 55  ? 1_555 CA ? C CA . ? A CA 111 ? 1_555 OE1 ? A GLU 59  ? A GLU 59  ? 1_555 82.2  ? 
10 O   ? A PHE 57  ? A PHE 57  ? 1_555 CA ? C CA . ? A CA 111 ? 1_555 OE1 ? A GLU 59  ? A GLU 59  ? 1_555 86.4  ? 
11 OD1 ? A ASP 51  ? A ASP 51  ? 1_555 CA ? C CA . ? A CA 111 ? 1_555 OE2 ? A GLU 62  ? A GLU 62  ? 1_555 107.2 ? 
12 OD1 ? A ASP 53  ? A ASP 53  ? 1_555 CA ? C CA . ? A CA 111 ? 1_555 OE2 ? A GLU 62  ? A GLU 62  ? 1_555 124.1 ? 
13 OG  ? A SER 55  ? A SER 55  ? 1_555 CA ? C CA . ? A CA 111 ? 1_555 OE2 ? A GLU 62  ? A GLU 62  ? 1_555 151.3 ? 
14 O   ? A PHE 57  ? A PHE 57  ? 1_555 CA ? C CA . ? A CA 111 ? 1_555 OE2 ? A GLU 62  ? A GLU 62  ? 1_555 83.2  ? 
15 OE1 ? A GLU 59  ? A GLU 59  ? 1_555 CA ? C CA . ? A CA 111 ? 1_555 OE2 ? A GLU 62  ? A GLU 62  ? 1_555 81.6  ? 
16 OD1 ? A ASP 51  ? A ASP 51  ? 1_555 CA ? C CA . ? A CA 111 ? 1_555 OE1 ? A GLU 62  ? A GLU 62  ? 1_555 103.0 ? 
17 OD1 ? A ASP 53  ? A ASP 53  ? 1_555 CA ? C CA . ? A CA 111 ? 1_555 OE1 ? A GLU 62  ? A GLU 62  ? 1_555 73.0  ? 
18 OG  ? A SER 55  ? A SER 55  ? 1_555 CA ? C CA . ? A CA 111 ? 1_555 OE1 ? A GLU 62  ? A GLU 62  ? 1_555 151.8 ? 
19 O   ? A PHE 57  ? A PHE 57  ? 1_555 CA ? C CA . ? A CA 111 ? 1_555 OE1 ? A GLU 62  ? A GLU 62  ? 1_555 134.4 ? 
20 OE1 ? A GLU 59  ? A GLU 59  ? 1_555 CA ? C CA . ? A CA 111 ? 1_555 OE1 ? A GLU 62  ? A GLU 62  ? 1_555 89.9  ? 
21 OE2 ? A GLU 62  ? A GLU 62  ? 1_555 CA ? C CA . ? A CA 111 ? 1_555 OE1 ? A GLU 62  ? A GLU 62  ? 1_555 51.3  ? 
22 OD2 ? A ASP 90  ? A ASP 90  ? 1_555 CA ? B CA . ? A CA 110 ? 1_555 OD1 ? A ASP 92  ? A ASP 92  ? 1_555 80.2  ? 
23 OD2 ? A ASP 90  ? A ASP 90  ? 1_555 CA ? B CA . ? A CA 110 ? 1_555 OD1 ? A ASP 94  ? A ASP 94  ? 1_555 88.8  ? 
24 OD1 ? A ASP 92  ? A ASP 92  ? 1_555 CA ? B CA . ? A CA 110 ? 1_555 OD1 ? A ASP 94  ? A ASP 94  ? 1_555 88.1  ? 
25 OD2 ? A ASP 90  ? A ASP 90  ? 1_555 CA ? B CA . ? A CA 110 ? 1_555 O   ? A MET 96  ? A MET 96  ? 1_555 85.7  ? 
26 OD1 ? A ASP 92  ? A ASP 92  ? 1_555 CA ? B CA . ? A CA 110 ? 1_555 O   ? A MET 96  ? A MET 96  ? 1_555 161.8 ? 
27 OD1 ? A ASP 94  ? A ASP 94  ? 1_555 CA ? B CA . ? A CA 110 ? 1_555 O   ? A MET 96  ? A MET 96  ? 1_555 80.3  ? 
28 OD2 ? A ASP 90  ? A ASP 90  ? 1_555 CA ? B CA . ? A CA 110 ? 1_555 OE2 ? A GLU 101 ? A GLU 101 ? 1_555 83.8  ? 
29 OD1 ? A ASP 92  ? A ASP 92  ? 1_555 CA ? B CA . ? A CA 110 ? 1_555 OE2 ? A GLU 101 ? A GLU 101 ? 1_555 70.9  ? 
30 OD1 ? A ASP 94  ? A ASP 94  ? 1_555 CA ? B CA . ? A CA 110 ? 1_555 OE2 ? A GLU 101 ? A GLU 101 ? 1_555 158.6 ? 
31 O   ? A MET 96  ? A MET 96  ? 1_555 CA ? B CA . ? A CA 110 ? 1_555 OE2 ? A GLU 101 ? A GLU 101 ? 1_555 118.9 ? 
32 OD2 ? A ASP 90  ? A ASP 90  ? 1_555 CA ? B CA . ? A CA 110 ? 1_555 OE1 ? A GLU 101 ? A GLU 101 ? 1_555 110.9 ? 
33 OD1 ? A ASP 92  ? A ASP 92  ? 1_555 CA ? B CA . ? A CA 110 ? 1_555 OE1 ? A GLU 101 ? A GLU 101 ? 1_555 115.5 ? 
34 OD1 ? A ASP 94  ? A ASP 94  ? 1_555 CA ? B CA . ? A CA 110 ? 1_555 OE1 ? A GLU 101 ? A GLU 101 ? 1_555 150.9 ? 
35 O   ? A MET 96  ? A MET 96  ? 1_555 CA ? B CA . ? A CA 110 ? 1_555 OE1 ? A GLU 101 ? A GLU 101 ? 1_555 80.2  ? 
36 OE2 ? A GLU 101 ? A GLU 101 ? 1_555 CA ? B CA . ? A CA 110 ? 1_555 OE1 ? A GLU 101 ? A GLU 101 ? 1_555 49.4  ? 
37 OD2 ? A ASP 90  ? A ASP 90  ? 1_555 CA ? B CA . ? A CA 110 ? 1_555 O   ? E HOH .   ? A HOH 246 ? 1_555 168.2 ? 
38 OD1 ? A ASP 92  ? A ASP 92  ? 1_555 CA ? B CA . ? A CA 110 ? 1_555 O   ? E HOH .   ? A HOH 246 ? 1_555 97.2  ? 
39 OD1 ? A ASP 94  ? A ASP 94  ? 1_555 CA ? B CA . ? A CA 110 ? 1_555 O   ? E HOH .   ? A HOH 246 ? 1_555 79.6  ? 
40 O   ? A MET 96  ? A MET 96  ? 1_555 CA ? B CA . ? A CA 110 ? 1_555 O   ? E HOH .   ? A HOH 246 ? 1_555 94.4  ? 
41 OE2 ? A GLU 101 ? A GLU 101 ? 1_555 CA ? B CA . ? A CA 110 ? 1_555 O   ? E HOH .   ? A HOH 246 ? 1_555 106.4 ? 
42 OE1 ? A GLU 101 ? A GLU 101 ? 1_555 CA ? B CA . ? A CA 110 ? 1_555 O   ? E HOH .   ? A HOH 246 ? 1_555 80.6  ? 
# 
_pdbx_modification_feature.ordinal                            1 
_pdbx_modification_feature.label_comp_id                      ACE 
_pdbx_modification_feature.label_asym_id                      A 
_pdbx_modification_feature.label_seq_id                       1 
_pdbx_modification_feature.label_alt_id                       ? 
_pdbx_modification_feature.modified_residue_label_comp_id     SER 
_pdbx_modification_feature.modified_residue_label_asym_id     A 
_pdbx_modification_feature.modified_residue_label_seq_id      2 
_pdbx_modification_feature.modified_residue_label_alt_id      ? 
_pdbx_modification_feature.auth_comp_id                       ACE 
_pdbx_modification_feature.auth_asym_id                       A 
_pdbx_modification_feature.auth_seq_id                        0 
_pdbx_modification_feature.PDB_ins_code                       ? 
_pdbx_modification_feature.symmetry                           1_555 
_pdbx_modification_feature.modified_residue_auth_comp_id      SER 
_pdbx_modification_feature.modified_residue_auth_asym_id      A 
_pdbx_modification_feature.modified_residue_auth_seq_id       1 
_pdbx_modification_feature.modified_residue_PDB_ins_code      ? 
_pdbx_modification_feature.modified_residue_symmetry          1_555 
_pdbx_modification_feature.comp_id_linking_atom               . 
_pdbx_modification_feature.modified_residue_id_linking_atom   . 
_pdbx_modification_feature.modified_residue_id                SER 
_pdbx_modification_feature.ref_pcm_id                         6 
_pdbx_modification_feature.ref_comp_id                        ACE 
_pdbx_modification_feature.type                               None 
_pdbx_modification_feature.category                           'Terminal acetylation' 
# 
_struct_sheet.id               A 
_struct_sheet.type             ? 
_struct_sheet.number_strands   2 
_struct_sheet.details          ? 
# 
_struct_sheet_order.sheet_id     A 
_struct_sheet_order.range_id_1   1 
_struct_sheet_order.range_id_2   2 
_struct_sheet_order.offset       ? 
_struct_sheet_order.sense        anti-parallel 
# 
loop_
_struct_sheet_range.sheet_id 
_struct_sheet_range.id 
_struct_sheet_range.beg_label_comp_id 
_struct_sheet_range.beg_label_asym_id 
_struct_sheet_range.beg_label_seq_id 
_struct_sheet_range.pdbx_beg_PDB_ins_code 
_struct_sheet_range.end_label_comp_id 
_struct_sheet_range.end_label_asym_id 
_struct_sheet_range.end_label_seq_id 
_struct_sheet_range.pdbx_end_PDB_ins_code 
_struct_sheet_range.beg_auth_comp_id 
_struct_sheet_range.beg_auth_asym_id 
_struct_sheet_range.beg_auth_seq_id 
_struct_sheet_range.end_auth_comp_id 
_struct_sheet_range.end_auth_asym_id 
_struct_sheet_range.end_auth_seq_id 
A 1 PHE A 57 ? ILE A 58 ? PHE A 57 ILE A 58 
A 2 ILE A 97 ? GLY A 98 ? ILE A 97 GLY A 98 
# 
_pdbx_struct_sheet_hbond.sheet_id                A 
_pdbx_struct_sheet_hbond.range_id_1              1 
_pdbx_struct_sheet_hbond.range_id_2              2 
_pdbx_struct_sheet_hbond.range_1_label_atom_id   N 
_pdbx_struct_sheet_hbond.range_1_label_comp_id   ILE 
_pdbx_struct_sheet_hbond.range_1_label_asym_id   A 
_pdbx_struct_sheet_hbond.range_1_label_seq_id    58 
_pdbx_struct_sheet_hbond.range_1_PDB_ins_code    ? 
_pdbx_struct_sheet_hbond.range_1_auth_atom_id    N 
_pdbx_struct_sheet_hbond.range_1_auth_comp_id    ILE 
_pdbx_struct_sheet_hbond.range_1_auth_asym_id    A 
_pdbx_struct_sheet_hbond.range_1_auth_seq_id     58 
_pdbx_struct_sheet_hbond.range_2_label_atom_id   O 
_pdbx_struct_sheet_hbond.range_2_label_comp_id   ILE 
_pdbx_struct_sheet_hbond.range_2_label_asym_id   A 
_pdbx_struct_sheet_hbond.range_2_label_seq_id    97 
_pdbx_struct_sheet_hbond.range_2_PDB_ins_code    ? 
_pdbx_struct_sheet_hbond.range_2_auth_atom_id    O 
_pdbx_struct_sheet_hbond.range_2_auth_comp_id    ILE 
_pdbx_struct_sheet_hbond.range_2_auth_asym_id    A 
_pdbx_struct_sheet_hbond.range_2_auth_seq_id     97 
# 
loop_
_struct_site.id 
_struct_site.pdbx_evidence_code 
_struct_site.pdbx_auth_asym_id 
_struct_site.pdbx_auth_comp_id 
_struct_site.pdbx_auth_seq_id 
_struct_site.pdbx_auth_ins_code 
_struct_site.pdbx_num_residues 
_struct_site.details 
CD  Author   ? ?   ?   ? 12 'RESIDUES FORMING THE SITE OCCUPIED BY CA 111' 
EF  Author   ? ?   ?   ? 12 'RESIDUES FORMING THE SITE OCCUPIED BY CA 110' 
AC1 Software A CA  110 ? 6  'BINDING SITE FOR RESIDUE CA A 110'            
AC2 Software A CA  111 ? 6  'BINDING SITE FOR RESIDUE CA A 111'            
AC3 Software A NH4 223 ? 3  'BINDING SITE FOR RESIDUE NH4 A 223'           
# 
loop_
_struct_site_gen.id 
_struct_site_gen.site_id 
_struct_site_gen.pdbx_num_res 
_struct_site_gen.label_comp_id 
_struct_site_gen.label_asym_id 
_struct_site_gen.label_seq_id 
_struct_site_gen.pdbx_auth_ins_code 
_struct_site_gen.auth_comp_id 
_struct_site_gen.auth_asym_id 
_struct_site_gen.auth_seq_id 
_struct_site_gen.label_atom_id 
_struct_site_gen.label_alt_id 
_struct_site_gen.symmetry 
_struct_site_gen.details 
1  CD  12 ASP A 51  ? ASP A 51  . ? 1_555 ? 
2  CD  12 GLN A 52  ? GLN A 52  . ? 1_555 ? 
3  CD  12 ASP A 53  ? ASP A 53  . ? 1_555 ? 
4  CD  12 LYS A 54  ? LYS A 54  . ? 1_555 ? 
5  CD  12 SER A 55  ? SER A 55  . ? 1_555 ? 
6  CD  12 GLY A 56  ? GLY A 56  . ? 1_555 ? 
7  CD  12 PHE A 57  ? PHE A 57  . ? 1_555 ? 
8  CD  12 ILE A 58  ? ILE A 58  . ? 1_555 ? 
9  CD  12 GLU A 59  ? GLU A 59  . ? 1_555 ? 
10 CD  12 GLU A 60  ? GLU A 60  . ? 1_555 ? 
11 CD  12 ASP A 61  ? ASP A 61  . ? 1_555 ? 
12 CD  12 GLU A 62  ? GLU A 62  . ? 1_555 ? 
13 EF  12 ASP A 90  ? ASP A 90  . ? 1_555 ? 
14 EF  12 LYS A 91  ? LYS A 91  . ? 1_555 ? 
15 EF  12 ASP A 92  ? ASP A 92  . ? 1_555 ? 
16 EF  12 GLY A 93  ? GLY A 93  . ? 1_555 ? 
17 EF  12 ASP A 94  ? ASP A 94  . ? 1_555 ? 
18 EF  12 GLY A 95  ? GLY A 95  . ? 1_555 ? 
19 EF  12 MET A 96  ? MET A 96  . ? 1_555 ? 
20 EF  12 ILE A 97  ? ILE A 97  . ? 1_555 ? 
21 EF  12 GLY A 98  ? GLY A 98  . ? 1_555 ? 
22 EF  12 VAL A 99  ? VAL A 99  . ? 1_555 ? 
23 EF  12 ASP A 100 ? ASP A 100 . ? 1_555 ? 
24 EF  12 GLU A 101 ? GLU A 101 . ? 1_555 ? 
25 AC1 6  ASP A 90  ? ASP A 90  . ? 1_555 ? 
26 AC1 6  ASP A 92  ? ASP A 92  . ? 1_555 ? 
27 AC1 6  ASP A 94  ? ASP A 94  . ? 1_555 ? 
28 AC1 6  MET A 96  ? MET A 96  . ? 1_555 ? 
29 AC1 6  GLU A 101 ? GLU A 101 . ? 1_555 ? 
30 AC1 6  HOH E .   ? HOH A 246 . ? 1_555 ? 
31 AC2 6  ASP A 51  ? ASP A 51  . ? 1_555 ? 
32 AC2 6  ASP A 53  ? ASP A 53  . ? 1_555 ? 
33 AC2 6  SER A 55  ? SER A 55  . ? 1_555 ? 
34 AC2 6  PHE A 57  ? PHE A 57  . ? 1_555 ? 
35 AC2 6  GLU A 59  ? GLU A 59  . ? 1_555 ? 
36 AC2 6  GLU A 62  ? GLU A 62  . ? 1_555 ? 
37 AC3 3  ASP A 53  ? ASP A 53  . ? 1_555 ? 
38 AC3 3  GLU A 59  ? GLU A 59  . ? 1_555 ? 
39 AC3 3  ASP A 61  ? ASP A 61  . ? 1_555 ? 
# 
_pdbx_entry_details.entry_id                   1PAL 
_pdbx_entry_details.compound_details           ? 
_pdbx_entry_details.source_details             ? 
_pdbx_entry_details.nonpolymer_details         ? 
_pdbx_entry_details.sequence_details           ? 
_pdbx_entry_details.has_ligand_of_interest     ? 
_pdbx_entry_details.has_protein_modification   Y 
# 
_pdbx_validate_rmsd_bond.id                        1 
_pdbx_validate_rmsd_bond.PDB_model_num             1 
_pdbx_validate_rmsd_bond.auth_atom_id_1            N 
_pdbx_validate_rmsd_bond.auth_asym_id_1            A 
_pdbx_validate_rmsd_bond.auth_comp_id_1            GLY 
_pdbx_validate_rmsd_bond.auth_seq_id_1             56 
_pdbx_validate_rmsd_bond.PDB_ins_code_1            ? 
_pdbx_validate_rmsd_bond.label_alt_id_1            ? 
_pdbx_validate_rmsd_bond.auth_atom_id_2            CA 
_pdbx_validate_rmsd_bond.auth_asym_id_2            A 
_pdbx_validate_rmsd_bond.auth_comp_id_2            GLY 
_pdbx_validate_rmsd_bond.auth_seq_id_2             56 
_pdbx_validate_rmsd_bond.PDB_ins_code_2            ? 
_pdbx_validate_rmsd_bond.label_alt_id_2            ? 
_pdbx_validate_rmsd_bond.bond_value                1.364 
_pdbx_validate_rmsd_bond.bond_target_value         1.456 
_pdbx_validate_rmsd_bond.bond_deviation            -0.092 
_pdbx_validate_rmsd_bond.bond_standard_deviation   0.015 
_pdbx_validate_rmsd_bond.linker_flag               N 
# 
loop_
_pdbx_validate_rmsd_angle.id 
_pdbx_validate_rmsd_angle.PDB_model_num 
_pdbx_validate_rmsd_angle.auth_atom_id_1 
_pdbx_validate_rmsd_angle.auth_asym_id_1 
_pdbx_validate_rmsd_angle.auth_comp_id_1 
_pdbx_validate_rmsd_angle.auth_seq_id_1 
_pdbx_validate_rmsd_angle.PDB_ins_code_1 
_pdbx_validate_rmsd_angle.label_alt_id_1 
_pdbx_validate_rmsd_angle.auth_atom_id_2 
_pdbx_validate_rmsd_angle.auth_asym_id_2 
_pdbx_validate_rmsd_angle.auth_comp_id_2 
_pdbx_validate_rmsd_angle.auth_seq_id_2 
_pdbx_validate_rmsd_angle.PDB_ins_code_2 
_pdbx_validate_rmsd_angle.label_alt_id_2 
_pdbx_validate_rmsd_angle.auth_atom_id_3 
_pdbx_validate_rmsd_angle.auth_asym_id_3 
_pdbx_validate_rmsd_angle.auth_comp_id_3 
_pdbx_validate_rmsd_angle.auth_seq_id_3 
_pdbx_validate_rmsd_angle.PDB_ins_code_3 
_pdbx_validate_rmsd_angle.label_alt_id_3 
_pdbx_validate_rmsd_angle.angle_value 
_pdbx_validate_rmsd_angle.angle_target_value 
_pdbx_validate_rmsd_angle.angle_deviation 
_pdbx_validate_rmsd_angle.angle_standard_deviation 
_pdbx_validate_rmsd_angle.linker_flag 
1  1 O   A ACE 0   ? ? C   A ACE 0   ? ? N   A SER 1   ? ? 108.08 122.70 -14.62 1.60 Y 
2  1 O   A SER 1   ? ? C   A SER 1   ? ? N   A PHE 2   ? ? 133.49 122.70 10.79  1.60 Y 
3  1 CB  A ASP 8   ? ? CG  A ASP 8   ? ? OD1 A ASP 8   ? ? 128.36 118.30 10.06  0.90 N 
4  1 CB  A ASP 8   ? ? CG  A ASP 8   ? ? OD2 A ASP 8   ? ? 112.70 118.30 -5.60  0.90 N 
5  1 CA  A ASP 8   ? ? C   A ASP 8   ? ? O   A ASP 8   ? ? 134.54 120.10 14.44  2.10 N 
6  1 O   A ASP 8   ? ? C   A ASP 8   ? ? N   A ALA 9   ? ? 111.45 122.70 -11.25 1.60 Y 
7  1 CB  A ASP 10  ? ? CG  A ASP 10  ? ? OD2 A ASP 10  ? ? 124.61 118.30 6.31   0.90 N 
8  1 O   A LEU 15  ? ? C   A LEU 15  ? ? N   A ALA 16  ? ? 137.23 122.70 14.53  1.60 Y 
9  1 O   A ALA 20  ? ? C   A ALA 20  ? ? N   A ALA 21  ? ? 135.13 122.70 12.43  1.60 Y 
10 1 CB  A ASP 22  ? ? CG  A ASP 22  ? ? OD2 A ASP 22  ? ? 109.21 118.30 -9.09  0.90 N 
11 1 CB  A SER 23  ? ? CA  A SER 23  ? ? C   A SER 23  ? ? 97.53  110.10 -12.57 1.90 N 
12 1 O   A LYS 25  ? ? C   A LYS 25  ? ? N   A HIS 26  ? ? 133.17 122.70 10.47  1.60 Y 
13 1 CB  A LYS 27  ? ? CA  A LYS 27  ? ? C   A LYS 27  ? ? 124.96 110.40 14.56  2.00 N 
14 1 CB  A PHE 29  ? ? CG  A PHE 29  ? ? CD2 A PHE 29  ? ? 116.19 120.80 -4.61  0.70 N 
15 1 O   A PHE 29  ? ? C   A PHE 29  ? ? N   A PHE 30  ? ? 132.40 122.70 9.70   1.60 Y 
16 1 CB  A PHE 30  ? ? CG  A PHE 30  ? ? CD1 A PHE 30  ? ? 116.04 120.80 -4.76  0.70 N 
17 1 CZ  A PHE 30  ? ? CE2 A PHE 30  ? ? CD2 A PHE 30  ? ? 112.06 120.10 -8.04  1.20 N 
18 1 CB  A LEU 35  ? ? CA  A LEU 35  ? ? C   A LEU 35  ? ? 122.58 110.20 12.38  1.90 N 
19 1 CB  A LEU 40  ? ? CA  A LEU 40  ? ? C   A LEU 40  ? ? 128.10 110.20 17.90  1.90 N 
20 1 CB  A ASP 41  ? ? CG  A ASP 41  ? ? OD1 A ASP 41  ? ? 127.08 118.30 8.78   0.90 N 
21 1 CB  A ASP 41  ? ? CG  A ASP 41  ? ? OD2 A ASP 41  ? ? 111.17 118.30 -7.13  0.90 N 
22 1 CB  A VAL 43  ? ? CA  A VAL 43  ? ? C   A VAL 43  ? ? 123.34 111.40 11.94  1.90 N 
23 1 CB  A TYR 48  ? ? CG  A TYR 48  ? ? CD1 A TYR 48  ? ? 113.15 121.00 -7.85  0.60 N 
24 1 CD1 A TYR 48  ? ? CE1 A TYR 48  ? ? CZ  A TYR 48  ? ? 112.73 119.80 -7.07  0.90 N 
25 1 O   A ASP 51  ? ? C   A ASP 51  ? ? N   A GLN 52  ? ? 112.84 122.70 -9.86  1.60 Y 
26 1 O   A GLN 52  ? ? C   A GLN 52  ? ? N   A ASP 53  ? ? 133.61 122.70 10.91  1.60 Y 
27 1 O   A SER 55  ? ? C   A SER 55  ? ? N   A GLY 56  ? ? 104.73 123.20 -18.47 1.70 Y 
28 1 C   A SER 55  ? ? N   A GLY 56  ? ? CA  A GLY 56  ? ? 136.96 122.30 14.66  2.10 Y 
29 1 CB  A PHE 57  ? ? CG  A PHE 57  ? ? CD2 A PHE 57  ? ? 114.64 120.80 -6.16  0.70 N 
30 1 CB  A PHE 57  ? ? CG  A PHE 57  ? ? CD1 A PHE 57  ? ? 127.87 120.80 7.07   0.70 N 
31 1 O   A PHE 57  ? ? C   A PHE 57  ? ? N   A ILE 58  ? ? 134.97 122.70 12.27  1.60 Y 
32 1 C   A ILE 58  ? ? N   A GLU 59  ? ? CA  A GLU 59  ? ? 137.85 121.70 16.15  2.50 Y 
33 1 N   A GLU 59  ? ? CA  A GLU 59  ? ? CB  A GLU 59  ? ? 122.67 110.60 12.07  1.80 N 
34 1 O   A GLU 59  ? ? C   A GLU 59  ? ? N   A GLU 60  ? ? 135.01 122.70 12.31  1.60 Y 
35 1 CB  A LYS 64  ? ? CA  A LYS 64  ? ? C   A LYS 64  ? ? 124.63 110.40 14.23  2.00 N 
36 1 CZ  A PHE 66  ? ? CE2 A PHE 66  ? ? CD2 A PHE 66  ? ? 127.88 120.10 7.78   1.20 N 
37 1 CB  A PHE 70  ? ? CG  A PHE 70  ? ? CD2 A PHE 70  ? ? 113.53 120.80 -7.27  0.70 N 
38 1 CD1 A PHE 70  ? ? CG  A PHE 70  ? ? CD2 A PHE 70  ? ? 128.16 118.30 9.86   1.30 N 
39 1 CD  A ARG 75  ? ? NE  A ARG 75  ? ? CZ  A ARG 75  ? ? 133.98 123.60 10.38  1.40 N 
40 1 NE  A ARG 75  ? ? CZ  A ARG 75  ? ? NH2 A ARG 75  ? ? 115.76 120.30 -4.54  0.50 N 
41 1 N   A ALA 76  ? ? CA  A ALA 76  ? ? CB  A ALA 76  ? ? 119.65 110.10 9.55   1.40 N 
42 1 CA  A THR 78  ? ? CB  A THR 78  ? ? CG2 A THR 78  ? ? 128.33 112.40 15.93  1.40 N 
43 1 OE1 A GLU 81  ? ? CD  A GLU 81  ? ? OE2 A GLU 81  ? ? 131.54 123.30 8.24   1.20 N 
44 1 O   A GLU 81  ? ? C   A GLU 81  ? ? N   A THR 82  ? ? 137.11 122.70 14.41  1.60 Y 
45 1 CB  A ASP 88  ? ? CG  A ASP 88  ? ? OD1 A ASP 88  ? ? 126.20 118.30 7.90   0.90 N 
46 1 O   A GLY 89  ? ? C   A GLY 89  ? ? N   A ASP 90  ? ? 135.31 122.70 12.61  1.60 Y 
47 1 CB  A ASP 90  ? ? CG  A ASP 90  ? ? OD2 A ASP 90  ? ? 105.93 118.30 -12.37 0.90 N 
48 1 CA  A VAL 99  ? ? CB  A VAL 99  ? ? CG2 A VAL 99  ? ? 124.53 110.90 13.63  1.50 N 
49 1 O   A ASP 100 ? ? C   A ASP 100 ? ? N   A GLU 101 ? ? 134.98 122.70 12.28  1.60 Y 
50 1 OE1 A GLU 101 ? ? CD  A GLU 101 ? ? OE2 A GLU 101 ? ? 100.87 123.30 -22.43 1.20 N 
51 1 CG  A GLU 101 ? ? CD  A GLU 101 ? ? OE2 A GLU 101 ? ? 144.24 118.30 25.94  2.00 N 
52 1 CG  A PHE 102 ? ? CD1 A PHE 102 ? ? CE1 A PHE 102 ? ? 128.59 120.80 7.79   1.10 N 
53 1 CA  A ILE 106 ? ? CB  A ILE 106 ? ? CG1 A ILE 106 ? ? 98.90  111.00 -12.10 1.90 N 
# 
_pdbx_validate_torsion.id              1 
_pdbx_validate_torsion.PDB_model_num   1 
_pdbx_validate_torsion.auth_comp_id    SER 
_pdbx_validate_torsion.auth_asym_id    A 
_pdbx_validate_torsion.auth_seq_id     71 
_pdbx_validate_torsion.PDB_ins_code    ? 
_pdbx_validate_torsion.label_alt_id    ? 
_pdbx_validate_torsion.phi             -161.86 
_pdbx_validate_torsion.psi             115.41 
# 
loop_
_pdbx_struct_special_symmetry.id 
_pdbx_struct_special_symmetry.PDB_model_num 
_pdbx_struct_special_symmetry.auth_asym_id 
_pdbx_struct_special_symmetry.auth_comp_id 
_pdbx_struct_special_symmetry.auth_seq_id 
_pdbx_struct_special_symmetry.PDB_ins_code 
_pdbx_struct_special_symmetry.label_asym_id 
_pdbx_struct_special_symmetry.label_comp_id 
_pdbx_struct_special_symmetry.label_seq_id 
1 1 A HOH 224 ? E HOH . 
2 1 A HOH 257 ? E HOH . 
# 
loop_
_chem_comp_atom.comp_id 
_chem_comp_atom.atom_id 
_chem_comp_atom.type_symbol 
_chem_comp_atom.pdbx_aromatic_flag 
_chem_comp_atom.pdbx_stereo_config 
_chem_comp_atom.pdbx_ordinal 
ACE C    C  N N 1   
ACE O    O  N N 2   
ACE CH3  C  N N 3   
ACE H    H  N N 4   
ACE H1   H  N N 5   
ACE H2   H  N N 6   
ACE H3   H  N N 7   
ALA N    N  N N 8   
ALA CA   C  N S 9   
ALA C    C  N N 10  
ALA O    O  N N 11  
ALA CB   C  N N 12  
ALA OXT  O  N N 13  
ALA H    H  N N 14  
ALA H2   H  N N 15  
ALA HA   H  N N 16  
ALA HB1  H  N N 17  
ALA HB2  H  N N 18  
ALA HB3  H  N N 19  
ALA HXT  H  N N 20  
ARG N    N  N N 21  
ARG CA   C  N S 22  
ARG C    C  N N 23  
ARG O    O  N N 24  
ARG CB   C  N N 25  
ARG CG   C  N N 26  
ARG CD   C  N N 27  
ARG NE   N  N N 28  
ARG CZ   C  N N 29  
ARG NH1  N  N N 30  
ARG NH2  N  N N 31  
ARG OXT  O  N N 32  
ARG H    H  N N 33  
ARG H2   H  N N 34  
ARG HA   H  N N 35  
ARG HB2  H  N N 36  
ARG HB3  H  N N 37  
ARG HG2  H  N N 38  
ARG HG3  H  N N 39  
ARG HD2  H  N N 40  
ARG HD3  H  N N 41  
ARG HE   H  N N 42  
ARG HH11 H  N N 43  
ARG HH12 H  N N 44  
ARG HH21 H  N N 45  
ARG HH22 H  N N 46  
ARG HXT  H  N N 47  
ASN N    N  N N 48  
ASN CA   C  N S 49  
ASN C    C  N N 50  
ASN O    O  N N 51  
ASN CB   C  N N 52  
ASN CG   C  N N 53  
ASN OD1  O  N N 54  
ASN ND2  N  N N 55  
ASN OXT  O  N N 56  
ASN H    H  N N 57  
ASN H2   H  N N 58  
ASN HA   H  N N 59  
ASN HB2  H  N N 60  
ASN HB3  H  N N 61  
ASN HD21 H  N N 62  
ASN HD22 H  N N 63  
ASN HXT  H  N N 64  
ASP N    N  N N 65  
ASP CA   C  N S 66  
ASP C    C  N N 67  
ASP O    O  N N 68  
ASP CB   C  N N 69  
ASP CG   C  N N 70  
ASP OD1  O  N N 71  
ASP OD2  O  N N 72  
ASP OXT  O  N N 73  
ASP H    H  N N 74  
ASP H2   H  N N 75  
ASP HA   H  N N 76  
ASP HB2  H  N N 77  
ASP HB3  H  N N 78  
ASP HD2  H  N N 79  
ASP HXT  H  N N 80  
CA  CA   CA N N 81  
CYS N    N  N N 82  
CYS CA   C  N R 83  
CYS C    C  N N 84  
CYS O    O  N N 85  
CYS CB   C  N N 86  
CYS SG   S  N N 87  
CYS OXT  O  N N 88  
CYS H    H  N N 89  
CYS H2   H  N N 90  
CYS HA   H  N N 91  
CYS HB2  H  N N 92  
CYS HB3  H  N N 93  
CYS HG   H  N N 94  
CYS HXT  H  N N 95  
GLN N    N  N N 96  
GLN CA   C  N S 97  
GLN C    C  N N 98  
GLN O    O  N N 99  
GLN CB   C  N N 100 
GLN CG   C  N N 101 
GLN CD   C  N N 102 
GLN OE1  O  N N 103 
GLN NE2  N  N N 104 
GLN OXT  O  N N 105 
GLN H    H  N N 106 
GLN H2   H  N N 107 
GLN HA   H  N N 108 
GLN HB2  H  N N 109 
GLN HB3  H  N N 110 
GLN HG2  H  N N 111 
GLN HG3  H  N N 112 
GLN HE21 H  N N 113 
GLN HE22 H  N N 114 
GLN HXT  H  N N 115 
GLU N    N  N N 116 
GLU CA   C  N S 117 
GLU C    C  N N 118 
GLU O    O  N N 119 
GLU CB   C  N N 120 
GLU CG   C  N N 121 
GLU CD   C  N N 122 
GLU OE1  O  N N 123 
GLU OE2  O  N N 124 
GLU OXT  O  N N 125 
GLU H    H  N N 126 
GLU H2   H  N N 127 
GLU HA   H  N N 128 
GLU HB2  H  N N 129 
GLU HB3  H  N N 130 
GLU HG2  H  N N 131 
GLU HG3  H  N N 132 
GLU HE2  H  N N 133 
GLU HXT  H  N N 134 
GLY N    N  N N 135 
GLY CA   C  N N 136 
GLY C    C  N N 137 
GLY O    O  N N 138 
GLY OXT  O  N N 139 
GLY H    H  N N 140 
GLY H2   H  N N 141 
GLY HA2  H  N N 142 
GLY HA3  H  N N 143 
GLY HXT  H  N N 144 
HIS N    N  N N 145 
HIS CA   C  N S 146 
HIS C    C  N N 147 
HIS O    O  N N 148 
HIS CB   C  N N 149 
HIS CG   C  Y N 150 
HIS ND1  N  Y N 151 
HIS CD2  C  Y N 152 
HIS CE1  C  Y N 153 
HIS NE2  N  Y N 154 
HIS OXT  O  N N 155 
HIS H    H  N N 156 
HIS H2   H  N N 157 
HIS HA   H  N N 158 
HIS HB2  H  N N 159 
HIS HB3  H  N N 160 
HIS HD1  H  N N 161 
HIS HD2  H  N N 162 
HIS HE1  H  N N 163 
HIS HE2  H  N N 164 
HIS HXT  H  N N 165 
HOH O    O  N N 166 
HOH H1   H  N N 167 
HOH H2   H  N N 168 
ILE N    N  N N 169 
ILE CA   C  N S 170 
ILE C    C  N N 171 
ILE O    O  N N 172 
ILE CB   C  N S 173 
ILE CG1  C  N N 174 
ILE CG2  C  N N 175 
ILE CD1  C  N N 176 
ILE OXT  O  N N 177 
ILE H    H  N N 178 
ILE H2   H  N N 179 
ILE HA   H  N N 180 
ILE HB   H  N N 181 
ILE HG12 H  N N 182 
ILE HG13 H  N N 183 
ILE HG21 H  N N 184 
ILE HG22 H  N N 185 
ILE HG23 H  N N 186 
ILE HD11 H  N N 187 
ILE HD12 H  N N 188 
ILE HD13 H  N N 189 
ILE HXT  H  N N 190 
LEU N    N  N N 191 
LEU CA   C  N S 192 
LEU C    C  N N 193 
LEU O    O  N N 194 
LEU CB   C  N N 195 
LEU CG   C  N N 196 
LEU CD1  C  N N 197 
LEU CD2  C  N N 198 
LEU OXT  O  N N 199 
LEU H    H  N N 200 
LEU H2   H  N N 201 
LEU HA   H  N N 202 
LEU HB2  H  N N 203 
LEU HB3  H  N N 204 
LEU HG   H  N N 205 
LEU HD11 H  N N 206 
LEU HD12 H  N N 207 
LEU HD13 H  N N 208 
LEU HD21 H  N N 209 
LEU HD22 H  N N 210 
LEU HD23 H  N N 211 
LEU HXT  H  N N 212 
LYS N    N  N N 213 
LYS CA   C  N S 214 
LYS C    C  N N 215 
LYS O    O  N N 216 
LYS CB   C  N N 217 
LYS CG   C  N N 218 
LYS CD   C  N N 219 
LYS CE   C  N N 220 
LYS NZ   N  N N 221 
LYS OXT  O  N N 222 
LYS H    H  N N 223 
LYS H2   H  N N 224 
LYS HA   H  N N 225 
LYS HB2  H  N N 226 
LYS HB3  H  N N 227 
LYS HG2  H  N N 228 
LYS HG3  H  N N 229 
LYS HD2  H  N N 230 
LYS HD3  H  N N 231 
LYS HE2  H  N N 232 
LYS HE3  H  N N 233 
LYS HZ1  H  N N 234 
LYS HZ2  H  N N 235 
LYS HZ3  H  N N 236 
LYS HXT  H  N N 237 
MET N    N  N N 238 
MET CA   C  N S 239 
MET C    C  N N 240 
MET O    O  N N 241 
MET CB   C  N N 242 
MET CG   C  N N 243 
MET SD   S  N N 244 
MET CE   C  N N 245 
MET OXT  O  N N 246 
MET H    H  N N 247 
MET H2   H  N N 248 
MET HA   H  N N 249 
MET HB2  H  N N 250 
MET HB3  H  N N 251 
MET HG2  H  N N 252 
MET HG3  H  N N 253 
MET HE1  H  N N 254 
MET HE2  H  N N 255 
MET HE3  H  N N 256 
MET HXT  H  N N 257 
NH4 N    N  N N 258 
NH4 HN1  H  N N 259 
NH4 HN2  H  N N 260 
NH4 HN3  H  N N 261 
NH4 HN4  H  N N 262 
PHE N    N  N N 263 
PHE CA   C  N S 264 
PHE C    C  N N 265 
PHE O    O  N N 266 
PHE CB   C  N N 267 
PHE CG   C  Y N 268 
PHE CD1  C  Y N 269 
PHE CD2  C  Y N 270 
PHE CE1  C  Y N 271 
PHE CE2  C  Y N 272 
PHE CZ   C  Y N 273 
PHE OXT  O  N N 274 
PHE H    H  N N 275 
PHE H2   H  N N 276 
PHE HA   H  N N 277 
PHE HB2  H  N N 278 
PHE HB3  H  N N 279 
PHE HD1  H  N N 280 
PHE HD2  H  N N 281 
PHE HE1  H  N N 282 
PHE HE2  H  N N 283 
PHE HZ   H  N N 284 
PHE HXT  H  N N 285 
PRO N    N  N N 286 
PRO CA   C  N S 287 
PRO C    C  N N 288 
PRO O    O  N N 289 
PRO CB   C  N N 290 
PRO CG   C  N N 291 
PRO CD   C  N N 292 
PRO OXT  O  N N 293 
PRO H    H  N N 294 
PRO HA   H  N N 295 
PRO HB2  H  N N 296 
PRO HB3  H  N N 297 
PRO HG2  H  N N 298 
PRO HG3  H  N N 299 
PRO HD2  H  N N 300 
PRO HD3  H  N N 301 
PRO HXT  H  N N 302 
SER N    N  N N 303 
SER CA   C  N S 304 
SER C    C  N N 305 
SER O    O  N N 306 
SER CB   C  N N 307 
SER OG   O  N N 308 
SER OXT  O  N N 309 
SER H    H  N N 310 
SER H2   H  N N 311 
SER HA   H  N N 312 
SER HB2  H  N N 313 
SER HB3  H  N N 314 
SER HG   H  N N 315 
SER HXT  H  N N 316 
THR N    N  N N 317 
THR CA   C  N S 318 
THR C    C  N N 319 
THR O    O  N N 320 
THR CB   C  N R 321 
THR OG1  O  N N 322 
THR CG2  C  N N 323 
THR OXT  O  N N 324 
THR H    H  N N 325 
THR H2   H  N N 326 
THR HA   H  N N 327 
THR HB   H  N N 328 
THR HG1  H  N N 329 
THR HG21 H  N N 330 
THR HG22 H  N N 331 
THR HG23 H  N N 332 
THR HXT  H  N N 333 
TYR N    N  N N 334 
TYR CA   C  N S 335 
TYR C    C  N N 336 
TYR O    O  N N 337 
TYR CB   C  N N 338 
TYR CG   C  Y N 339 
TYR CD1  C  Y N 340 
TYR CD2  C  Y N 341 
TYR CE1  C  Y N 342 
TYR CE2  C  Y N 343 
TYR CZ   C  Y N 344 
TYR OH   O  N N 345 
TYR OXT  O  N N 346 
TYR H    H  N N 347 
TYR H2   H  N N 348 
TYR HA   H  N N 349 
TYR HB2  H  N N 350 
TYR HB3  H  N N 351 
TYR HD1  H  N N 352 
TYR HD2  H  N N 353 
TYR HE1  H  N N 354 
TYR HE2  H  N N 355 
TYR HH   H  N N 356 
TYR HXT  H  N N 357 
VAL N    N  N N 358 
VAL CA   C  N S 359 
VAL C    C  N N 360 
VAL O    O  N N 361 
VAL CB   C  N N 362 
VAL CG1  C  N N 363 
VAL CG2  C  N N 364 
VAL OXT  O  N N 365 
VAL H    H  N N 366 
VAL H2   H  N N 367 
VAL HA   H  N N 368 
VAL HB   H  N N 369 
VAL HG11 H  N N 370 
VAL HG12 H  N N 371 
VAL HG13 H  N N 372 
VAL HG21 H  N N 373 
VAL HG22 H  N N 374 
VAL HG23 H  N N 375 
VAL HXT  H  N N 376 
# 
loop_
_chem_comp_bond.comp_id 
_chem_comp_bond.atom_id_1 
_chem_comp_bond.atom_id_2 
_chem_comp_bond.value_order 
_chem_comp_bond.pdbx_aromatic_flag 
_chem_comp_bond.pdbx_stereo_config 
_chem_comp_bond.pdbx_ordinal 
ACE C   O    doub N N 1   
ACE C   CH3  sing N N 2   
ACE C   H    sing N N 3   
ACE CH3 H1   sing N N 4   
ACE CH3 H2   sing N N 5   
ACE CH3 H3   sing N N 6   
ALA N   CA   sing N N 7   
ALA N   H    sing N N 8   
ALA N   H2   sing N N 9   
ALA CA  C    sing N N 10  
ALA CA  CB   sing N N 11  
ALA CA  HA   sing N N 12  
ALA C   O    doub N N 13  
ALA C   OXT  sing N N 14  
ALA CB  HB1  sing N N 15  
ALA CB  HB2  sing N N 16  
ALA CB  HB3  sing N N 17  
ALA OXT HXT  sing N N 18  
ARG N   CA   sing N N 19  
ARG N   H    sing N N 20  
ARG N   H2   sing N N 21  
ARG CA  C    sing N N 22  
ARG CA  CB   sing N N 23  
ARG CA  HA   sing N N 24  
ARG C   O    doub N N 25  
ARG C   OXT  sing N N 26  
ARG CB  CG   sing N N 27  
ARG CB  HB2  sing N N 28  
ARG CB  HB3  sing N N 29  
ARG CG  CD   sing N N 30  
ARG CG  HG2  sing N N 31  
ARG CG  HG3  sing N N 32  
ARG CD  NE   sing N N 33  
ARG CD  HD2  sing N N 34  
ARG CD  HD3  sing N N 35  
ARG NE  CZ   sing N N 36  
ARG NE  HE   sing N N 37  
ARG CZ  NH1  sing N N 38  
ARG CZ  NH2  doub N N 39  
ARG NH1 HH11 sing N N 40  
ARG NH1 HH12 sing N N 41  
ARG NH2 HH21 sing N N 42  
ARG NH2 HH22 sing N N 43  
ARG OXT HXT  sing N N 44  
ASN N   CA   sing N N 45  
ASN N   H    sing N N 46  
ASN N   H2   sing N N 47  
ASN CA  C    sing N N 48  
ASN CA  CB   sing N N 49  
ASN CA  HA   sing N N 50  
ASN C   O    doub N N 51  
ASN C   OXT  sing N N 52  
ASN CB  CG   sing N N 53  
ASN CB  HB2  sing N N 54  
ASN CB  HB3  sing N N 55  
ASN CG  OD1  doub N N 56  
ASN CG  ND2  sing N N 57  
ASN ND2 HD21 sing N N 58  
ASN ND2 HD22 sing N N 59  
ASN OXT HXT  sing N N 60  
ASP N   CA   sing N N 61  
ASP N   H    sing N N 62  
ASP N   H2   sing N N 63  
ASP CA  C    sing N N 64  
ASP CA  CB   sing N N 65  
ASP CA  HA   sing N N 66  
ASP C   O    doub N N 67  
ASP C   OXT  sing N N 68  
ASP CB  CG   sing N N 69  
ASP CB  HB2  sing N N 70  
ASP CB  HB3  sing N N 71  
ASP CG  OD1  doub N N 72  
ASP CG  OD2  sing N N 73  
ASP OD2 HD2  sing N N 74  
ASP OXT HXT  sing N N 75  
CYS N   CA   sing N N 76  
CYS N   H    sing N N 77  
CYS N   H2   sing N N 78  
CYS CA  C    sing N N 79  
CYS CA  CB   sing N N 80  
CYS CA  HA   sing N N 81  
CYS C   O    doub N N 82  
CYS C   OXT  sing N N 83  
CYS CB  SG   sing N N 84  
CYS CB  HB2  sing N N 85  
CYS CB  HB3  sing N N 86  
CYS SG  HG   sing N N 87  
CYS OXT HXT  sing N N 88  
GLN N   CA   sing N N 89  
GLN N   H    sing N N 90  
GLN N   H2   sing N N 91  
GLN CA  C    sing N N 92  
GLN CA  CB   sing N N 93  
GLN CA  HA   sing N N 94  
GLN C   O    doub N N 95  
GLN C   OXT  sing N N 96  
GLN CB  CG   sing N N 97  
GLN CB  HB2  sing N N 98  
GLN CB  HB3  sing N N 99  
GLN CG  CD   sing N N 100 
GLN CG  HG2  sing N N 101 
GLN CG  HG3  sing N N 102 
GLN CD  OE1  doub N N 103 
GLN CD  NE2  sing N N 104 
GLN NE2 HE21 sing N N 105 
GLN NE2 HE22 sing N N 106 
GLN OXT HXT  sing N N 107 
GLU N   CA   sing N N 108 
GLU N   H    sing N N 109 
GLU N   H2   sing N N 110 
GLU CA  C    sing N N 111 
GLU CA  CB   sing N N 112 
GLU CA  HA   sing N N 113 
GLU C   O    doub N N 114 
GLU C   OXT  sing N N 115 
GLU CB  CG   sing N N 116 
GLU CB  HB2  sing N N 117 
GLU CB  HB3  sing N N 118 
GLU CG  CD   sing N N 119 
GLU CG  HG2  sing N N 120 
GLU CG  HG3  sing N N 121 
GLU CD  OE1  doub N N 122 
GLU CD  OE2  sing N N 123 
GLU OE2 HE2  sing N N 124 
GLU OXT HXT  sing N N 125 
GLY N   CA   sing N N 126 
GLY N   H    sing N N 127 
GLY N   H2   sing N N 128 
GLY CA  C    sing N N 129 
GLY CA  HA2  sing N N 130 
GLY CA  HA3  sing N N 131 
GLY C   O    doub N N 132 
GLY C   OXT  sing N N 133 
GLY OXT HXT  sing N N 134 
HIS N   CA   sing N N 135 
HIS N   H    sing N N 136 
HIS N   H2   sing N N 137 
HIS CA  C    sing N N 138 
HIS CA  CB   sing N N 139 
HIS CA  HA   sing N N 140 
HIS C   O    doub N N 141 
HIS C   OXT  sing N N 142 
HIS CB  CG   sing N N 143 
HIS CB  HB2  sing N N 144 
HIS CB  HB3  sing N N 145 
HIS CG  ND1  sing Y N 146 
HIS CG  CD2  doub Y N 147 
HIS ND1 CE1  doub Y N 148 
HIS ND1 HD1  sing N N 149 
HIS CD2 NE2  sing Y N 150 
HIS CD2 HD2  sing N N 151 
HIS CE1 NE2  sing Y N 152 
HIS CE1 HE1  sing N N 153 
HIS NE2 HE2  sing N N 154 
HIS OXT HXT  sing N N 155 
HOH O   H1   sing N N 156 
HOH O   H2   sing N N 157 
ILE N   CA   sing N N 158 
ILE N   H    sing N N 159 
ILE N   H2   sing N N 160 
ILE CA  C    sing N N 161 
ILE CA  CB   sing N N 162 
ILE CA  HA   sing N N 163 
ILE C   O    doub N N 164 
ILE C   OXT  sing N N 165 
ILE CB  CG1  sing N N 166 
ILE CB  CG2  sing N N 167 
ILE CB  HB   sing N N 168 
ILE CG1 CD1  sing N N 169 
ILE CG1 HG12 sing N N 170 
ILE CG1 HG13 sing N N 171 
ILE CG2 HG21 sing N N 172 
ILE CG2 HG22 sing N N 173 
ILE CG2 HG23 sing N N 174 
ILE CD1 HD11 sing N N 175 
ILE CD1 HD12 sing N N 176 
ILE CD1 HD13 sing N N 177 
ILE OXT HXT  sing N N 178 
LEU N   CA   sing N N 179 
LEU N   H    sing N N 180 
LEU N   H2   sing N N 181 
LEU CA  C    sing N N 182 
LEU CA  CB   sing N N 183 
LEU CA  HA   sing N N 184 
LEU C   O    doub N N 185 
LEU C   OXT  sing N N 186 
LEU CB  CG   sing N N 187 
LEU CB  HB2  sing N N 188 
LEU CB  HB3  sing N N 189 
LEU CG  CD1  sing N N 190 
LEU CG  CD2  sing N N 191 
LEU CG  HG   sing N N 192 
LEU CD1 HD11 sing N N 193 
LEU CD1 HD12 sing N N 194 
LEU CD1 HD13 sing N N 195 
LEU CD2 HD21 sing N N 196 
LEU CD2 HD22 sing N N 197 
LEU CD2 HD23 sing N N 198 
LEU OXT HXT  sing N N 199 
LYS N   CA   sing N N 200 
LYS N   H    sing N N 201 
LYS N   H2   sing N N 202 
LYS CA  C    sing N N 203 
LYS CA  CB   sing N N 204 
LYS CA  HA   sing N N 205 
LYS C   O    doub N N 206 
LYS C   OXT  sing N N 207 
LYS CB  CG   sing N N 208 
LYS CB  HB2  sing N N 209 
LYS CB  HB3  sing N N 210 
LYS CG  CD   sing N N 211 
LYS CG  HG2  sing N N 212 
LYS CG  HG3  sing N N 213 
LYS CD  CE   sing N N 214 
LYS CD  HD2  sing N N 215 
LYS CD  HD3  sing N N 216 
LYS CE  NZ   sing N N 217 
LYS CE  HE2  sing N N 218 
LYS CE  HE3  sing N N 219 
LYS NZ  HZ1  sing N N 220 
LYS NZ  HZ2  sing N N 221 
LYS NZ  HZ3  sing N N 222 
LYS OXT HXT  sing N N 223 
MET N   CA   sing N N 224 
MET N   H    sing N N 225 
MET N   H2   sing N N 226 
MET CA  C    sing N N 227 
MET CA  CB   sing N N 228 
MET CA  HA   sing N N 229 
MET C   O    doub N N 230 
MET C   OXT  sing N N 231 
MET CB  CG   sing N N 232 
MET CB  HB2  sing N N 233 
MET CB  HB3  sing N N 234 
MET CG  SD   sing N N 235 
MET CG  HG2  sing N N 236 
MET CG  HG3  sing N N 237 
MET SD  CE   sing N N 238 
MET CE  HE1  sing N N 239 
MET CE  HE2  sing N N 240 
MET CE  HE3  sing N N 241 
MET OXT HXT  sing N N 242 
NH4 N   HN1  sing N N 243 
NH4 N   HN2  sing N N 244 
NH4 N   HN3  sing N N 245 
NH4 N   HN4  sing N N 246 
PHE N   CA   sing N N 247 
PHE N   H    sing N N 248 
PHE N   H2   sing N N 249 
PHE CA  C    sing N N 250 
PHE CA  CB   sing N N 251 
PHE CA  HA   sing N N 252 
PHE C   O    doub N N 253 
PHE C   OXT  sing N N 254 
PHE CB  CG   sing N N 255 
PHE CB  HB2  sing N N 256 
PHE CB  HB3  sing N N 257 
PHE CG  CD1  doub Y N 258 
PHE CG  CD2  sing Y N 259 
PHE CD1 CE1  sing Y N 260 
PHE CD1 HD1  sing N N 261 
PHE CD2 CE2  doub Y N 262 
PHE CD2 HD2  sing N N 263 
PHE CE1 CZ   doub Y N 264 
PHE CE1 HE1  sing N N 265 
PHE CE2 CZ   sing Y N 266 
PHE CE2 HE2  sing N N 267 
PHE CZ  HZ   sing N N 268 
PHE OXT HXT  sing N N 269 
PRO N   CA   sing N N 270 
PRO N   CD   sing N N 271 
PRO N   H    sing N N 272 
PRO CA  C    sing N N 273 
PRO CA  CB   sing N N 274 
PRO CA  HA   sing N N 275 
PRO C   O    doub N N 276 
PRO C   OXT  sing N N 277 
PRO CB  CG   sing N N 278 
PRO CB  HB2  sing N N 279 
PRO CB  HB3  sing N N 280 
PRO CG  CD   sing N N 281 
PRO CG  HG2  sing N N 282 
PRO CG  HG3  sing N N 283 
PRO CD  HD2  sing N N 284 
PRO CD  HD3  sing N N 285 
PRO OXT HXT  sing N N 286 
SER N   CA   sing N N 287 
SER N   H    sing N N 288 
SER N   H2   sing N N 289 
SER CA  C    sing N N 290 
SER CA  CB   sing N N 291 
SER CA  HA   sing N N 292 
SER C   O    doub N N 293 
SER C   OXT  sing N N 294 
SER CB  OG   sing N N 295 
SER CB  HB2  sing N N 296 
SER CB  HB3  sing N N 297 
SER OG  HG   sing N N 298 
SER OXT HXT  sing N N 299 
THR N   CA   sing N N 300 
THR N   H    sing N N 301 
THR N   H2   sing N N 302 
THR CA  C    sing N N 303 
THR CA  CB   sing N N 304 
THR CA  HA   sing N N 305 
THR C   O    doub N N 306 
THR C   OXT  sing N N 307 
THR CB  OG1  sing N N 308 
THR CB  CG2  sing N N 309 
THR CB  HB   sing N N 310 
THR OG1 HG1  sing N N 311 
THR CG2 HG21 sing N N 312 
THR CG2 HG22 sing N N 313 
THR CG2 HG23 sing N N 314 
THR OXT HXT  sing N N 315 
TYR N   CA   sing N N 316 
TYR N   H    sing N N 317 
TYR N   H2   sing N N 318 
TYR CA  C    sing N N 319 
TYR CA  CB   sing N N 320 
TYR CA  HA   sing N N 321 
TYR C   O    doub N N 322 
TYR C   OXT  sing N N 323 
TYR CB  CG   sing N N 324 
TYR CB  HB2  sing N N 325 
TYR CB  HB3  sing N N 326 
TYR CG  CD1  doub Y N 327 
TYR CG  CD2  sing Y N 328 
TYR CD1 CE1  sing Y N 329 
TYR CD1 HD1  sing N N 330 
TYR CD2 CE2  doub Y N 331 
TYR CD2 HD2  sing N N 332 
TYR CE1 CZ   doub Y N 333 
TYR CE1 HE1  sing N N 334 
TYR CE2 CZ   sing Y N 335 
TYR CE2 HE2  sing N N 336 
TYR CZ  OH   sing N N 337 
TYR OH  HH   sing N N 338 
TYR OXT HXT  sing N N 339 
VAL N   CA   sing N N 340 
VAL N   H    sing N N 341 
VAL N   H2   sing N N 342 
VAL CA  C    sing N N 343 
VAL CA  CB   sing N N 344 
VAL CA  HA   sing N N 345 
VAL C   O    doub N N 346 
VAL C   OXT  sing N N 347 
VAL CB  CG1  sing N N 348 
VAL CB  CG2  sing N N 349 
VAL CB  HB   sing N N 350 
VAL CG1 HG11 sing N N 351 
VAL CG1 HG12 sing N N 352 
VAL CG1 HG13 sing N N 353 
VAL CG2 HG21 sing N N 354 
VAL CG2 HG22 sing N N 355 
VAL CG2 HG23 sing N N 356 
VAL OXT HXT  sing N N 357 
# 
_atom_sites.entry_id                    1PAL 
_atom_sites.fract_transf_matrix[1][1]   0.00339767 
_atom_sites.fract_transf_matrix[1][2]   0.01322488 
_atom_sites.fract_transf_matrix[1][3]   0.00979968 
_atom_sites.fract_transf_matrix[2][1]   0.01363282 
_atom_sites.fract_transf_matrix[2][2]   -0.00782884 
_atom_sites.fract_transf_matrix[2][3]   0.00583852 
_atom_sites.fract_transf_matrix[3][1]   0.02081373 
_atom_sites.fract_transf_matrix[3][2]   0.01538172 
_atom_sites.fract_transf_matrix[3][3]   -0.02797434 
_atom_sites.fract_transf_vector[1]      0.106565 
_atom_sites.fract_transf_vector[2]      -0.252627 
_atom_sites.fract_transf_vector[3]      0.825605 
# 
loop_
_atom_type.symbol 
C  
CA 
N  
O  
S  
# 
loop_
_atom_site.group_PDB 
_atom_site.id 
_atom_site.type_symbol 
_atom_site.label_atom_id 
_atom_site.label_alt_id 
_atom_site.label_comp_id 
_atom_site.label_asym_id 
_atom_site.label_entity_id 
_atom_site.label_seq_id 
_atom_site.pdbx_PDB_ins_code 
_atom_site.Cartn_x 
_atom_site.Cartn_y 
_atom_site.Cartn_z 
_atom_site.occupancy 
_atom_site.B_iso_or_equiv 
_atom_site.pdbx_formal_charge 
_atom_site.auth_seq_id 
_atom_site.auth_comp_id 
_atom_site.auth_asym_id 
_atom_site.auth_atom_id 
_atom_site.pdbx_PDB_model_num 
HETATM 1   C  C   . ACE A 1 1   ? 2.272   7.870   -8.468  1.00 8.88  ? 0   ACE A C   1 
HETATM 2   O  O   . ACE A 1 1   ? 1.115   7.654   -8.934  1.00 15.15 ? 0   ACE A O   1 
HETATM 3   C  CH3 . ACE A 1 1   ? 2.574   8.039   -7.035  1.00 18.65 ? 0   ACE A CH3 1 
ATOM   4   N  N   . SER A 1 2   ? 2.891   8.789   -9.276  1.00 14.58 ? 1   SER A N   1 
ATOM   5   C  CA  . SER A 1 2   ? 2.806   8.914   -10.703 1.00 25.81 ? 1   SER A CA  1 
ATOM   6   C  C   . SER A 1 2   ? 2.501   7.557   -11.352 1.00 16.24 ? 1   SER A C   1 
ATOM   7   O  O   . SER A 1 2   ? 1.636   7.638   -12.257 1.00 23.05 ? 1   SER A O   1 
ATOM   8   C  CB  . SER A 1 2   ? 4.045   9.627   -11.255 1.00 28.90 ? 1   SER A CB  1 
ATOM   9   O  OG  . SER A 1 2   ? 5.030   8.806   -11.831 1.00 35.90 ? 1   SER A OG  1 
ATOM   10  N  N   . PHE A 1 3   ? 3.154   6.548   -10.809 1.00 16.26 ? 2   PHE A N   1 
ATOM   11  C  CA  . PHE A 1 3   ? 2.935   5.187   -11.349 1.00 17.80 ? 2   PHE A CA  1 
ATOM   12  C  C   . PHE A 1 3   ? 1.476   4.793   -11.402 1.00 22.30 ? 2   PHE A C   1 
ATOM   13  O  O   . PHE A 1 3   ? 1.066   4.030   -12.316 1.00 13.93 ? 2   PHE A O   1 
ATOM   14  C  CB  . PHE A 1 3   ? 3.773   4.108   -10.699 1.00 17.25 ? 2   PHE A CB  1 
ATOM   15  C  CG  . PHE A 1 3   ? 3.643   4.110   -9.188  1.00 27.90 ? 2   PHE A CG  1 
ATOM   16  C  CD1 . PHE A 1 3   ? 2.686   3.299   -8.567  1.00 22.24 ? 2   PHE A CD1 1 
ATOM   17  C  CD2 . PHE A 1 3   ? 4.442   4.905   -8.350  1.00 20.64 ? 2   PHE A CD2 1 
ATOM   18  C  CE1 . PHE A 1 3   ? 2.553   3.244   -7.188  1.00 23.14 ? 2   PHE A CE1 1 
ATOM   19  C  CE2 . PHE A 1 3   ? 4.276   4.897   -6.951  1.00 14.57 ? 2   PHE A CE2 1 
ATOM   20  C  CZ  . PHE A 1 3   ? 3.360   4.039   -6.330  1.00 18.15 ? 2   PHE A CZ  1 
ATOM   21  N  N   . ALA A 1 4   ? 0.687   5.366   -10.475 1.00 23.08 ? 3   ALA A N   1 
ATOM   22  C  CA  . ALA A 1 4   ? -0.722  4.965   -10.550 1.00 20.21 ? 3   ALA A CA  1 
ATOM   23  C  C   . ALA A 1 4   ? -1.657  6.158   -10.685 1.00 24.55 ? 3   ALA A C   1 
ATOM   24  O  O   . ALA A 1 4   ? -2.821  6.104   -10.227 1.00 22.54 ? 3   ALA A O   1 
ATOM   25  C  CB  . ALA A 1 4   ? -1.168  3.920   -9.581  1.00 17.75 ? 3   ALA A CB  1 
ATOM   26  N  N   . GLY A 1 5   ? -1.023  7.130   -11.344 1.00 16.40 ? 4   GLY A N   1 
ATOM   27  C  CA  . GLY A 1 5   ? -1.776  8.318   -11.656 1.00 19.65 ? 4   GLY A CA  1 
ATOM   28  C  C   . GLY A 1 5   ? -2.174  9.133   -10.417 1.00 10.56 ? 4   GLY A C   1 
ATOM   29  O  O   . GLY A 1 5   ? -3.125  9.868   -10.593 1.00 13.40 ? 4   GLY A O   1 
ATOM   30  N  N   . LEU A 1 6   ? -1.435  9.017   -9.361  1.00 10.10 ? 6   LEU A N   1 
ATOM   31  C  CA  . LEU A 1 6   ? -1.767  9.839   -8.158  1.00 3.97  ? 6   LEU A CA  1 
ATOM   32  C  C   . LEU A 1 6   ? -1.091  11.236  -8.097  1.00 6.65  ? 6   LEU A C   1 
ATOM   33  O  O   . LEU A 1 6   ? 0.066   11.357  -8.540  1.00 10.03 ? 6   LEU A O   1 
ATOM   34  C  CB  . LEU A 1 6   ? -1.240  8.905   -7.061  1.00 2.61  ? 6   LEU A CB  1 
ATOM   35  C  CG  . LEU A 1 6   ? -1.859  7.498   -6.957  1.00 9.00  ? 6   LEU A CG  1 
ATOM   36  C  CD1 . LEU A 1 6   ? -1.134  6.737   -5.903  1.00 9.93  ? 6   LEU A CD1 1 
ATOM   37  C  CD2 . LEU A 1 6   ? -3.384  7.594   -6.733  1.00 16.38 ? 6   LEU A CD2 1 
ATOM   38  N  N   . LYS A 1 7   ? -1.762  12.226  -7.616  1.00 7.57  ? 7   LYS A N   1 
ATOM   39  C  CA  . LYS A 1 7   ? -1.261  13.657  -7.512  1.00 7.90  ? 7   LYS A CA  1 
ATOM   40  C  C   . LYS A 1 7   ? -0.203  13.828  -6.467  1.00 15.89 ? 7   LYS A C   1 
ATOM   41  O  O   . LYS A 1 7   ? -0.506  13.198  -5.432  1.00 17.99 ? 7   LYS A O   1 
ATOM   42  C  CB  . LYS A 1 7   ? -2.507  14.494  -7.386  1.00 7.97  ? 7   LYS A CB  1 
ATOM   43  C  CG  . LYS A 1 7   ? -3.520  13.863  -8.310  1.00 20.70 ? 7   LYS A CG  1 
ATOM   44  C  CD  . LYS A 1 7   ? -4.418  14.917  -8.922  1.00 27.49 ? 7   LYS A CD  1 
ATOM   45  C  CE  . LYS A 1 7   ? -5.659  15.064  -8.043  1.00 41.81 ? 7   LYS A CE  1 
ATOM   46  N  NZ  . LYS A 1 7   ? -6.583  13.900  -8.230  1.00 44.43 ? 7   LYS A NZ  1 
ATOM   47  N  N   . ASP A 1 8   ? 0.929   14.517  -6.707  1.00 6.58  ? 8   ASP A N   1 
ATOM   48  C  CA  . ASP A 1 8   ? 2.046   14.752  -5.821  1.00 22.72 ? 8   ASP A CA  1 
ATOM   49  C  C   . ASP A 1 8   ? 1.502   15.181  -4.465  1.00 10.80 ? 8   ASP A C   1 
ATOM   50  O  O   . ASP A 1 8   ? 1.808   14.953  -3.315  1.00 7.17  ? 8   ASP A O   1 
ATOM   51  C  CB  . ASP A 1 8   ? 3.207   15.544  -6.444  1.00 5.01  ? 8   ASP A CB  1 
ATOM   52  C  CG  . ASP A 1 8   ? 4.387   15.822  -5.525  1.00 36.49 ? 8   ASP A CG  1 
ATOM   53  O  OD1 . ASP A 1 8   ? 4.879   16.939  -5.196  1.00 44.44 ? 8   ASP A OD1 1 
ATOM   54  O  OD2 . ASP A 1 8   ? 4.931   14.764  -5.094  1.00 36.87 ? 8   ASP A OD2 1 
ATOM   55  N  N   . ALA A 1 9   ? 0.466   15.907  -4.533  1.00 5.97  ? 9   ALA A N   1 
ATOM   56  C  CA  . ALA A 1 9   ? -0.341  16.605  -3.575  1.00 16.59 ? 9   ALA A CA  1 
ATOM   57  C  C   . ALA A 1 9   ? -1.188  15.754  -2.694  1.00 16.99 ? 9   ALA A C   1 
ATOM   58  O  O   . ALA A 1 9   ? -1.310  16.110  -1.473  1.00 17.35 ? 9   ALA A O   1 
ATOM   59  C  CB  . ALA A 1 9   ? -1.073  17.797  -4.189  1.00 13.12 ? 9   ALA A CB  1 
ATOM   60  N  N   . ASP A 1 10  ? -1.746  14.709  -3.278  1.00 8.36  ? 10  ASP A N   1 
ATOM   61  C  CA  . ASP A 1 10  ? -2.622  13.789  -2.476  1.00 8.92  ? 10  ASP A CA  1 
ATOM   62  C  C   . ASP A 1 10  ? -1.641  12.918  -1.721  1.00 2.84  ? 10  ASP A C   1 
ATOM   63  O  O   . ASP A 1 10  ? -1.748  12.437  -0.593  1.00 6.91  ? 10  ASP A O   1 
ATOM   64  C  CB  . ASP A 1 10  ? -3.475  13.112  -3.583  1.00 5.68  ? 10  ASP A CB  1 
ATOM   65  C  CG  . ASP A 1 10  ? -4.658  13.889  -4.097  1.00 20.09 ? 10  ASP A CG  1 
ATOM   66  O  OD1 . ASP A 1 10  ? -4.955  15.016  -3.630  1.00 22.33 ? 10  ASP A OD1 1 
ATOM   67  O  OD2 . ASP A 1 10  ? -5.391  13.526  -5.052  1.00 22.45 ? 10  ASP A OD2 1 
ATOM   68  N  N   . VAL A 1 11  ? -0.551  12.548  -2.407  1.00 7.52  ? 11  VAL A N   1 
ATOM   69  C  CA  . VAL A 1 11  ? 0.516   11.775  -1.790  1.00 9.06  ? 11  VAL A CA  1 
ATOM   70  C  C   . VAL A 1 11  ? 1.174   12.505  -0.612  1.00 12.98 ? 11  VAL A C   1 
ATOM   71  O  O   . VAL A 1 11  ? 1.609   11.994  0.418   1.00 4.75  ? 11  VAL A O   1 
ATOM   72  C  CB  . VAL A 1 11  ? 1.705   11.589  -2.813  1.00 11.63 ? 11  VAL A CB  1 
ATOM   73  C  CG1 . VAL A 1 11  ? 2.793   10.879  -2.033  1.00 6.81  ? 11  VAL A CG1 1 
ATOM   74  C  CG2 . VAL A 1 11  ? 1.407   10.768  -4.091  1.00 13.01 ? 11  VAL A CG2 1 
ATOM   75  N  N   . ALA A 1 12  ? 1.418   13.820  -0.744  1.00 5.44  ? 12  ALA A N   1 
ATOM   76  C  CA  . ALA A 1 12  ? 2.064   14.665  0.275   1.00 11.94 ? 12  ALA A CA  1 
ATOM   77  C  C   . ALA A 1 12  ? 1.087   14.735  1.455   1.00 9.89  ? 12  ALA A C   1 
ATOM   78  O  O   . ALA A 1 12  ? 1.620   14.619  2.560   1.00 9.69  ? 12  ALA A O   1 
ATOM   79  C  CB  . ALA A 1 12  ? 2.276   16.056  -0.378  1.00 2.00  ? 12  ALA A CB  1 
ATOM   80  N  N   . ALA A 1 13  ? -0.165  14.957  1.206   1.00 13.44 ? 13  ALA A N   1 
ATOM   81  C  CA  . ALA A 1 13  ? -1.148  14.993  2.268   1.00 5.09  ? 13  ALA A CA  1 
ATOM   82  C  C   . ALA A 1 13  ? -1.298  13.692  2.963   1.00 9.23  ? 13  ALA A C   1 
ATOM   83  O  O   . ALA A 1 13  ? -1.499  13.568  4.159   1.00 5.22  ? 13  ALA A O   1 
ATOM   84  C  CB  . ALA A 1 13  ? -2.495  15.418  1.739   1.00 3.80  ? 13  ALA A CB  1 
ATOM   85  N  N   . ALA A 1 14  ? -1.326  12.516  2.273   1.00 4.19  ? 14  ALA A N   1 
ATOM   86  C  CA  . ALA A 1 14  ? -1.528  11.274  3.062   1.00 11.88 ? 14  ALA A CA  1 
ATOM   87  C  C   . ALA A 1 14  ? -0.264  10.923  3.814   1.00 5.02  ? 14  ALA A C   1 
ATOM   88  O  O   . ALA A 1 14  ? -0.378  10.173  4.819   1.00 6.01  ? 14  ALA A O   1 
ATOM   89  C  CB  . ALA A 1 14  ? -1.749  10.215  1.935   1.00 10.45 ? 14  ALA A CB  1 
ATOM   90  N  N   . LEU A 1 15  ? 0.904   11.436  3.357   1.00 7.90  ? 15  LEU A N   1 
ATOM   91  C  CA  . LEU A 1 15  ? 2.097   10.952  4.128   1.00 2.00  ? 15  LEU A CA  1 
ATOM   92  C  C   . LEU A 1 15  ? 2.163   11.778  5.468   1.00 4.69  ? 15  LEU A C   1 
ATOM   93  O  O   . LEU A 1 15  ? 2.639   11.204  6.421   1.00 5.63  ? 15  LEU A O   1 
ATOM   94  C  CB  . LEU A 1 15  ? 3.250   11.255  3.210   1.00 13.28 ? 15  LEU A CB  1 
ATOM   95  C  CG  . LEU A 1 15  ? 4.030   10.228  2.418   1.00 17.07 ? 15  LEU A CG  1 
ATOM   96  C  CD1 . LEU A 1 15  ? 3.382   8.889   2.387   1.00 12.67 ? 15  LEU A CD1 1 
ATOM   97  C  CD2 . LEU A 1 15  ? 4.489   10.684  1.067   1.00 17.08 ? 15  LEU A CD2 1 
ATOM   98  N  N   . ALA A 1 16  ? 1.558   12.877  5.245   1.00 2.00  ? 16  ALA A N   1 
ATOM   99  C  CA  . ALA A 1 16  ? 1.580   13.794  6.426   1.00 11.59 ? 16  ALA A CA  1 
ATOM   100 C  C   . ALA A 1 16  ? 0.728   13.135  7.498   1.00 8.20  ? 16  ALA A C   1 
ATOM   101 O  O   . ALA A 1 16  ? 1.096   13.213  8.703   1.00 22.97 ? 16  ALA A O   1 
ATOM   102 C  CB  . ALA A 1 16  ? 0.986   15.143  6.009   1.00 9.85  ? 16  ALA A CB  1 
ATOM   103 N  N   . ALA A 1 17  ? -0.443  12.621  7.092   1.00 3.58  ? 17  ALA A N   1 
ATOM   104 C  CA  . ALA A 1 17  ? -1.432  12.072  8.026   1.00 5.27  ? 17  ALA A CA  1 
ATOM   105 C  C   . ALA A 1 17  ? -0.975  10.876  8.806   1.00 8.75  ? 17  ALA A C   1 
ATOM   106 O  O   . ALA A 1 17  ? -1.475  10.503  9.877   1.00 11.57 ? 17  ALA A O   1 
ATOM   107 C  CB  . ALA A 1 17  ? -2.803  11.976  7.352   1.00 7.43  ? 17  ALA A CB  1 
ATOM   108 N  N   . CYS A 1 18  ? 0.047   10.236  8.232   1.00 8.25  ? 18  CYS A N   1 
ATOM   109 C  CA  . CYS A 1 18  ? 0.629   9.021   8.847   1.00 12.13 ? 18  CYS A CA  1 
ATOM   110 C  C   . CYS A 1 18  ? 2.056   9.180   9.144   1.00 12.04 ? 18  CYS A C   1 
ATOM   111 O  O   . CYS A 1 18  ? 2.788   8.185   9.193   1.00 5.41  ? 18  CYS A O   1 
ATOM   112 C  CB  . CYS A 1 18  ? 0.314   7.753   8.032   1.00 6.49  ? 18  CYS A CB  1 
ATOM   113 S  SG  . CYS A 1 18  ? 1.050   7.626   6.370   1.00 9.26  ? 18  CYS A SG  1 
ATOM   114 N  N   . SER A 1 19  ? 2.531   10.425  9.321   1.00 8.72  ? 19  SER A N   1 
ATOM   115 C  CA  . SER A 1 19  ? 3.957   10.697  9.618   1.00 11.00 ? 19  SER A CA  1 
ATOM   116 C  C   . SER A 1 19  ? 4.340   10.008  10.925  1.00 12.31 ? 19  SER A C   1 
ATOM   117 O  O   . SER A 1 19  ? 5.503   9.515   11.075  1.00 11.61 ? 19  SER A O   1 
ATOM   118 C  CB  . SER A 1 19  ? 3.969   12.251  9.712   1.00 21.53 ? 19  SER A CB  1 
ATOM   119 O  OG  . SER A 1 19  ? 3.046   12.862  10.622  1.00 14.19 ? 19  SER A OG  1 
ATOM   120 N  N   . ALA A 1 20  ? 3.517   9.800   11.954  1.00 11.55 ? 20  ALA A N   1 
ATOM   121 C  CA  . ALA A 1 20  ? 3.978   9.148   13.165  1.00 12.28 ? 20  ALA A CA  1 
ATOM   122 C  C   . ALA A 1 20  ? 3.976   7.614   13.117  1.00 5.75  ? 20  ALA A C   1 
ATOM   123 O  O   . ALA A 1 20  ? 3.093   7.120   12.418  1.00 11.69 ? 20  ALA A O   1 
ATOM   124 C  CB  . ALA A 1 20  ? 3.047   9.587   14.327  1.00 8.74  ? 20  ALA A CB  1 
ATOM   125 N  N   . ALA A 1 21  ? 4.996   7.146   13.797  1.00 11.71 ? 21  ALA A N   1 
ATOM   126 C  CA  . ALA A 1 21  ? 5.034   5.664   13.762  1.00 19.47 ? 21  ALA A CA  1 
ATOM   127 C  C   . ALA A 1 21  ? 3.698   5.171   14.327  1.00 19.49 ? 21  ALA A C   1 
ATOM   128 O  O   . ALA A 1 21  ? 3.060   5.765   15.171  1.00 12.17 ? 21  ALA A O   1 
ATOM   129 C  CB  . ALA A 1 21  ? 6.034   5.207   14.771  1.00 9.19  ? 21  ALA A CB  1 
ATOM   130 N  N   . ASP A 1 22  ? 3.231   4.012   13.855  1.00 9.25  ? 22  ASP A N   1 
ATOM   131 C  CA  . ASP A 1 22  ? 1.969   3.419   14.353  1.00 12.14 ? 22  ASP A CA  1 
ATOM   132 C  C   . ASP A 1 22  ? 0.741   4.188   14.042  1.00 12.23 ? 22  ASP A C   1 
ATOM   133 O  O   . ASP A 1 22  ? -0.337  3.692   14.386  1.00 10.17 ? 22  ASP A O   1 
ATOM   134 C  CB  . ASP A 1 22  ? 2.002   2.887   15.822  1.00 21.00 ? 22  ASP A CB  1 
ATOM   135 C  CG  . ASP A 1 22  ? 2.951   1.694   15.931  1.00 27.41 ? 22  ASP A CG  1 
ATOM   136 O  OD1 . ASP A 1 22  ? 3.994   1.726   16.620  1.00 30.68 ? 22  ASP A OD1 1 
ATOM   137 O  OD2 . ASP A 1 22  ? 2.513   0.759   15.239  1.00 30.95 ? 22  ASP A OD2 1 
ATOM   138 N  N   . SER A 1 23  ? 0.806   5.293   13.353  1.00 4.84  ? 23  SER A N   1 
ATOM   139 C  CA  . SER A 1 23  ? -0.355  5.992   12.892  1.00 3.68  ? 23  SER A CA  1 
ATOM   140 C  C   . SER A 1 23  ? -0.810  5.470   11.493  1.00 9.58  ? 23  SER A C   1 
ATOM   141 O  O   . SER A 1 23  ? -1.843  6.033   11.147  1.00 12.94 ? 23  SER A O   1 
ATOM   142 C  CB  . SER A 1 23  ? -0.245  7.482   12.525  1.00 11.16 ? 23  SER A CB  1 
ATOM   143 O  OG  . SER A 1 23  ? 0.956   7.778   11.886  1.00 13.46 ? 23  SER A OG  1 
ATOM   144 N  N   . PHE A 1 24  ? -0.126  4.609   10.790  1.00 13.68 ? 24  PHE A N   1 
ATOM   145 C  CA  . PHE A 1 24  ? -0.611  4.270   9.422   1.00 5.81  ? 24  PHE A CA  1 
ATOM   146 C  C   . PHE A 1 24  ? -1.879  3.395   9.529   1.00 10.50 ? 24  PHE A C   1 
ATOM   147 O  O   . PHE A 1 24  ? -1.933  2.546   10.386  1.00 18.17 ? 24  PHE A O   1 
ATOM   148 C  CB  . PHE A 1 24  ? 0.543   3.463   8.709   1.00 7.53  ? 24  PHE A CB  1 
ATOM   149 C  CG  . PHE A 1 24  ? 0.105   3.076   7.310   1.00 7.80  ? 24  PHE A CG  1 
ATOM   150 C  CD1 . PHE A 1 24  ? -0.183  1.717   7.069   1.00 22.16 ? 24  PHE A CD1 1 
ATOM   151 C  CD2 . PHE A 1 24  ? -0.022  4.066   6.311   1.00 10.23 ? 24  PHE A CD2 1 
ATOM   152 C  CE1 . PHE A 1 24  ? -0.612  1.255   5.809   1.00 10.07 ? 24  PHE A CE1 1 
ATOM   153 C  CE2 . PHE A 1 24  ? -0.412  3.618   5.042   1.00 9.58  ? 24  PHE A CE2 1 
ATOM   154 C  CZ  . PHE A 1 24  ? -0.711  2.249   4.813   1.00 6.34  ? 24  PHE A CZ  1 
ATOM   155 N  N   . LYS A 1 25  ? -2.863  3.675   8.721   1.00 9.51  ? 25  LYS A N   1 
ATOM   156 C  CA  . LYS A 1 25  ? -4.143  2.950   8.645   1.00 13.24 ? 25  LYS A CA  1 
ATOM   157 C  C   . LYS A 1 25  ? -4.301  2.719   7.123   1.00 9.87  ? 25  LYS A C   1 
ATOM   158 O  O   . LYS A 1 25  ? -4.539  3.790   6.537   1.00 9.25  ? 25  LYS A O   1 
ATOM   159 C  CB  . LYS A 1 25  ? -5.107  4.074   9.021   1.00 12.88 ? 25  LYS A CB  1 
ATOM   160 C  CG  . LYS A 1 25  ? -4.993  4.272   10.531  1.00 27.07 ? 25  LYS A CG  1 
ATOM   161 C  CD  . LYS A 1 25  ? -5.557  3.036   11.219  1.00 16.26 ? 25  LYS A CD  1 
ATOM   162 C  CE  . LYS A 1 25  ? -6.612  3.589   12.182  1.00 32.85 ? 25  LYS A CE  1 
ATOM   163 N  NZ  . LYS A 1 25  ? -6.930  4.914   11.534  1.00 39.27 ? 25  LYS A NZ  1 
ATOM   164 N  N   . HIS A 1 26  ? -4.191  1.467   6.710   1.00 9.92  ? 26  HIS A N   1 
ATOM   165 C  CA  . HIS A 1 26  ? -4.264  1.293   5.240   1.00 8.69  ? 26  HIS A CA  1 
ATOM   166 C  C   . HIS A 1 26  ? -5.454  1.817   4.518   1.00 11.06 ? 26  HIS A C   1 
ATOM   167 O  O   . HIS A 1 26  ? -5.280  2.346   3.384   1.00 6.29  ? 26  HIS A O   1 
ATOM   168 C  CB  . HIS A 1 26  ? -3.776  -0.070  4.704   1.00 2.00  ? 26  HIS A CB  1 
ATOM   169 C  CG  . HIS A 1 26  ? -4.651  -1.080  5.362   1.00 14.77 ? 26  HIS A CG  1 
ATOM   170 N  ND1 . HIS A 1 26  ? -4.317  -1.780  6.533   1.00 18.48 ? 26  HIS A ND1 1 
ATOM   171 C  CD2 . HIS A 1 26  ? -5.877  -1.456  4.946   1.00 20.97 ? 26  HIS A CD2 1 
ATOM   172 C  CE1 . HIS A 1 26  ? -5.354  -2.566  6.806   1.00 18.19 ? 26  HIS A CE1 1 
ATOM   173 N  NE2 . HIS A 1 26  ? -6.261  -2.377  5.872   1.00 10.27 ? 26  HIS A NE2 1 
ATOM   174 N  N   . LYS A 1 27  ? -6.668  1.707   5.058   1.00 18.15 ? 27  LYS A N   1 
ATOM   175 C  CA  . LYS A 1 27  ? -7.943  2.099   4.484   1.00 14.60 ? 27  LYS A CA  1 
ATOM   176 C  C   . LYS A 1 27  ? -8.043  3.554   4.181   1.00 14.84 ? 27  LYS A C   1 
ATOM   177 O  O   . LYS A 1 27  ? -8.457  4.101   3.144   1.00 7.91  ? 27  LYS A O   1 
ATOM   178 C  CB  . LYS A 1 27  ? -9.051  1.261   5.085   1.00 13.48 ? 27  LYS A CB  1 
ATOM   179 C  CG  . LYS A 1 27  ? -10.293 0.977   4.250   1.00 36.26 ? 27  LYS A CG  1 
ATOM   180 C  CD  . LYS A 1 27  ? -10.628 -0.516  4.180   1.00 40.28 ? 27  LYS A CD  1 
ATOM   181 C  CE  . LYS A 1 27  ? -9.425  -1.399  3.905   1.00 38.63 ? 27  LYS A CE  1 
ATOM   182 N  NZ  . LYS A 1 27  ? -9.552  -2.728  4.565   1.00 31.63 ? 27  LYS A NZ  1 
ATOM   183 N  N   . GLU A 1 28  ? -7.606  4.321   5.171   1.00 11.61 ? 28  GLU A N   1 
ATOM   184 C  CA  . GLU A 1 28  ? -7.496  5.773   5.127   1.00 17.34 ? 28  GLU A CA  1 
ATOM   185 C  C   . GLU A 1 28  ? -6.465  6.253   4.101   1.00 6.34  ? 28  GLU A C   1 
ATOM   186 O  O   . GLU A 1 28  ? -6.782  7.251   3.361   1.00 12.58 ? 28  GLU A O   1 
ATOM   187 C  CB  . GLU A 1 28  ? -6.885  6.219   6.496   1.00 11.93 ? 28  GLU A CB  1 
ATOM   188 C  CG  . GLU A 1 28  ? -6.853  7.711   6.818   1.00 44.37 ? 28  GLU A CG  1 
ATOM   189 C  CD  . GLU A 1 28  ? -5.607  8.554   6.877   1.00 59.38 ? 28  GLU A CD  1 
ATOM   190 O  OE1 . GLU A 1 28  ? -5.216  9.277   5.944   1.00 61.47 ? 28  GLU A OE1 1 
ATOM   191 O  OE2 . GLU A 1 28  ? -4.959  8.520   7.970   1.00 56.22 ? 28  GLU A OE2 1 
ATOM   192 N  N   . PHE A 1 29  ? -5.288  5.711   4.137   1.00 2.00  ? 29  PHE A N   1 
ATOM   193 C  CA  . PHE A 1 29  ? -4.205  6.061   3.228   1.00 7.65  ? 29  PHE A CA  1 
ATOM   194 C  C   . PHE A 1 29  ? -4.709  5.882   1.789   1.00 3.79  ? 29  PHE A C   1 
ATOM   195 O  O   . PHE A 1 29  ? -4.519  6.835   1.019   1.00 9.70  ? 29  PHE A O   1 
ATOM   196 C  CB  . PHE A 1 29  ? -3.069  5.138   3.519   1.00 2.05  ? 29  PHE A CB  1 
ATOM   197 C  CG  . PHE A 1 29  ? -1.911  5.368   2.580   1.00 16.21 ? 29  PHE A CG  1 
ATOM   198 C  CD1 . PHE A 1 29  ? -1.782  4.586   1.451   1.00 9.45  ? 29  PHE A CD1 1 
ATOM   199 C  CD2 . PHE A 1 29  ? -1.059  6.436   2.897   1.00 17.62 ? 29  PHE A CD2 1 
ATOM   200 C  CE1 . PHE A 1 29  ? -0.724  4.897   0.601   1.00 10.81 ? 29  PHE A CE1 1 
ATOM   201 C  CE2 . PHE A 1 29  ? 0.025   6.750   2.054   1.00 22.20 ? 29  PHE A CE2 1 
ATOM   202 C  CZ  . PHE A 1 29  ? 0.155   5.944   0.885   1.00 23.27 ? 29  PHE A CZ  1 
ATOM   203 N  N   . PHE A 1 30  ? -5.345  4.668   1.627   1.00 11.84 ? 30  PHE A N   1 
ATOM   204 C  CA  . PHE A 1 30  ? -5.804  4.451   0.276   1.00 7.30  ? 30  PHE A CA  1 
ATOM   205 C  C   . PHE A 1 30  ? -6.752  5.460   -0.294  1.00 11.68 ? 30  PHE A C   1 
ATOM   206 O  O   . PHE A 1 30  ? -6.830  5.945   -1.425  1.00 14.23 ? 30  PHE A O   1 
ATOM   207 C  CB  . PHE A 1 30  ? -6.409  3.067   0.072   1.00 7.83  ? 30  PHE A CB  1 
ATOM   208 C  CG  . PHE A 1 30  ? -5.506  1.891   0.214   1.00 5.57  ? 30  PHE A CG  1 
ATOM   209 C  CD1 . PHE A 1 30  ? -6.057  0.763   0.847   1.00 13.40 ? 30  PHE A CD1 1 
ATOM   210 C  CD2 . PHE A 1 30  ? -4.244  1.910   -0.323  1.00 2.00  ? 30  PHE A CD2 1 
ATOM   211 C  CE1 . PHE A 1 30  ? -5.200  -0.288  1.001   1.00 6.72  ? 30  PHE A CE1 1 
ATOM   212 C  CE2 . PHE A 1 30  ? -3.321  0.870   -0.176  1.00 8.68  ? 30  PHE A CE2 1 
ATOM   213 C  CZ  . PHE A 1 30  ? -3.895  -0.272  0.471   1.00 18.85 ? 30  PHE A CZ  1 
ATOM   214 N  N   . ALA A 1 31  ? -7.657  5.815   0.619   1.00 4.32  ? 31  ALA A N   1 
ATOM   215 C  CA  . ALA A 1 31  ? -8.641  6.801   0.202   1.00 9.33  ? 31  ALA A CA  1 
ATOM   216 C  C   . ALA A 1 31  ? -7.978  8.178   0.019   1.00 15.63 ? 31  ALA A C   1 
ATOM   217 O  O   . ALA A 1 31  ? -8.151  8.960   -0.924  1.00 6.65  ? 31  ALA A O   1 
ATOM   218 C  CB  . ALA A 1 31  ? -9.745  6.939   1.240   1.00 3.94  ? 31  ALA A CB  1 
ATOM   219 N  N   . LYS A 1 32  ? -7.219  8.614   0.998   1.00 8.98  ? 32  LYS A N   1 
ATOM   220 C  CA  . LYS A 1 32  ? -6.562  9.924   0.920   1.00 12.88 ? 32  LYS A CA  1 
ATOM   221 C  C   . LYS A 1 32  ? -5.533  10.057  -0.189  1.00 14.54 ? 32  LYS A C   1 
ATOM   222 O  O   . LYS A 1 32  ? -5.420  11.148  -0.749  1.00 10.68 ? 32  LYS A O   1 
ATOM   223 C  CB  . LYS A 1 32  ? -5.917  10.107  2.322   1.00 17.11 ? 32  LYS A CB  1 
ATOM   224 C  CG  . LYS A 1 32  ? -5.201  11.466  2.419   1.00 28.38 ? 32  LYS A CG  1 
ATOM   225 C  CD  . LYS A 1 32  ? -6.062  12.561  1.791   1.00 40.78 ? 32  LYS A CD  1 
ATOM   226 C  CE  . LYS A 1 32  ? -5.302  13.541  0.909   1.00 45.82 ? 32  LYS A CE  1 
ATOM   227 N  NZ  . LYS A 1 32  ? -6.088  14.032  -0.257  1.00 30.31 ? 32  LYS A NZ  1 
ATOM   228 N  N   . VAL A 1 33  ? -4.832  8.973   -0.532  1.00 10.72 ? 33  VAL A N   1 
ATOM   229 C  CA  . VAL A 1 33  ? -3.868  9.052   -1.647  1.00 14.88 ? 33  VAL A CA  1 
ATOM   230 C  C   . VAL A 1 33  ? -4.615  9.151   -2.982  1.00 18.03 ? 33  VAL A C   1 
ATOM   231 O  O   . VAL A 1 33  ? -4.009  9.724   -3.906  1.00 15.75 ? 33  VAL A O   1 
ATOM   232 C  CB  . VAL A 1 33  ? -2.762  8.027   -1.551  1.00 18.00 ? 33  VAL A CB  1 
ATOM   233 C  CG1 . VAL A 1 33  ? -3.039  6.639   -2.169  1.00 4.38  ? 33  VAL A CG1 1 
ATOM   234 C  CG2 . VAL A 1 33  ? -1.350  8.526   -1.757  1.00 16.71 ? 33  VAL A CG2 1 
ATOM   235 N  N   . GLY A 1 34  ? -5.817  8.618   -3.080  1.00 12.18 ? 34  GLY A N   1 
ATOM   236 C  CA  . GLY A 1 34  ? -6.621  8.671   -4.269  1.00 17.24 ? 34  GLY A CA  1 
ATOM   237 C  C   . GLY A 1 34  ? -6.789  7.359   -5.057  1.00 13.92 ? 34  GLY A C   1 
ATOM   238 O  O   . GLY A 1 34  ? -7.403  7.218   -6.115  1.00 10.67 ? 34  GLY A O   1 
ATOM   239 N  N   . LEU A 1 35  ? -6.185  6.426   -4.499  1.00 7.42  ? 35  LEU A N   1 
ATOM   240 C  CA  . LEU A 1 35  ? -6.077  4.961   -4.813  1.00 7.44  ? 35  LEU A CA  1 
ATOM   241 C  C   . LEU A 1 35  ? -7.470  4.363   -4.903  1.00 5.26  ? 35  LEU A C   1 
ATOM   242 O  O   . LEU A 1 35  ? -7.827  3.760   -5.968  1.00 14.30 ? 35  LEU A O   1 
ATOM   243 C  CB  . LEU A 1 35  ? -4.978  4.315   -4.052  1.00 4.43  ? 35  LEU A CB  1 
ATOM   244 C  CG  . LEU A 1 35  ? -3.829  3.729   -4.903  1.00 7.38  ? 35  LEU A CG  1 
ATOM   245 C  CD1 . LEU A 1 35  ? -3.146  2.552   -4.246  1.00 15.62 ? 35  LEU A CD1 1 
ATOM   246 C  CD2 . LEU A 1 35  ? -4.453  3.313   -6.248  1.00 18.02 ? 35  LEU A CD2 1 
ATOM   247 N  N   . ALA A 1 36  ? -8.308  4.460   -3.942  1.00 9.11  ? 36  ALA A N   1 
ATOM   248 C  CA  . ALA A 1 36  ? -9.682  4.006   -3.733  1.00 8.78  ? 36  ALA A CA  1 
ATOM   249 C  C   . ALA A 1 36  ? -10.554 4.564   -4.819  1.00 10.89 ? 36  ALA A C   1 
ATOM   250 O  O   . ALA A 1 36  ? -11.646 4.087   -5.075  1.00 21.76 ? 36  ALA A O   1 
ATOM   251 C  CB  . ALA A 1 36  ? -10.175 4.411   -2.326  1.00 11.58 ? 36  ALA A CB  1 
ATOM   252 N  N   . SER A 1 37  ? -10.086 5.573   -5.552  1.00 13.77 ? 37  SER A N   1 
ATOM   253 C  CA  . SER A 1 37  ? -11.059 5.977   -6.636  1.00 13.42 ? 37  SER A CA  1 
ATOM   254 C  C   . SER A 1 37  ? -10.300 5.736   -7.964  1.00 5.77  ? 37  SER A C   1 
ATOM   255 O  O   . SER A 1 37  ? -10.780 6.342   -8.936  1.00 14.35 ? 37  SER A O   1 
ATOM   256 C  CB  . SER A 1 37  ? -11.354 7.426   -6.312  1.00 22.97 ? 37  SER A CB  1 
ATOM   257 O  OG  . SER A 1 37  ? -10.147 8.113   -6.706  1.00 25.75 ? 37  SER A OG  1 
ATOM   258 N  N   . LYS A 1 38  ? -9.253  4.969   -8.115  1.00 17.53 ? 38  LYS A N   1 
ATOM   259 C  CA  . LYS A 1 38  ? -8.612  4.793   -9.455  1.00 11.46 ? 38  LYS A CA  1 
ATOM   260 C  C   . LYS A 1 38  ? -9.315  3.588   -10.095 1.00 7.82  ? 38  LYS A C   1 
ATOM   261 O  O   . LYS A 1 38  ? -10.089 2.808   -9.500  1.00 7.64  ? 38  LYS A O   1 
ATOM   262 C  CB  . LYS A 1 38  ? -7.130  4.384   -9.332  1.00 3.86  ? 38  LYS A CB  1 
ATOM   263 C  CG  . LYS A 1 38  ? -6.235  5.563   -8.911  1.00 20.79 ? 38  LYS A CG  1 
ATOM   264 C  CD  . LYS A 1 38  ? -6.793  6.784   -9.627  1.00 9.57  ? 38  LYS A CD  1 
ATOM   265 C  CE  . LYS A 1 38  ? -5.657  7.602   -10.195 1.00 18.62 ? 38  LYS A CE  1 
ATOM   266 N  NZ  . LYS A 1 38  ? -6.226  8.970   -10.314 1.00 25.15 ? 38  LYS A NZ  1 
ATOM   267 N  N   . SER A 1 39  ? -9.056  3.285   -11.347 1.00 15.61 ? 39  SER A N   1 
ATOM   268 C  CA  . SER A 1 39  ? -9.661  2.098   -11.979 1.00 14.47 ? 39  SER A CA  1 
ATOM   269 C  C   . SER A 1 39  ? -8.942  0.832   -11.461 1.00 16.40 ? 39  SER A C   1 
ATOM   270 O  O   . SER A 1 39  ? -7.885  0.880   -10.778 1.00 13.74 ? 39  SER A O   1 
ATOM   271 C  CB  . SER A 1 39  ? -9.423  2.206   -13.493 1.00 7.59  ? 39  SER A CB  1 
ATOM   272 O  OG  . SER A 1 39  ? -8.073  1.912   -13.741 1.00 17.13 ? 39  SER A OG  1 
ATOM   273 N  N   . LEU A 1 40  ? -9.573  -0.346  -11.802 1.00 3.30  ? 40  LEU A N   1 
ATOM   274 C  CA  . LEU A 1 40  ? -8.883  -1.574  -11.361 1.00 7.83  ? 40  LEU A CA  1 
ATOM   275 C  C   . LEU A 1 40  ? -7.593  -1.705  -12.061 1.00 6.43  ? 40  LEU A C   1 
ATOM   276 O  O   . LEU A 1 40  ? -6.588  -2.283  -11.554 1.00 7.12  ? 40  LEU A O   1 
ATOM   277 C  CB  . LEU A 1 40  ? -10.044 -2.556  -11.342 1.00 4.35  ? 40  LEU A CB  1 
ATOM   278 C  CG  . LEU A 1 40  ? -9.757  -3.893  -10.670 1.00 29.51 ? 40  LEU A CG  1 
ATOM   279 C  CD1 . LEU A 1 40  ? -8.451  -4.409  -11.272 1.00 33.21 ? 40  LEU A CD1 1 
ATOM   280 C  CD2 . LEU A 1 40  ? -9.519  -3.632  -9.182  1.00 38.95 ? 40  LEU A CD2 1 
ATOM   281 N  N   . ASP A 1 41  ? -7.494  -1.233  -13.274 1.00 13.25 ? 41  ASP A N   1 
ATOM   282 C  CA  . ASP A 1 41  ? -6.234  -1.280  -14.045 1.00 12.42 ? 41  ASP A CA  1 
ATOM   283 C  C   . ASP A 1 41  ? -5.127  -0.528  -13.328 1.00 15.78 ? 41  ASP A C   1 
ATOM   284 O  O   . ASP A 1 41  ? -3.917  -0.803  -13.165 1.00 7.88  ? 41  ASP A O   1 
ATOM   285 C  CB  . ASP A 1 41  ? -6.414  -0.749  -15.472 1.00 19.76 ? 41  ASP A CB  1 
ATOM   286 C  CG  . ASP A 1 41  ? -6.717  -1.956  -16.382 1.00 46.17 ? 41  ASP A CG  1 
ATOM   287 O  OD1 . ASP A 1 41  ? -6.680  -3.178  -16.065 1.00 30.10 ? 41  ASP A OD1 1 
ATOM   288 O  OD2 . ASP A 1 41  ? -7.035  -1.583  -17.543 1.00 46.45 ? 41  ASP A OD2 1 
ATOM   289 N  N   . ASP A 1 42  ? -5.695  0.619   -12.802 1.00 15.84 ? 42  ASP A N   1 
ATOM   290 C  CA  . ASP A 1 42  ? -4.730  1.469   -12.085 1.00 18.43 ? 42  ASP A CA  1 
ATOM   291 C  C   . ASP A 1 42  ? -4.258  0.902   -10.757 1.00 15.72 ? 42  ASP A C   1 
ATOM   292 O  O   . ASP A 1 42  ? -3.102  1.123   -10.265 1.00 8.70  ? 42  ASP A O   1 
ATOM   293 C  CB  . ASP A 1 42  ? -5.352  2.880   -12.046 1.00 17.29 ? 42  ASP A CB  1 
ATOM   294 C  CG  . ASP A 1 42  ? -4.940  3.723   -13.247 1.00 33.76 ? 42  ASP A CG  1 
ATOM   295 O  OD1 . ASP A 1 42  ? -4.802  3.228   -14.377 1.00 46.13 ? 42  ASP A OD1 1 
ATOM   296 O  OD2 . ASP A 1 42  ? -4.697  4.930   -13.102 1.00 41.18 ? 42  ASP A OD2 1 
ATOM   297 N  N   . VAL A 1 43  ? -5.135  0.171   -10.122 1.00 10.48 ? 43  VAL A N   1 
ATOM   298 C  CA  . VAL A 1 43  ? -4.962  -0.490  -8.801  1.00 13.69 ? 43  VAL A CA  1 
ATOM   299 C  C   . VAL A 1 43  ? -3.986  -1.562  -9.184  1.00 11.50 ? 43  VAL A C   1 
ATOM   300 O  O   . VAL A 1 43  ? -3.048  -1.787  -8.434  1.00 2.82  ? 43  VAL A O   1 
ATOM   301 C  CB  . VAL A 1 43  ? -6.338  -0.782  -8.213  1.00 10.60 ? 43  VAL A CB  1 
ATOM   302 C  CG1 . VAL A 1 43  ? -6.323  -1.918  -7.187  1.00 4.46  ? 43  VAL A CG1 1 
ATOM   303 C  CG2 . VAL A 1 43  ? -7.147  0.443   -7.780  1.00 14.46 ? 43  VAL A CG2 1 
ATOM   304 N  N   . LYS A 1 44  ? -4.254  -2.207  -10.321 1.00 5.06  ? 44  LYS A N   1 
ATOM   305 C  CA  . LYS A 1 44  ? -3.200  -3.192  -10.734 1.00 2.80  ? 44  LYS A CA  1 
ATOM   306 C  C   . LYS A 1 44  ? -1.803  -2.703  -11.026 1.00 2.18  ? 44  LYS A C   1 
ATOM   307 O  O   . LYS A 1 44  ? -0.814  -3.343  -10.638 1.00 2.05  ? 44  LYS A O   1 
ATOM   308 C  CB  . LYS A 1 44  ? -3.800  -3.987  -11.906 1.00 17.78 ? 44  LYS A CB  1 
ATOM   309 C  CG  . LYS A 1 44  ? -4.534  -5.224  -11.268 1.00 11.52 ? 44  LYS A CG  1 
ATOM   310 C  CD  . LYS A 1 44  ? -5.424  -5.726  -12.410 1.00 23.54 ? 44  LYS A CD  1 
ATOM   311 C  CE  . LYS A 1 44  ? -6.085  -7.033  -12.059 1.00 28.17 ? 44  LYS A CE  1 
ATOM   312 N  NZ  . LYS A 1 44  ? -6.509  -7.600  -13.392 1.00 42.59 ? 44  LYS A NZ  1 
ATOM   313 N  N   . LYS A 1 45  ? -1.581  -1.570  -11.616 1.00 4.96  ? 45  LYS A N   1 
ATOM   314 C  CA  . LYS A 1 45  ? -0.210  -1.012  -11.917 1.00 9.51  ? 45  LYS A CA  1 
ATOM   315 C  C   . LYS A 1 45  ? 0.544   -0.803  -10.613 1.00 9.98  ? 45  LYS A C   1 
ATOM   316 O  O   . LYS A 1 45  ? 1.754   -0.998  -10.388 1.00 14.34 ? 45  LYS A O   1 
ATOM   317 C  CB  . LYS A 1 45  ? -0.441  0.349   -12.597 1.00 14.04 ? 45  LYS A CB  1 
ATOM   318 C  CG  . LYS A 1 45  ? -0.237  0.366   -14.115 1.00 21.07 ? 45  LYS A CG  1 
ATOM   319 C  CD  . LYS A 1 45  ? -0.750  1.735   -14.552 1.00 34.94 ? 45  LYS A CD  1 
ATOM   320 C  CE  . LYS A 1 45  ? -0.338  2.167   -15.939 1.00 39.32 ? 45  LYS A CE  1 
ATOM   321 N  NZ  . LYS A 1 45  ? -1.424  3.010   -16.533 1.00 55.14 ? 45  LYS A NZ  1 
ATOM   322 N  N   . ALA A 1 46  ? -0.243  -0.224  -9.647  1.00 8.90  ? 46  ALA A N   1 
ATOM   323 C  CA  . ALA A 1 46  ? 0.214   -0.015  -8.321  1.00 2.00  ? 46  ALA A CA  1 
ATOM   324 C  C   . ALA A 1 46  ? 0.787   -1.245  -7.648  1.00 2.00  ? 46  ALA A C   1 
ATOM   325 O  O   . ALA A 1 46  ? 1.978   -1.214  -7.207  1.00 6.03  ? 46  ALA A O   1 
ATOM   326 C  CB  . ALA A 1 46  ? -0.834  0.634   -7.406  1.00 10.27 ? 46  ALA A CB  1 
ATOM   327 N  N   . PHE A 1 47  ? -0.033  -2.344  -7.658  1.00 2.00  ? 47  PHE A N   1 
ATOM   328 C  CA  . PHE A 1 47  ? 0.364   -3.638  -7.054  1.00 2.00  ? 47  PHE A CA  1 
ATOM   329 C  C   . PHE A 1 47  ? 1.705   -4.019  -7.665  1.00 7.15  ? 47  PHE A C   1 
ATOM   330 O  O   . PHE A 1 47  ? 2.675   -4.408  -6.975  1.00 2.00  ? 47  PHE A O   1 
ATOM   331 C  CB  . PHE A 1 47  ? -0.815  -4.713  -7.257  1.00 5.54  ? 47  PHE A CB  1 
ATOM   332 C  CG  . PHE A 1 47  ? -0.242  -6.019  -6.742  1.00 7.25  ? 47  PHE A CG  1 
ATOM   333 C  CD1 . PHE A 1 47  ? -0.333  -6.368  -5.382  1.00 2.00  ? 47  PHE A CD1 1 
ATOM   334 C  CD2 . PHE A 1 47  ? 0.496   -6.891  -7.592  1.00 4.31  ? 47  PHE A CD2 1 
ATOM   335 C  CE1 . PHE A 1 47  ? 0.123   -7.538  -4.877  1.00 4.95  ? 47  PHE A CE1 1 
ATOM   336 C  CE2 . PHE A 1 47  ? 1.035   -8.073  -7.037  1.00 2.00  ? 47  PHE A CE2 1 
ATOM   337 C  CZ  . PHE A 1 47  ? 0.871   -8.352  -5.695  1.00 7.23  ? 47  PHE A CZ  1 
ATOM   338 N  N   . TYR A 1 48  ? 1.785   -3.815  -8.963  1.00 2.00  ? 48  TYR A N   1 
ATOM   339 C  CA  . TYR A 1 48  ? 3.004   -4.189  -9.654  1.00 3.16  ? 48  TYR A CA  1 
ATOM   340 C  C   . TYR A 1 48  ? 4.275   -3.496  -9.404  1.00 9.02  ? 48  TYR A C   1 
ATOM   341 O  O   . TYR A 1 48  ? 5.337   -4.124  -9.562  1.00 11.88 ? 48  TYR A O   1 
ATOM   342 C  CB  . TYR A 1 48  ? 2.749   -4.778  -11.082 1.00 2.45  ? 48  TYR A CB  1 
ATOM   343 C  CG  . TYR A 1 48  ? 1.907   -6.072  -11.299 1.00 2.00  ? 48  TYR A CG  1 
ATOM   344 C  CD1 . TYR A 1 48  ? 2.501   -7.250  -10.687 1.00 2.00  ? 48  TYR A CD1 1 
ATOM   345 C  CD2 . TYR A 1 48  ? 0.687   -6.060  -11.900 1.00 10.54 ? 48  TYR A CD2 1 
ATOM   346 C  CE1 . TYR A 1 48  ? 1.761   -8.480  -10.736 1.00 5.67  ? 48  TYR A CE1 1 
ATOM   347 C  CE2 . TYR A 1 48  ? -0.024  -7.244  -11.967 1.00 6.98  ? 48  TYR A CE2 1 
ATOM   348 C  CZ  . TYR A 1 48  ? 0.556   -8.356  -11.432 1.00 3.78  ? 48  TYR A CZ  1 
ATOM   349 O  OH  . TYR A 1 48  ? -0.233  -9.503  -11.564 1.00 10.17 ? 48  TYR A OH  1 
ATOM   350 N  N   . VAL A 1 49  ? 4.161   -2.213  -9.017  1.00 8.00  ? 49  VAL A N   1 
ATOM   351 C  CA  . VAL A 1 49  ? 5.391   -1.458  -8.643  1.00 7.80  ? 49  VAL A CA  1 
ATOM   352 C  C   . VAL A 1 49  ? 5.800   -1.859  -7.212  1.00 9.58  ? 49  VAL A C   1 
ATOM   353 O  O   . VAL A 1 49  ? 7.000   -1.932  -6.904  1.00 7.14  ? 49  VAL A O   1 
ATOM   354 C  CB  . VAL A 1 49  ? 4.863   0.012   -8.766  1.00 14.22 ? 49  VAL A CB  1 
ATOM   355 C  CG1 . VAL A 1 49  ? 5.672   0.967   -7.871  1.00 4.64  ? 49  VAL A CG1 1 
ATOM   356 C  CG2 . VAL A 1 49  ? 4.964   0.380   -10.248 1.00 7.68  ? 49  VAL A CG2 1 
ATOM   357 N  N   . ILE A 1 50  ? 4.777   -2.021  -6.403  1.00 2.84  ? 50  ILE A N   1 
ATOM   358 C  CA  . ILE A 1 50  ? 5.079   -2.273  -4.957  1.00 2.00  ? 50  ILE A CA  1 
ATOM   359 C  C   . ILE A 1 50  ? 5.726   -3.604  -4.810  1.00 2.00  ? 50  ILE A C   1 
ATOM   360 O  O   . ILE A 1 50  ? 6.457   -3.983  -3.893  1.00 10.67 ? 50  ILE A O   1 
ATOM   361 C  CB  . ILE A 1 50  ? 3.751   -2.158  -4.080  1.00 17.11 ? 50  ILE A CB  1 
ATOM   362 C  CG1 . ILE A 1 50  ? 3.102   -0.754  -4.008  1.00 7.17  ? 50  ILE A CG1 1 
ATOM   363 C  CG2 . ILE A 1 50  ? 4.043   -2.847  -2.684  1.00 4.83  ? 50  ILE A CG2 1 
ATOM   364 C  CD1 . ILE A 1 50  ? 1.572   -0.644  -3.889  1.00 7.75  ? 50  ILE A CD1 1 
ATOM   365 N  N   . ASP A 1 51  ? 5.290   -4.479  -5.836  1.00 3.32  ? 51  ASP A N   1 
ATOM   366 C  CA  . ASP A 1 51  ? 5.930   -5.853  -5.731  1.00 2.00  ? 51  ASP A CA  1 
ATOM   367 C  C   . ASP A 1 51  ? 7.233   -5.604  -6.453  1.00 3.66  ? 51  ASP A C   1 
ATOM   368 O  O   . ASP A 1 51  ? 7.504   -5.654  -7.634  1.00 8.05  ? 51  ASP A O   1 
ATOM   369 C  CB  . ASP A 1 51  ? 4.997   -6.866  -6.495  1.00 8.76  ? 51  ASP A CB  1 
ATOM   370 C  CG  . ASP A 1 51  ? 5.643   -8.132  -6.955  1.00 2.00  ? 51  ASP A CG  1 
ATOM   371 O  OD1 . ASP A 1 51  ? 6.630   -8.625  -6.341  1.00 5.65  ? 51  ASP A OD1 1 
ATOM   372 O  OD2 . ASP A 1 51  ? 5.278   -8.753  -8.092  1.00 2.00  ? 51  ASP A OD2 1 
ATOM   373 N  N   . GLN A 1 52  ? 8.262   -5.215  -5.703  1.00 2.00  ? 52  GLN A N   1 
ATOM   374 C  CA  . GLN A 1 52  ? 9.529   -4.817  -6.276  1.00 8.90  ? 52  GLN A CA  1 
ATOM   375 C  C   . GLN A 1 52  ? 10.282  -5.846  -7.070  1.00 10.88 ? 52  GLN A C   1 
ATOM   376 O  O   . GLN A 1 52  ? 10.715  -5.501  -8.146  1.00 9.57  ? 52  GLN A O   1 
ATOM   377 C  CB  . GLN A 1 52  ? 10.281  -4.275  -5.030  1.00 6.76  ? 52  GLN A CB  1 
ATOM   378 C  CG  . GLN A 1 52  ? 9.727   -2.896  -4.697  1.00 23.09 ? 52  GLN A CG  1 
ATOM   379 C  CD  . GLN A 1 52  ? 10.426  -2.298  -3.483  1.00 29.81 ? 52  GLN A CD  1 
ATOM   380 O  OE1 . GLN A 1 52  ? 10.064  -1.434  -2.683  1.00 37.55 ? 52  GLN A OE1 1 
ATOM   381 N  NE2 . GLN A 1 52  ? 11.632  -2.837  -3.259  1.00 50.51 ? 52  GLN A NE2 1 
ATOM   382 N  N   . ASP A 1 53  ? 10.216  -7.023  -6.435  1.00 7.07  ? 53  ASP A N   1 
ATOM   383 C  CA  . ASP A 1 53  ? 10.941  -8.147  -7.148  1.00 9.36  ? 53  ASP A CA  1 
ATOM   384 C  C   . ASP A 1 53  ? 10.145  -8.848  -8.238  1.00 14.73 ? 53  ASP A C   1 
ATOM   385 O  O   . ASP A 1 53  ? 10.828  -9.862  -8.666  1.00 11.40 ? 53  ASP A O   1 
ATOM   386 C  CB  . ASP A 1 53  ? 11.508  -9.036  -6.047  1.00 14.23 ? 53  ASP A CB  1 
ATOM   387 C  CG  . ASP A 1 53  ? 10.573  -9.998  -5.353  1.00 9.44  ? 53  ASP A CG  1 
ATOM   388 O  OD1 . ASP A 1 53  ? 9.338   -9.823  -5.445  1.00 17.93 ? 53  ASP A OD1 1 
ATOM   389 O  OD2 . ASP A 1 53  ? 11.130  -10.890 -4.657  1.00 15.82 ? 53  ASP A OD2 1 
ATOM   390 N  N   . LYS A 1 54  ? 8.928   -8.459  -8.583  1.00 6.50  ? 54  LYS A N   1 
ATOM   391 C  CA  . LYS A 1 54  ? 8.174   -9.142  -9.618  1.00 10.04 ? 54  LYS A CA  1 
ATOM   392 C  C   . LYS A 1 54  ? 7.920   -10.609 -9.299  1.00 16.98 ? 54  LYS A C   1 
ATOM   393 O  O   . LYS A 1 54  ? 7.986   -11.544 -10.160 1.00 3.16  ? 54  LYS A O   1 
ATOM   394 C  CB  . LYS A 1 54  ? 8.865   -8.833  -10.938 1.00 9.05  ? 54  LYS A CB  1 
ATOM   395 C  CG  . LYS A 1 54  ? 8.956   -7.292  -11.035 1.00 9.84  ? 54  LYS A CG  1 
ATOM   396 C  CD  . LYS A 1 54  ? 7.668   -6.628  -11.460 1.00 15.77 ? 54  LYS A CD  1 
ATOM   397 C  CE  . LYS A 1 54  ? 7.720   -5.097  -11.632 1.00 16.36 ? 54  LYS A CE  1 
ATOM   398 N  NZ  . LYS A 1 54  ? 8.141   -4.444  -10.372 1.00 15.57 ? 54  LYS A NZ  1 
ATOM   399 N  N   . SER A 1 55  ? 7.685   -10.944 -8.037  1.00 10.29 ? 55  SER A N   1 
ATOM   400 C  CA  . SER A 1 55  ? 7.373   -12.306 -7.548  1.00 4.31  ? 55  SER A CA  1 
ATOM   401 C  C   . SER A 1 55  ? 5.932   -12.554 -7.806  1.00 10.54 ? 55  SER A C   1 
ATOM   402 O  O   . SER A 1 55  ? 5.331   -13.658 -7.809  1.00 7.04  ? 55  SER A O   1 
ATOM   403 C  CB  . SER A 1 55  ? 7.609   -12.475 -6.051  1.00 2.70  ? 55  SER A CB  1 
ATOM   404 O  OG  . SER A 1 55  ? 6.909   -11.498 -5.267  1.00 2.35  ? 55  SER A OG  1 
ATOM   405 N  N   . GLY A 1 56  ? 4.999   -11.669 -8.022  1.00 5.10  ? 56  GLY A N   1 
ATOM   406 C  CA  . GLY A 1 56  ? 3.646   -11.668 -8.197  1.00 2.00  ? 56  GLY A CA  1 
ATOM   407 C  C   . GLY A 1 56  ? 2.850   -11.561 -6.835  1.00 3.19  ? 56  GLY A C   1 
ATOM   408 O  O   . GLY A 1 56  ? 1.658   -11.625 -6.861  1.00 5.78  ? 56  GLY A O   1 
ATOM   409 N  N   . PHE A 1 57  ? 3.720   -11.333 -5.795  1.00 5.98  ? 57  PHE A N   1 
ATOM   410 C  CA  . PHE A 1 57  ? 3.298   -11.142 -4.430  1.00 13.82 ? 57  PHE A CA  1 
ATOM   411 C  C   . PHE A 1 57  ? 4.019   -9.986  -3.644  1.00 6.04  ? 57  PHE A C   1 
ATOM   412 O  O   . PHE A 1 57  ? 5.173   -9.856  -3.959  1.00 10.62 ? 57  PHE A O   1 
ATOM   413 C  CB  . PHE A 1 57  ? 3.544   -12.382 -3.528  1.00 4.65  ? 57  PHE A CB  1 
ATOM   414 C  CG  . PHE A 1 57  ? 2.839   -13.581 -4.110  1.00 8.28  ? 57  PHE A CG  1 
ATOM   415 C  CD1 . PHE A 1 57  ? 1.515   -13.918 -3.993  1.00 10.57 ? 57  PHE A CD1 1 
ATOM   416 C  CD2 . PHE A 1 57  ? 3.645   -14.390 -4.945  1.00 8.63  ? 57  PHE A CD2 1 
ATOM   417 C  CE1 . PHE A 1 57  ? 0.998   -15.059 -4.628  1.00 16.92 ? 57  PHE A CE1 1 
ATOM   418 C  CE2 . PHE A 1 57  ? 3.158   -15.559 -5.551  1.00 10.08 ? 57  PHE A CE2 1 
ATOM   419 C  CZ  . PHE A 1 57  ? 1.794   -15.905 -5.409  1.00 19.96 ? 57  PHE A CZ  1 
ATOM   420 N  N   . ILE A 1 58  ? 3.209   -9.369  -2.821  1.00 9.36  ? 58  ILE A N   1 
ATOM   421 C  CA  . ILE A 1 58  ? 3.908   -8.383  -1.951  1.00 5.83  ? 58  ILE A CA  1 
ATOM   422 C  C   . ILE A 1 58  ? 4.290   -9.212  -0.706  1.00 4.02  ? 58  ILE A C   1 
ATOM   423 O  O   . ILE A 1 58  ? 3.412   -9.713  0.084   1.00 2.43  ? 58  ILE A O   1 
ATOM   424 C  CB  . ILE A 1 58  ? 2.961   -7.214  -1.605  1.00 10.84 ? 58  ILE A CB  1 
ATOM   425 C  CG1 . ILE A 1 58  ? 2.470   -6.392  -2.783  1.00 7.26  ? 58  ILE A CG1 1 
ATOM   426 C  CG2 . ILE A 1 58  ? 3.645   -6.374  -0.463  1.00 5.34  ? 58  ILE A CG2 1 
ATOM   427 C  CD1 . ILE A 1 58  ? 1.494   -5.239  -2.583  1.00 23.52 ? 58  ILE A CD1 1 
ATOM   428 N  N   . GLU A 1 59  ? 5.526   -9.477  -0.372  1.00 2.40  ? 59  GLU A N   1 
ATOM   429 C  CA  . GLU A 1 59  ? 6.215   -10.109 0.695   1.00 2.00  ? 59  GLU A CA  1 
ATOM   430 C  C   . GLU A 1 59  ? 6.275   -9.060  1.850   1.00 5.82  ? 59  GLU A C   1 
ATOM   431 O  O   . GLU A 1 59  ? 6.074   -7.908  1.494   1.00 10.43 ? 59  GLU A O   1 
ATOM   432 C  CB  . GLU A 1 59  ? 7.386   -10.977 0.482   1.00 2.00  ? 59  GLU A CB  1 
ATOM   433 C  CG  . GLU A 1 59  ? 7.249   -12.031 -0.615  1.00 11.28 ? 59  GLU A CG  1 
ATOM   434 C  CD  . GLU A 1 59  ? 7.358   -11.730 -2.077  1.00 31.41 ? 59  GLU A CD  1 
ATOM   435 O  OE1 . GLU A 1 59  ? 7.901   -10.683 -2.435  1.00 19.01 ? 59  GLU A OE1 1 
ATOM   436 O  OE2 . GLU A 1 59  ? 6.884   -12.642 -2.845  1.00 11.11 ? 59  GLU A OE2 1 
ATOM   437 N  N   . GLU A 1 60  ? 6.453   -9.665  3.022   1.00 10.06 ? 60  GLU A N   1 
ATOM   438 C  CA  . GLU A 1 60  ? 6.391   -8.718  4.162   1.00 14.40 ? 60  GLU A CA  1 
ATOM   439 C  C   . GLU A 1 60  ? 7.527   -7.739  4.149   1.00 16.92 ? 60  GLU A C   1 
ATOM   440 O  O   . GLU A 1 60  ? 7.364   -6.682  4.767   1.00 15.65 ? 60  GLU A O   1 
ATOM   441 C  CB  . GLU A 1 60  ? 6.155   -9.307  5.519   1.00 21.22 ? 60  GLU A CB  1 
ATOM   442 C  CG  . GLU A 1 60  ? 6.814   -10.643 5.844   1.00 41.03 ? 60  GLU A CG  1 
ATOM   443 C  CD  . GLU A 1 60  ? 6.152   -11.339 7.015   1.00 42.38 ? 60  GLU A CD  1 
ATOM   444 O  OE1 . GLU A 1 60  ? 6.248   -12.533 7.257   1.00 52.91 ? 60  GLU A OE1 1 
ATOM   445 O  OE2 . GLU A 1 60  ? 5.469   -10.524 7.681   1.00 46.32 ? 60  GLU A OE2 1 
ATOM   446 N  N   . ASP A 1 61  ? 8.614   -7.935  3.464   1.00 22.58 ? 61  ASP A N   1 
ATOM   447 C  CA  . ASP A 1 61  ? 9.758   -6.993  3.366   1.00 12.84 ? 61  ASP A CA  1 
ATOM   448 C  C   . ASP A 1 61  ? 9.392   -5.856  2.443   1.00 18.00 ? 61  ASP A C   1 
ATOM   449 O  O   . ASP A 1 61  ? 9.887   -4.733  2.590   1.00 7.25  ? 61  ASP A O   1 
ATOM   450 C  CB  . ASP A 1 61  ? 10.956  -7.797  2.866   1.00 32.75 ? 61  ASP A CB  1 
ATOM   451 C  CG  . ASP A 1 61  ? 10.705  -8.310  1.434   1.00 28.71 ? 61  ASP A CG  1 
ATOM   452 O  OD1 . ASP A 1 61  ? 9.572   -8.477  0.950   1.00 32.13 ? 61  ASP A OD1 1 
ATOM   453 O  OD2 . ASP A 1 61  ? 11.753  -8.495  0.794   1.00 33.57 ? 61  ASP A OD2 1 
ATOM   454 N  N   . GLU A 1 62  ? 8.579   -5.963  1.424   1.00 8.03  ? 62  GLU A N   1 
ATOM   455 C  CA  . GLU A 1 62  ? 8.093   -5.030  0.456   1.00 11.87 ? 62  GLU A CA  1 
ATOM   456 C  C   . GLU A 1 62  ? 7.003   -4.225  1.100   1.00 15.74 ? 62  GLU A C   1 
ATOM   457 O  O   . GLU A 1 62  ? 6.708   -3.044  0.771   1.00 12.04 ? 62  GLU A O   1 
ATOM   458 C  CB  . GLU A 1 62  ? 7.575   -5.874  -0.782  1.00 2.00  ? 62  GLU A CB  1 
ATOM   459 C  CG  . GLU A 1 62  ? 8.743   -6.362  -1.640  1.00 9.68  ? 62  GLU A CG  1 
ATOM   460 C  CD  . GLU A 1 62  ? 8.277   -7.275  -2.747  1.00 17.21 ? 62  GLU A CD  1 
ATOM   461 O  OE1 . GLU A 1 62  ? 8.987   -7.632  -3.687  1.00 7.43  ? 62  GLU A OE1 1 
ATOM   462 O  OE2 . GLU A 1 62  ? 7.053   -7.581  -2.700  1.00 3.21  ? 62  GLU A OE2 1 
ATOM   463 N  N   . LEU A 1 63  ? 6.326   -4.921  2.025   1.00 7.93  ? 63  LEU A N   1 
ATOM   464 C  CA  . LEU A 1 63  ? 5.221   -4.277  2.791   1.00 7.79  ? 63  LEU A CA  1 
ATOM   465 C  C   . LEU A 1 63  ? 5.827   -3.214  3.765   1.00 3.90  ? 63  LEU A C   1 
ATOM   466 O  O   . LEU A 1 63  ? 5.173   -2.140  3.901   1.00 21.84 ? 63  LEU A O   1 
ATOM   467 C  CB  . LEU A 1 63  ? 4.341   -5.363  3.413   1.00 7.47  ? 63  LEU A CB  1 
ATOM   468 C  CG  . LEU A 1 63  ? 2.952   -5.014  3.856   1.00 19.06 ? 63  LEU A CG  1 
ATOM   469 C  CD1 . LEU A 1 63  ? 2.188   -4.831  2.543   1.00 14.50 ? 63  LEU A CD1 1 
ATOM   470 C  CD2 . LEU A 1 63  ? 2.398   -6.252  4.537   1.00 11.94 ? 63  LEU A CD2 1 
ATOM   471 N  N   . LYS A 1 64  ? 6.892   -3.579  4.424   1.00 8.36  ? 64  LYS A N   1 
ATOM   472 C  CA  . LYS A 1 64  ? 7.680   -2.748  5.350   1.00 17.61 ? 64  LYS A CA  1 
ATOM   473 C  C   . LYS A 1 64  ? 8.004   -1.492  4.556   1.00 18.84 ? 64  LYS A C   1 
ATOM   474 O  O   . LYS A 1 64  ? 7.885   -0.334  4.992   1.00 16.94 ? 64  LYS A O   1 
ATOM   475 C  CB  . LYS A 1 64  ? 8.689   -3.591  6.047   1.00 10.58 ? 64  LYS A CB  1 
ATOM   476 C  CG  . LYS A 1 64  ? 9.949   -2.958  6.619   1.00 39.36 ? 64  LYS A CG  1 
ATOM   477 C  CD  . LYS A 1 64  ? 11.194  -3.221  5.771   1.00 45.12 ? 64  LYS A CD  1 
ATOM   478 C  CE  . LYS A 1 64  ? 12.277  -2.210  6.114   1.00 48.31 ? 64  LYS A CE  1 
ATOM   479 N  NZ  . LYS A 1 64  ? 13.502  -2.325  5.271   1.00 42.56 ? 64  LYS A NZ  1 
ATOM   480 N  N   . LEU A 1 65  ? 8.324   -1.604  3.263   1.00 9.68  ? 65  LEU A N   1 
ATOM   481 C  CA  . LEU A 1 65  ? 8.648   -0.400  2.518   1.00 7.53  ? 65  LEU A CA  1 
ATOM   482 C  C   . LEU A 1 65  ? 7.595   0.232   1.698   1.00 2.00  ? 65  LEU A C   1 
ATOM   483 O  O   . LEU A 1 65  ? 7.825   1.101   0.794   1.00 5.49  ? 65  LEU A O   1 
ATOM   484 C  CB  . LEU A 1 65  ? 10.024  -0.451  1.853   1.00 20.65 ? 65  LEU A CB  1 
ATOM   485 C  CG  . LEU A 1 65  ? 11.095  -1.345  2.396   1.00 19.47 ? 65  LEU A CG  1 
ATOM   486 C  CD1 . LEU A 1 65  ? 12.047  -1.750  1.295   1.00 11.92 ? 65  LEU A CD1 1 
ATOM   487 C  CD2 . LEU A 1 65  ? 11.730  -0.645  3.566   1.00 22.37 ? 65  LEU A CD2 1 
ATOM   488 N  N   . PHE A 1 66  ? 6.354   -0.121  1.996   1.00 11.78 ? 66  PHE A N   1 
ATOM   489 C  CA  . PHE A 1 66  ? 5.231   0.446   1.338   1.00 2.00  ? 66  PHE A CA  1 
ATOM   490 C  C   . PHE A 1 66  ? 5.187   1.875   0.840   1.00 3.72  ? 66  PHE A C   1 
ATOM   491 O  O   . PHE A 1 66  ? 4.776   2.385   -0.241  1.00 4.22  ? 66  PHE A O   1 
ATOM   492 C  CB  . PHE A 1 66  ? 4.025   0.188   2.354   1.00 5.73  ? 66  PHE A CB  1 
ATOM   493 C  CG  . PHE A 1 66  ? 2.699   0.453   1.610   1.00 2.00  ? 66  PHE A CG  1 
ATOM   494 C  CD1 . PHE A 1 66  ? 1.864   1.501   2.033   1.00 17.13 ? 66  PHE A CD1 1 
ATOM   495 C  CD2 . PHE A 1 66  ? 2.337   -0.345  0.527   1.00 8.34  ? 66  PHE A CD2 1 
ATOM   496 C  CE1 . PHE A 1 66  ? 0.707   1.820   1.373   1.00 11.47 ? 66  PHE A CE1 1 
ATOM   497 C  CE2 . PHE A 1 66  ? 1.122   0.021   -0.081  1.00 8.87  ? 66  PHE A CE2 1 
ATOM   498 C  CZ  . PHE A 1 66  ? 0.283   1.074   0.257   1.00 15.82 ? 66  PHE A CZ  1 
ATOM   499 N  N   . LEU A 1 67  ? 5.293   2.775   1.874   1.00 2.34  ? 67  LEU A N   1 
ATOM   500 C  CA  . LEU A 1 67  ? 5.244   4.240   1.715   1.00 14.96 ? 67  LEU A CA  1 
ATOM   501 C  C   . LEU A 1 67  ? 6.403   4.742   0.835   1.00 13.97 ? 67  LEU A C   1 
ATOM   502 O  O   . LEU A 1 67  ? 6.267   5.819   0.165   1.00 4.44  ? 67  LEU A O   1 
ATOM   503 C  CB  . LEU A 1 67  ? 5.076   4.847   3.113   1.00 8.45  ? 67  LEU A CB  1 
ATOM   504 C  CG  . LEU A 1 67  ? 3.878   4.735   4.082   1.00 5.41  ? 67  LEU A CG  1 
ATOM   505 C  CD1 . LEU A 1 67  ? 4.455   5.271   5.442   1.00 2.91  ? 67  LEU A CD1 1 
ATOM   506 C  CD2 . LEU A 1 67  ? 2.725   5.584   3.553   1.00 10.28 ? 67  LEU A CD2 1 
ATOM   507 N  N   . GLN A 1 68  ? 7.537   4.035   0.813   1.00 2.00  ? 68  GLN A N   1 
ATOM   508 C  CA  . GLN A 1 68  ? 8.729   4.407   0.008   1.00 4.54  ? 68  GLN A CA  1 
ATOM   509 C  C   . GLN A 1 68  ? 8.528   4.361   -1.476  1.00 11.09 ? 68  GLN A C   1 
ATOM   510 O  O   . GLN A 1 68  ? 9.314   4.996   -2.236  1.00 7.03  ? 68  GLN A O   1 
ATOM   511 C  CB  . GLN A 1 68  ? 10.085  3.999   0.535   1.00 14.01 ? 68  GLN A CB  1 
ATOM   512 C  CG  . GLN A 1 68  ? 10.251  4.258   2.038   1.00 21.26 ? 68  GLN A CG  1 
ATOM   513 C  CD  . GLN A 1 68  ? 11.371  3.394   2.580   1.00 23.68 ? 68  GLN A CD  1 
ATOM   514 O  OE1 . GLN A 1 68  ? 11.946  2.565   1.877   1.00 29.42 ? 68  GLN A OE1 1 
ATOM   515 N  NE2 . GLN A 1 68  ? 11.721  3.611   3.846   1.00 24.91 ? 68  GLN A NE2 1 
ATOM   516 N  N   . ASN A 1 69  ? 7.483   3.630   -1.842  1.00 7.30  ? 69  ASN A N   1 
ATOM   517 C  CA  . ASN A 1 69  ? 7.030   3.500   -3.237  1.00 3.73  ? 69  ASN A CA  1 
ATOM   518 C  C   . ASN A 1 69  ? 6.499   4.791   -3.773  1.00 12.25 ? 69  ASN A C   1 
ATOM   519 O  O   . ASN A 1 69  ? 6.609   5.194   -4.932  1.00 6.27  ? 69  ASN A O   1 
ATOM   520 C  CB  . ASN A 1 69  ? 6.006   2.289   -3.343  1.00 2.58  ? 69  ASN A CB  1 
ATOM   521 C  CG  . ASN A 1 69  ? 6.740   1.012   -3.058  1.00 4.02  ? 69  ASN A CG  1 
ATOM   522 O  OD1 . ASN A 1 69  ? 6.472   0.324   -2.075  1.00 21.83 ? 69  ASN A OD1 1 
ATOM   523 N  ND2 . ASN A 1 69  ? 7.672   0.655   -3.938  1.00 9.34  ? 69  ASN A ND2 1 
ATOM   524 N  N   . PHE A 1 70  ? 5.836   5.533   -2.896  1.00 11.95 ? 70  PHE A N   1 
ATOM   525 C  CA  . PHE A 1 70  ? 5.125   6.792   -3.017  1.00 12.97 ? 70  PHE A CA  1 
ATOM   526 C  C   . PHE A 1 70  ? 6.142   7.920   -2.765  1.00 10.35 ? 70  PHE A C   1 
ATOM   527 O  O   . PHE A 1 70  ? 6.094   8.963   -3.472  1.00 12.73 ? 70  PHE A O   1 
ATOM   528 C  CB  . PHE A 1 70  ? 4.020   6.842   -1.944  1.00 11.32 ? 70  PHE A CB  1 
ATOM   529 C  CG  . PHE A 1 70  ? 2.918   5.896   -2.277  1.00 6.82  ? 70  PHE A CG  1 
ATOM   530 C  CD1 . PHE A 1 70  ? 1.870   6.357   -3.060  1.00 9.33  ? 70  PHE A CD1 1 
ATOM   531 C  CD2 . PHE A 1 70  ? 3.072   4.648   -1.706  1.00 7.05  ? 70  PHE A CD2 1 
ATOM   532 C  CE1 . PHE A 1 70  ? 0.859   5.371   -3.346  1.00 2.05  ? 70  PHE A CE1 1 
ATOM   533 C  CE2 . PHE A 1 70  ? 2.082   3.675   -1.945  1.00 10.05 ? 70  PHE A CE2 1 
ATOM   534 C  CZ  . PHE A 1 70  ? 1.033   4.059   -2.789  1.00 6.92  ? 70  PHE A CZ  1 
ATOM   535 N  N   . SER A 1 71  ? 7.066   7.760   -1.841  1.00 15.09 ? 71  SER A N   1 
ATOM   536 C  CA  . SER A 1 71  ? 8.038   8.859   -1.666  1.00 5.54  ? 71  SER A CA  1 
ATOM   537 C  C   . SER A 1 71  ? 9.234   8.308   -0.917  1.00 5.61  ? 71  SER A C   1 
ATOM   538 O  O   . SER A 1 71  ? 9.233   7.909   0.223   1.00 12.88 ? 71  SER A O   1 
ATOM   539 C  CB  . SER A 1 71  ? 7.463   10.004  -0.825  1.00 16.02 ? 71  SER A CB  1 
ATOM   540 O  OG  . SER A 1 71  ? 8.552   10.900  -0.576  1.00 30.49 ? 71  SER A OG  1 
ATOM   541 N  N   . PRO A 1 72  ? 10.377  8.320   -1.650  1.00 9.80  ? 72  PRO A N   1 
ATOM   542 C  CA  . PRO A 1 72  ? 11.631  7.763   -1.196  1.00 12.51 ? 72  PRO A CA  1 
ATOM   543 C  C   . PRO A 1 72  ? 12.142  8.099   0.163   1.00 14.18 ? 72  PRO A C   1 
ATOM   544 O  O   . PRO A 1 72  ? 12.869  7.296   0.780   1.00 17.84 ? 72  PRO A O   1 
ATOM   545 C  CB  . PRO A 1 72  ? 12.615  7.989   -2.350  1.00 21.50 ? 72  PRO A CB  1 
ATOM   546 C  CG  . PRO A 1 72  ? 11.802  8.451   -3.516  1.00 23.67 ? 72  PRO A CG  1 
ATOM   547 C  CD  . PRO A 1 72  ? 10.385  8.762   -3.057  1.00 18.00 ? 72  PRO A CD  1 
ATOM   548 N  N   . SER A 1 73  ? 11.812  9.313   0.620   1.00 22.82 ? 73  SER A N   1 
ATOM   549 C  CA  . SER A 1 73  ? 12.253  9.743   1.958   1.00 28.07 ? 73  SER A CA  1 
ATOM   550 C  C   . SER A 1 73  ? 11.245  9.268   3.008   1.00 25.16 ? 73  SER A C   1 
ATOM   551 O  O   . SER A 1 73  ? 11.464  9.549   4.221   1.00 25.77 ? 73  SER A O   1 
ATOM   552 C  CB  . SER A 1 73  ? 12.180  11.289  1.918   1.00 16.08 ? 73  SER A CB  1 
ATOM   553 O  OG  . SER A 1 73  ? 10.907  11.582  1.327   1.00 14.08 ? 73  SER A OG  1 
ATOM   554 N  N   . ALA A 1 74  ? 10.176  8.577   2.640   1.00 11.70 ? 74  ALA A N   1 
ATOM   555 C  CA  . ALA A 1 74  ? 9.166   8.160   3.642   1.00 6.72  ? 74  ALA A CA  1 
ATOM   556 C  C   . ALA A 1 74  ? 9.740   7.078   4.564   1.00 2.29  ? 74  ALA A C   1 
ATOM   557 O  O   . ALA A 1 74  ? 10.663  6.347   4.233   1.00 9.56  ? 74  ALA A O   1 
ATOM   558 C  CB  . ALA A 1 74  ? 7.925   7.670   2.905   1.00 2.00  ? 74  ALA A CB  1 
ATOM   559 N  N   . ARG A 1 75  ? 9.028   7.028   5.724   1.00 9.33  ? 75  ARG A N   1 
ATOM   560 C  CA  . ARG A 1 75  ? 9.426   6.112   6.762   1.00 7.32  ? 75  ARG A CA  1 
ATOM   561 C  C   . ARG A 1 75  ? 8.912   4.688   6.471   1.00 11.28 ? 75  ARG A C   1 
ATOM   562 O  O   . ARG A 1 75  ? 7.903   4.506   5.831   1.00 11.78 ? 75  ARG A O   1 
ATOM   563 C  CB  . ARG A 1 75  ? 8.777   6.425   8.197   1.00 4.78  ? 75  ARG A CB  1 
ATOM   564 C  CG  . ARG A 1 75  ? 7.238   6.451   8.138   1.00 16.99 ? 75  ARG A CG  1 
ATOM   565 C  CD  . ARG A 1 75  ? 6.660   6.797   9.469   1.00 11.99 ? 75  ARG A CD  1 
ATOM   566 N  NE  . ARG A 1 75  ? 5.274   6.509   9.722   1.00 5.80  ? 75  ARG A NE  1 
ATOM   567 C  CZ  . ARG A 1 75  ? 4.613   5.423   10.005  1.00 2.92  ? 75  ARG A CZ  1 
ATOM   568 N  NH1 . ARG A 1 75  ? 5.288   4.283   10.155  1.00 3.51  ? 75  ARG A NH1 1 
ATOM   569 N  NH2 . ARG A 1 75  ? 3.332   5.560   10.123  1.00 9.88  ? 75  ARG A NH2 1 
ATOM   570 N  N   . ALA A 1 76  ? 9.703   3.779   6.992   1.00 11.19 ? 76  ALA A N   1 
ATOM   571 C  CA  . ALA A 1 76  ? 9.371   2.358   6.909   1.00 8.78  ? 76  ALA A CA  1 
ATOM   572 C  C   . ALA A 1 76  ? 8.138   2.171   7.830   1.00 13.04 ? 76  ALA A C   1 
ATOM   573 O  O   . ALA A 1 76  ? 7.851   2.887   8.834   1.00 9.43  ? 76  ALA A O   1 
ATOM   574 C  CB  . ALA A 1 76  ? 10.375  1.318   7.399   1.00 14.81 ? 76  ALA A CB  1 
ATOM   575 N  N   . LEU A 1 77  ? 7.328   1.159   7.505   1.00 15.50 ? 77  LEU A N   1 
ATOM   576 C  CA  . LEU A 1 77  ? 6.171   0.862   8.335   1.00 10.50 ? 77  LEU A CA  1 
ATOM   577 C  C   . LEU A 1 77  ? 6.732   0.037   9.518   1.00 10.84 ? 77  LEU A C   1 
ATOM   578 O  O   . LEU A 1 77  ? 7.683   -0.761  9.497   1.00 18.13 ? 77  LEU A O   1 
ATOM   579 C  CB  . LEU A 1 77  ? 5.082   -0.078  7.748   1.00 7.37  ? 77  LEU A CB  1 
ATOM   580 C  CG  . LEU A 1 77  ? 4.328   0.356   6.486   1.00 15.72 ? 77  LEU A CG  1 
ATOM   581 C  CD1 . LEU A 1 77  ? 3.217   -0.652  6.166   1.00 10.57 ? 77  LEU A CD1 1 
ATOM   582 C  CD2 . LEU A 1 77  ? 3.858   1.776   6.667   1.00 14.24 ? 77  LEU A CD2 1 
ATOM   583 N  N   . THR A 1 78  ? 6.018   0.216   10.630  1.00 15.73 ? 78  THR A N   1 
ATOM   584 C  CA  . THR A 1 78  ? 6.442   -0.505  11.858  1.00 18.61 ? 78  THR A CA  1 
ATOM   585 C  C   . THR A 1 78  ? 5.960   -1.990  11.775  1.00 12.22 ? 78  THR A C   1 
ATOM   586 O  O   . THR A 1 78  ? 5.161   -2.223  10.891  1.00 12.80 ? 78  THR A O   1 
ATOM   587 C  CB  . THR A 1 78  ? 5.798   0.106   13.113  1.00 10.26 ? 78  THR A CB  1 
ATOM   588 O  OG1 . THR A 1 78  ? 4.443   -0.320  13.133  1.00 5.05  ? 78  THR A OG1 1 
ATOM   589 C  CG2 . THR A 1 78  ? 5.740   1.565   13.524  1.00 7.45  ? 78  THR A CG2 1 
ATOM   590 N  N   . ASP A 1 79  ? 6.390   -2.872  12.598  1.00 25.08 ? 79  ASP A N   1 
ATOM   591 C  CA  . ASP A 1 79  ? 5.962   -4.275  12.639  1.00 20.87 ? 79  ASP A CA  1 
ATOM   592 C  C   . ASP A 1 79  ? 4.468   -4.337  12.912  1.00 16.21 ? 79  ASP A C   1 
ATOM   593 O  O   . ASP A 1 79  ? 3.601   -5.030  12.316  1.00 23.40 ? 79  ASP A O   1 
ATOM   594 C  CB  . ASP A 1 79  ? 6.597   -4.907  13.893  1.00 43.80 ? 79  ASP A CB  1 
ATOM   595 C  CG  . ASP A 1 79  ? 7.872   -5.654  13.527  1.00 62.24 ? 79  ASP A CG  1 
ATOM   596 O  OD1 . ASP A 1 79  ? 8.828   -4.986  13.084  1.00 67.28 ? 79  ASP A OD1 1 
ATOM   597 O  OD2 . ASP A 1 79  ? 7.836   -6.898  13.701  1.00 69.97 ? 79  ASP A OD2 1 
ATOM   598 N  N   . ALA A 1 80  ? 4.063   -3.541  13.901  1.00 8.04  ? 80  ALA A N   1 
ATOM   599 C  CA  . ALA A 1 80  ? 2.563   -3.648  14.136  1.00 14.57 ? 80  ALA A CA  1 
ATOM   600 C  C   . ALA A 1 80  ? 1.774   -3.092  12.962  1.00 14.02 ? 80  ALA A C   1 
ATOM   601 O  O   . ALA A 1 80  ? 0.566   -3.272  12.689  1.00 17.52 ? 80  ALA A O   1 
ATOM   602 C  CB  . ALA A 1 80  ? 2.377   -2.752  15.385  1.00 25.91 ? 80  ALA A CB  1 
ATOM   603 N  N   . GLU A 1 81  ? 2.460   -2.253  12.167  1.00 18.71 ? 81  GLU A N   1 
ATOM   604 C  CA  . GLU A 1 81  ? 1.753   -1.624  11.003  1.00 11.01 ? 81  GLU A CA  1 
ATOM   605 C  C   . GLU A 1 81  ? 1.672   -2.710  9.920   1.00 5.49  ? 81  GLU A C   1 
ATOM   606 O  O   . GLU A 1 81  ? 0.608   -2.772  9.310   1.00 2.00  ? 81  GLU A O   1 
ATOM   607 C  CB  . GLU A 1 81  ? 2.433   -0.327  10.552  1.00 14.65 ? 81  GLU A CB  1 
ATOM   608 C  CG  . GLU A 1 81  ? 1.754   0.810   11.355  1.00 3.98  ? 81  GLU A CG  1 
ATOM   609 C  CD  . GLU A 1 81  ? 2.454   2.173   11.149  1.00 8.34  ? 81  GLU A CD  1 
ATOM   610 O  OE1 . GLU A 1 81  ? 1.887   3.196   11.369  1.00 16.32 ? 81  GLU A OE1 1 
ATOM   611 O  OE2 . GLU A 1 81  ? 3.589   1.937   10.669  1.00 6.72  ? 81  GLU A OE2 1 
ATOM   612 N  N   . THR A 1 82  ? 2.830   -3.341  9.908   1.00 5.58  ? 82  THR A N   1 
ATOM   613 C  CA  . THR A 1 82  ? 2.867   -4.346  8.813   1.00 13.90 ? 82  THR A CA  1 
ATOM   614 C  C   . THR A 1 82  ? 2.007   -5.533  9.183   1.00 19.95 ? 82  THR A C   1 
ATOM   615 O  O   . THR A 1 82  ? 1.468   -6.217  8.293   1.00 8.36  ? 82  THR A O   1 
ATOM   616 C  CB  . THR A 1 82  ? 4.379   -4.844  8.729   1.00 13.07 ? 82  THR A CB  1 
ATOM   617 O  OG1 . THR A 1 82  ? 5.114   -3.565  8.530   1.00 16.99 ? 82  THR A OG1 1 
ATOM   618 C  CG2 . THR A 1 82  ? 4.630   -5.649  7.440   1.00 26.74 ? 82  THR A CG2 1 
ATOM   619 N  N   . LYS A 1 83  ? 1.885   -5.837  10.440  1.00 18.05 ? 83  LYS A N   1 
ATOM   620 C  CA  . LYS A 1 83  ? 1.091   -7.005  10.846  1.00 11.67 ? 83  LYS A CA  1 
ATOM   621 C  C   . LYS A 1 83  ? -0.364  -6.810  10.563  1.00 17.59 ? 83  LYS A C   1 
ATOM   622 O  O   . LYS A 1 83  ? -1.026  -7.743  10.068  1.00 17.37 ? 83  LYS A O   1 
ATOM   623 C  CB  . LYS A 1 83  ? 1.242   -7.216  12.373  1.00 23.77 ? 83  LYS A CB  1 
ATOM   624 C  CG  . LYS A 1 83  ? 1.467   -8.658  12.816  1.00 32.62 ? 83  LYS A CG  1 
ATOM   625 C  CD  . LYS A 1 83  ? 0.658   -8.925  14.088  1.00 51.39 ? 83  LYS A CD  1 
ATOM   626 C  CE  . LYS A 1 83  ? -0.128  -10.225 14.056  1.00 53.18 ? 83  LYS A CE  1 
ATOM   627 N  NZ  . LYS A 1 83  ? -1.549  -10.046 13.659  1.00 54.08 ? 83  LYS A NZ  1 
ATOM   628 N  N   . ALA A 1 84  ? -0.749  -5.609  10.898  1.00 12.76 ? 84  ALA A N   1 
ATOM   629 C  CA  . ALA A 1 84  ? -2.158  -5.276  10.690  1.00 7.56  ? 84  ALA A CA  1 
ATOM   630 C  C   . ALA A 1 84  ? -2.482  -5.314  9.194   1.00 2.00  ? 84  ALA A C   1 
ATOM   631 O  O   . ALA A 1 84  ? -3.717  -5.551  8.907   1.00 6.48  ? 84  ALA A O   1 
ATOM   632 C  CB  . ALA A 1 84  ? -2.448  -3.863  11.217  1.00 19.05 ? 84  ALA A CB  1 
ATOM   633 N  N   . PHE A 1 85  ? -1.601  -4.964  8.320   1.00 10.14 ? 85  PHE A N   1 
ATOM   634 C  CA  . PHE A 1 85  ? -1.826  -4.929  6.829   1.00 10.65 ? 85  PHE A CA  1 
ATOM   635 C  C   . PHE A 1 85  ? -2.134  -6.333  6.294   1.00 2.92  ? 85  PHE A C   1 
ATOM   636 O  O   . PHE A 1 85  ? -3.131  -6.522  5.526   1.00 7.74  ? 85  PHE A O   1 
ATOM   637 C  CB  . PHE A 1 85  ? -0.687  -4.162  6.134   1.00 16.59 ? 85  PHE A CB  1 
ATOM   638 C  CG  . PHE A 1 85  ? -0.830  -3.521  4.783   1.00 12.95 ? 85  PHE A CG  1 
ATOM   639 C  CD1 . PHE A 1 85  ? -1.484  -4.217  3.739   1.00 29.19 ? 85  PHE A CD1 1 
ATOM   640 C  CD2 . PHE A 1 85  ? -0.334  -2.241  4.479   1.00 24.88 ? 85  PHE A CD2 1 
ATOM   641 C  CE1 . PHE A 1 85  ? -1.674  -3.722  2.441   1.00 14.35 ? 85  PHE A CE1 1 
ATOM   642 C  CE2 . PHE A 1 85  ? -0.471  -1.710  3.176   1.00 5.64  ? 85  PHE A CE2 1 
ATOM   643 C  CZ  . PHE A 1 85  ? -1.156  -2.455  2.180   1.00 21.49 ? 85  PHE A CZ  1 
ATOM   644 N  N   . LEU A 1 86  ? -1.313  -7.247  6.665   1.00 16.65 ? 86  LEU A N   1 
ATOM   645 C  CA  . LEU A 1 86  ? -1.381  -8.643  6.226   1.00 16.57 ? 86  LEU A CA  1 
ATOM   646 C  C   . LEU A 1 86  ? -2.606  -9.238  6.871   1.00 21.09 ? 86  LEU A C   1 
ATOM   647 O  O   . LEU A 1 86  ? -3.335  -9.966  6.234   1.00 18.15 ? 86  LEU A O   1 
ATOM   648 C  CB  . LEU A 1 86  ? -0.124  -9.261  6.803   1.00 7.58  ? 86  LEU A CB  1 
ATOM   649 C  CG  . LEU A 1 86  ? 0.753   -10.218 6.014   1.00 23.86 ? 86  LEU A CG  1 
ATOM   650 C  CD1 . LEU A 1 86  ? 0.715   -9.898  4.530   1.00 8.70  ? 86  LEU A CD1 1 
ATOM   651 C  CD2 . LEU A 1 86  ? 2.154   -10.124 6.583   1.00 15.63 ? 86  LEU A CD2 1 
ATOM   652 N  N   . ALA A 1 87  ? -2.690  -8.921  8.166   1.00 13.53 ? 87  ALA A N   1 
ATOM   653 C  CA  . ALA A 1 87  ? -3.858  -9.465  8.891   1.00 17.66 ? 87  ALA A CA  1 
ATOM   654 C  C   . ALA A 1 87  ? -5.137  -9.225  8.144   1.00 19.36 ? 87  ALA A C   1 
ATOM   655 O  O   . ALA A 1 87  ? -5.883  -10.265 8.063   1.00 23.86 ? 87  ALA A O   1 
ATOM   656 C  CB  . ALA A 1 87  ? -3.956  -9.086  10.335  1.00 11.37 ? 87  ALA A CB  1 
ATOM   657 N  N   . ASP A 1 88  ? -5.363  -8.025  7.593   1.00 6.80  ? 88  ASP A N   1 
ATOM   658 C  CA  . ASP A 1 88  ? -6.590  -7.798  6.874   1.00 3.95  ? 88  ASP A CA  1 
ATOM   659 C  C   . ASP A 1 88  ? -6.389  -8.163  5.391   1.00 9.35  ? 88  ASP A C   1 
ATOM   660 O  O   . ASP A 1 88  ? -7.352  -8.543  4.684   1.00 17.26 ? 88  ASP A O   1 
ATOM   661 C  CB  . ASP A 1 88  ? -6.792  -6.256  6.940   1.00 9.74  ? 88  ASP A CB  1 
ATOM   662 C  CG  . ASP A 1 88  ? -7.979  -5.806  6.124   1.00 30.67 ? 88  ASP A CG  1 
ATOM   663 O  OD1 . ASP A 1 88  ? -8.870  -6.545  5.644   1.00 30.21 ? 88  ASP A OD1 1 
ATOM   664 O  OD2 . ASP A 1 88  ? -8.041  -4.567  5.889   1.00 18.64 ? 88  ASP A OD2 1 
ATOM   665 N  N   . GLY A 1 89  ? -5.204  -8.135  4.838   1.00 8.77  ? 89  GLY A N   1 
ATOM   666 C  CA  . GLY A 1 89  ? -5.181  -8.437  3.369   1.00 4.39  ? 89  GLY A CA  1 
ATOM   667 C  C   . GLY A 1 89  ? -4.816  -9.927  3.041   1.00 4.92  ? 89  GLY A C   1 
ATOM   668 O  O   . GLY A 1 89  ? -5.362  -10.285 1.982   1.00 4.76  ? 89  GLY A O   1 
ATOM   669 N  N   . ASP A 1 90  ? -4.086  -10.498 3.932   1.00 8.47  ? 90  ASP A N   1 
ATOM   670 C  CA  . ASP A 1 90  ? -3.783  -11.892 3.591   1.00 2.00  ? 90  ASP A CA  1 
ATOM   671 C  C   . ASP A 1 90  ? -4.968  -12.863 3.906   1.00 11.06 ? 90  ASP A C   1 
ATOM   672 O  O   . ASP A 1 90  ? -4.868  -13.513 4.967   1.00 17.47 ? 90  ASP A O   1 
ATOM   673 C  CB  . ASP A 1 90  ? -2.554  -12.453 4.208   1.00 2.00  ? 90  ASP A CB  1 
ATOM   674 C  CG  . ASP A 1 90  ? -2.086  -13.877 4.018   1.00 4.49  ? 90  ASP A CG  1 
ATOM   675 O  OD1 . ASP A 1 90  ? -1.263  -14.426 4.801   1.00 10.17 ? 90  ASP A OD1 1 
ATOM   676 O  OD2 . ASP A 1 90  ? -2.551  -14.243 2.946   1.00 7.78  ? 90  ASP A OD2 1 
ATOM   677 N  N   . LYS A 1 91  ? -5.876  -12.925 2.984   1.00 11.52 ? 91  LYS A N   1 
ATOM   678 C  CA  . LYS A 1 91  ? -7.005  -13.868 3.113   1.00 6.05  ? 91  LYS A CA  1 
ATOM   679 C  C   . LYS A 1 91  ? -6.737  -15.376 2.923   1.00 14.16 ? 91  LYS A C   1 
ATOM   680 O  O   . LYS A 1 91  ? -7.622  -16.072 3.468   1.00 14.42 ? 91  LYS A O   1 
ATOM   681 C  CB  . LYS A 1 91  ? -8.145  -13.566 2.138   1.00 20.58 ? 91  LYS A CB  1 
ATOM   682 C  CG  . LYS A 1 91  ? -8.736  -12.161 2.270   1.00 30.83 ? 91  LYS A CG  1 
ATOM   683 C  CD  . LYS A 1 91  ? -8.886  -11.670 3.705   1.00 15.65 ? 91  LYS A CD  1 
ATOM   684 C  CE  . LYS A 1 91  ? -9.926  -10.573 3.649   1.00 14.69 ? 91  LYS A CE  1 
ATOM   685 N  NZ  . LYS A 1 91  ? -9.855  -9.903  5.017   1.00 4.25  ? 91  LYS A NZ  1 
ATOM   686 N  N   . ASP A 1 92  ? -5.673  -15.904 2.380   1.00 10.32 ? 92  ASP A N   1 
ATOM   687 C  CA  . ASP A 1 92  ? -5.453  -17.336 2.161   1.00 14.85 ? 92  ASP A CA  1 
ATOM   688 C  C   . ASP A 1 92  ? -4.465  -17.866 3.141   1.00 15.26 ? 92  ASP A C   1 
ATOM   689 O  O   . ASP A 1 92  ? -4.206  -19.070 3.157   1.00 18.23 ? 92  ASP A O   1 
ATOM   690 C  CB  . ASP A 1 92  ? -5.292  -17.748 0.689   1.00 15.44 ? 92  ASP A CB  1 
ATOM   691 C  CG  . ASP A 1 92  ? -4.133  -16.953 0.068   1.00 29.01 ? 92  ASP A CG  1 
ATOM   692 O  OD1 . ASP A 1 92  ? -3.429  -16.231 0.824   1.00 13.59 ? 92  ASP A OD1 1 
ATOM   693 O  OD2 . ASP A 1 92  ? -3.913  -17.054 -1.172  1.00 25.05 ? 92  ASP A OD2 1 
ATOM   694 N  N   . GLY A 1 93  ? -3.945  -16.906 3.903   1.00 11.48 ? 93  GLY A N   1 
ATOM   695 C  CA  . GLY A 1 93  ? -3.065  -17.330 4.976   1.00 12.07 ? 93  GLY A CA  1 
ATOM   696 C  C   . GLY A 1 93  ? -1.680  -17.683 4.540   1.00 13.89 ? 93  GLY A C   1 
ATOM   697 O  O   . GLY A 1 93  ? -0.964  -18.258 5.361   1.00 21.23 ? 93  GLY A O   1 
ATOM   698 N  N   . ASP A 1 94  ? -1.376  -17.261 3.333   1.00 18.11 ? 94  ASP A N   1 
ATOM   699 C  CA  . ASP A 1 94  ? 0.008   -17.594 2.957   1.00 11.75 ? 94  ASP A CA  1 
ATOM   700 C  C   . ASP A 1 94  ? 1.080   -16.642 3.422   1.00 17.50 ? 94  ASP A C   1 
ATOM   701 O  O   . ASP A 1 94  ? 2.254   -16.952 3.164   1.00 14.13 ? 94  ASP A O   1 
ATOM   702 C  CB  . ASP A 1 94  ? 0.008   -17.921 1.448   1.00 17.28 ? 94  ASP A CB  1 
ATOM   703 C  CG  . ASP A 1 94  ? -0.065  -16.657 0.583   1.00 17.73 ? 94  ASP A CG  1 
ATOM   704 O  OD1 . ASP A 1 94  ? -0.334  -15.571 1.087   1.00 12.41 ? 94  ASP A OD1 1 
ATOM   705 O  OD2 . ASP A 1 94  ? 0.113   -16.769 -0.663  1.00 10.43 ? 94  ASP A OD2 1 
ATOM   706 N  N   . GLY A 1 95  ? 0.755   -15.520 4.037   1.00 15.15 ? 95  GLY A N   1 
ATOM   707 C  CA  . GLY A 1 95  ? 1.830   -14.628 4.456   1.00 18.18 ? 95  GLY A CA  1 
ATOM   708 C  C   . GLY A 1 95  ? 2.318   -13.539 3.473   1.00 12.96 ? 95  GLY A C   1 
ATOM   709 O  O   . GLY A 1 95  ? 3.277   -12.824 3.879   1.00 23.29 ? 95  GLY A O   1 
ATOM   710 N  N   . MET A 1 96  ? 1.647   -13.517 2.324   1.00 13.71 ? 96  MET A N   1 
ATOM   711 C  CA  . MET A 1 96  ? 1.874   -12.609 1.202   1.00 16.35 ? 96  MET A CA  1 
ATOM   712 C  C   . MET A 1 96  ? 0.544   -12.076 0.766   1.00 11.81 ? 96  MET A C   1 
ATOM   713 O  O   . MET A 1 96  ? -0.496  -12.662 1.115   1.00 9.49  ? 96  MET A O   1 
ATOM   714 C  CB  . MET A 1 96  ? 2.528   -13.316 0.000   1.00 8.03  ? 96  MET A CB  1 
ATOM   715 C  CG  . MET A 1 96  ? 3.906   -13.750 0.422   1.00 23.54 ? 96  MET A CG  1 
ATOM   716 S  SD  . MET A 1 96  ? 4.114   -15.063 -0.857  1.00 16.80 ? 96  MET A SD  1 
ATOM   717 C  CE  . MET A 1 96  ? 5.581   -15.786 -0.225  1.00 12.46 ? 96  MET A CE  1 
ATOM   718 N  N   . ILE A 1 97  ? 0.564   -10.996 -0.010  1.00 2.33  ? 97  ILE A N   1 
ATOM   719 C  CA  . ILE A 1 97  ? -0.679  -10.356 -0.558  1.00 5.50  ? 97  ILE A CA  1 
ATOM   720 C  C   . ILE A 1 97  ? -0.427  -10.526 -2.030  1.00 9.61  ? 97  ILE A C   1 
ATOM   721 O  O   . ILE A 1 97  ? 0.545   -10.133 -2.678  1.00 8.84  ? 97  ILE A O   1 
ATOM   722 C  CB  . ILE A 1 97  ? -0.708  -8.809  -0.274  1.00 9.39  ? 97  ILE A CB  1 
ATOM   723 C  CG1 . ILE A 1 97  ? -0.618  -8.725  1.271   1.00 17.63 ? 97  ILE A CG1 1 
ATOM   724 C  CG2 . ILE A 1 97  ? -1.905  -8.062  -0.880  1.00 11.76 ? 97  ILE A CG2 1 
ATOM   725 C  CD1 . ILE A 1 97  ? -1.585  -7.619  1.775   1.00 9.24  ? 97  ILE A CD1 1 
ATOM   726 N  N   . GLY A 1 98  ? -1.476  -11.182 -2.524  1.00 13.83 ? 98  GLY A N   1 
ATOM   727 C  CA  . GLY A 1 98  ? -1.330  -11.412 -3.958  1.00 4.46  ? 98  GLY A CA  1 
ATOM   728 C  C   . GLY A 1 98  ? -2.148  -10.323 -4.627  1.00 4.72  ? 98  GLY A C   1 
ATOM   729 O  O   . GLY A 1 98  ? -2.891  -9.612  -3.944  1.00 11.33 ? 98  GLY A O   1 
ATOM   730 N  N   . VAL A 1 99  ? -2.171  -10.174 -5.965  1.00 10.96 ? 99  VAL A N   1 
ATOM   731 C  CA  . VAL A 1 99  ? -2.856  -9.197  -6.760  1.00 9.12  ? 99  VAL A CA  1 
ATOM   732 C  C   . VAL A 1 99  ? -4.352  -9.065  -6.382  1.00 12.85 ? 99  VAL A C   1 
ATOM   733 O  O   . VAL A 1 99  ? -4.884  -7.963  -6.207  1.00 5.57  ? 99  VAL A O   1 
ATOM   734 C  CB  . VAL A 1 99  ? -2.705  -9.133  -8.296  1.00 3.72  ? 99  VAL A CB  1 
ATOM   735 C  CG1 . VAL A 1 99  ? -3.434  -10.255 -9.047  1.00 12.33 ? 99  VAL A CG1 1 
ATOM   736 C  CG2 . VAL A 1 99  ? -2.893  -7.871  -9.132  1.00 2.00  ? 99  VAL A CG2 1 
ATOM   737 N  N   . ASP A 1 100 ? -5.090  -10.170 -6.354  1.00 2.99  ? 100 ASP A N   1 
ATOM   738 C  CA  . ASP A 1 100 ? -6.467  -10.254 -5.992  1.00 2.60  ? 100 ASP A CA  1 
ATOM   739 C  C   . ASP A 1 100 ? -6.758  -9.827  -4.520  1.00 5.80  ? 100 ASP A C   1 
ATOM   740 O  O   . ASP A 1 100 ? -7.795  -9.192  -4.479  1.00 9.41  ? 100 ASP A O   1 
ATOM   741 C  CB  . ASP A 1 100 ? -7.189  -11.514 -6.384  1.00 7.32  ? 100 ASP A CB  1 
ATOM   742 C  CG  . ASP A 1 100 ? -7.200  -11.801 -7.887  1.00 29.13 ? 100 ASP A CG  1 
ATOM   743 O  OD1 . ASP A 1 100 ? -6.904  -12.935 -8.293  1.00 36.26 ? 100 ASP A OD1 1 
ATOM   744 O  OD2 . ASP A 1 100 ? -7.491  -10.865 -8.647  1.00 26.97 ? 100 ASP A OD2 1 
ATOM   745 N  N   . GLU A 1 101 ? -5.917  -10.245 -3.649  1.00 6.39  ? 101 GLU A N   1 
ATOM   746 C  CA  . GLU A 1 101 ? -6.042  -9.819  -2.221  1.00 13.09 ? 101 GLU A CA  1 
ATOM   747 C  C   . GLU A 1 101 ? -5.795  -8.301  -2.123  1.00 14.81 ? 101 GLU A C   1 
ATOM   748 O  O   . GLU A 1 101 ? -6.559  -7.641  -1.398  1.00 7.18  ? 101 GLU A O   1 
ATOM   749 C  CB  . GLU A 1 101 ? -4.976  -10.590 -1.426  1.00 8.07  ? 101 GLU A CB  1 
ATOM   750 C  CG  . GLU A 1 101 ? -5.320  -12.058 -1.115  1.00 5.53  ? 101 GLU A CG  1 
ATOM   751 C  CD  . GLU A 1 101 ? -4.313  -12.777 -0.328  1.00 2.00  ? 101 GLU A CD  1 
ATOM   752 O  OE1 . GLU A 1 101 ? -3.099  -12.381 -0.515  1.00 6.42  ? 101 GLU A OE1 1 
ATOM   753 O  OE2 . GLU A 1 101 ? -4.132  -13.730 0.442   1.00 6.04  ? 101 GLU A OE2 1 
ATOM   754 N  N   . PHE A 1 102 ? -4.832  -7.779  -2.882  1.00 9.65  ? 102 PHE A N   1 
ATOM   755 C  CA  . PHE A 1 102 ? -4.600  -6.329  -2.918  1.00 2.15  ? 102 PHE A CA  1 
ATOM   756 C  C   . PHE A 1 102 ? -5.807  -5.542  -3.355  1.00 2.00  ? 102 PHE A C   1 
ATOM   757 O  O   . PHE A 1 102 ? -6.415  -4.576  -2.801  1.00 2.00  ? 102 PHE A O   1 
ATOM   758 C  CB  . PHE A 1 102 ? -3.442  -6.006  -3.852  1.00 2.19  ? 102 PHE A CB  1 
ATOM   759 C  CG  . PHE A 1 102 ? -2.909  -4.596  -3.667  1.00 6.94  ? 102 PHE A CG  1 
ATOM   760 C  CD1 . PHE A 1 102 ? -3.157  -3.678  -4.641  1.00 5.30  ? 102 PHE A CD1 1 
ATOM   761 C  CD2 . PHE A 1 102 ? -2.133  -4.193  -2.543  1.00 12.15 ? 102 PHE A CD2 1 
ATOM   762 C  CE1 . PHE A 1 102 ? -2.738  -2.376  -4.716  1.00 4.14  ? 102 PHE A CE1 1 
ATOM   763 C  CE2 . PHE A 1 102 ? -1.704  -2.835  -2.562  1.00 13.35 ? 102 PHE A CE2 1 
ATOM   764 C  CZ  . PHE A 1 102 ? -1.993  -1.969  -3.609  1.00 6.51  ? 102 PHE A CZ  1 
ATOM   765 N  N   . ALA A 1 103 ? -6.340  -5.919  -4.518  1.00 3.17  ? 103 ALA A N   1 
ATOM   766 C  CA  . ALA A 1 103 ? -7.503  -5.159  -5.070  1.00 7.65  ? 103 ALA A CA  1 
ATOM   767 C  C   . ALA A 1 103 ? -8.755  -5.132  -4.282  1.00 12.68 ? 103 ALA A C   1 
ATOM   768 O  O   . ALA A 1 103 ? -9.607  -4.259  -4.301  1.00 11.85 ? 103 ALA A O   1 
ATOM   769 C  CB  . ALA A 1 103 ? -7.950  -5.652  -6.445  1.00 11.51 ? 103 ALA A CB  1 
ATOM   770 N  N   . ALA A 1 104 ? -8.865  -6.202  -3.528  1.00 12.62 ? 104 ALA A N   1 
ATOM   771 C  CA  . ALA A 1 104 ? -9.968  -6.514  -2.604  1.00 10.03 ? 104 ALA A CA  1 
ATOM   772 C  C   . ALA A 1 104 ? -9.833  -5.514  -1.417  1.00 2.01  ? 104 ALA A C   1 
ATOM   773 O  O   . ALA A 1 104 ? -10.800 -4.884  -0.907  1.00 20.16 ? 104 ALA A O   1 
ATOM   774 C  CB  . ALA A 1 104 ? -9.722  -7.979  -2.250  1.00 17.82 ? 104 ALA A CB  1 
ATOM   775 N  N   . MET A 1 105 ? -8.656  -5.400  -0.881  1.00 5.17  ? 105 MET A N   1 
ATOM   776 C  CA  . MET A 1 105 ? -8.479  -4.452  0.202   1.00 4.01  ? 105 MET A CA  1 
ATOM   777 C  C   . MET A 1 105 ? -8.632  -3.046  -0.352  1.00 18.65 ? 105 MET A C   1 
ATOM   778 O  O   . MET A 1 105 ? -9.157  -2.156  0.340   1.00 8.64  ? 105 MET A O   1 
ATOM   779 C  CB  . MET A 1 105 ? -6.944  -4.496  0.565   1.00 4.72  ? 105 MET A CB  1 
ATOM   780 C  CG  . MET A 1 105 ? -6.757  -4.473  2.059   1.00 31.42 ? 105 MET A CG  1 
ATOM   781 S  SD  . MET A 1 105 ? -5.026  -4.983  2.499   1.00 34.03 ? 105 MET A SD  1 
ATOM   782 C  CE  . MET A 1 105 ? -4.478  -5.231  0.858   1.00 11.87 ? 105 MET A CE  1 
ATOM   783 N  N   . ILE A 1 106 ? -8.179  -2.756  -1.550  1.00 23.53 ? 106 ILE A N   1 
ATOM   784 C  CA  . ILE A 1 106 ? -8.431  -1.327  -1.869  1.00 21.59 ? 106 ILE A CA  1 
ATOM   785 C  C   . ILE A 1 106 ? -9.887  -1.114  -2.135  1.00 25.78 ? 106 ILE A C   1 
ATOM   786 O  O   . ILE A 1 106 ? -10.395 -0.002  -2.209  1.00 31.61 ? 106 ILE A O   1 
ATOM   787 C  CB  . ILE A 1 106 ? -7.512  -0.959  -3.083  1.00 18.00 ? 106 ILE A CB  1 
ATOM   788 C  CG1 . ILE A 1 106 ? -6.231  -0.559  -2.302  1.00 10.45 ? 106 ILE A CG1 1 
ATOM   789 C  CG2 . ILE A 1 106 ? -8.041  0.178   -3.979  1.00 30.10 ? 106 ILE A CG2 1 
ATOM   790 C  CD1 . ILE A 1 106 ? -4.986  -1.294  -2.847  1.00 25.27 ? 106 ILE A CD1 1 
ATOM   791 N  N   . LYS A 1 107 ? -10.668 -2.157  -2.323  1.00 33.90 ? 107 LYS A N   1 
ATOM   792 C  CA  . LYS A 1 107 ? -12.096 -1.967  -2.639  1.00 44.34 ? 107 LYS A CA  1 
ATOM   793 C  C   . LYS A 1 107 ? -13.113 -1.847  -1.520  1.00 48.03 ? 107 LYS A C   1 
ATOM   794 O  O   . LYS A 1 107 ? -13.159 -2.549  -0.490  1.00 45.55 ? 107 LYS A O   1 
ATOM   795 C  CB  . LYS A 1 107 ? -12.496 -3.066  -3.616  1.00 50.57 ? 107 LYS A CB  1 
ATOM   796 C  CG  . LYS A 1 107 ? -13.501 -2.719  -4.703  1.00 55.05 ? 107 LYS A CG  1 
ATOM   797 C  CD  . LYS A 1 107 ? -14.141 -3.996  -5.259  1.00 64.11 ? 107 LYS A CD  1 
ATOM   798 C  CE  . LYS A 1 107 ? -15.201 -3.757  -6.314  1.00 69.44 ? 107 LYS A CE  1 
ATOM   799 N  NZ  . LYS A 1 107 ? -15.994 -4.977  -6.638  1.00 68.88 ? 107 LYS A NZ  1 
ATOM   800 N  N   . ALA A 1 108 ? -13.978 -0.871  -1.814  1.00 46.80 ? 108 ALA A N   1 
ATOM   801 C  CA  . ALA A 1 108 ? -15.106 -0.535  -0.910  0.00 0.00  ? 108 ALA A CA  1 
ATOM   802 C  C   . ALA A 1 108 ? -15.599 0.894   -1.191  0.00 0.00  ? 108 ALA A C   1 
ATOM   803 O  O   . ALA A 1 108 ? -15.325 1.273   -2.380  0.00 0.00  ? 108 ALA A O   1 
ATOM   804 C  CB  . ALA A 1 108 ? -14.701 -0.860  0.530   0.00 0.00  ? 108 ALA A CB  1 
ATOM   805 O  OXT . ALA A 1 108 ? -16.225 1.617   -0.358  0.00 0.00  ? 108 ALA A OXT 1 
HETATM 806 CA CA  . CA  B 2 .   ? -2.071  -14.300 0.647   1.00 7.77  ? 110 CA  A CA  1 
HETATM 807 CA CA  . CA  C 2 .   ? 7.383   -9.399  -4.416  1.00 6.67  ? 111 CA  A CA  1 
HETATM 808 N  N   . NH4 D 3 .   ? 10.473  -10.291 -1.565  1.00 7.37  ? 223 NH4 A N   1 
HETATM 809 O  O   . HOH E 4 .   ? 9.374   6.935   -4.972  1.00 29.24 ? 200 HOH A O   1 
HETATM 810 O  O   . HOH E 4 .   ? 13.317  4.682   -1.514  1.00 44.93 ? 201 HOH A O   1 
HETATM 811 O  O   . HOH E 4 .   ? -7.999  9.364   -7.361  1.00 33.98 ? 202 HOH A O   1 
HETATM 812 O  O   . HOH E 4 .   ? -1.315  18.839  -0.275  1.00 22.80 ? 203 HOH A O   1 
HETATM 813 O  O   . HOH E 4 .   ? 4.587   14.896  3.373   1.00 14.37 ? 204 HOH A O   1 
HETATM 814 O  O   . HOH E 4 .   ? 4.617   9.045   6.384   1.00 21.58 ? 205 HOH A O   1 
HETATM 815 O  O   . HOH E 4 .   ? -3.601  15.160  5.474   1.00 9.55  ? 206 HOH A O   1 
HETATM 816 O  O   . HOH E 4 .   ? 1.396   15.134  10.952  1.00 25.04 ? 207 HOH A O   1 
HETATM 817 O  O   . HOH E 4 .   ? 5.223   13.037  13.386  1.00 13.42 ? 208 HOH A O   1 
HETATM 818 O  O   . HOH E 4 .   ? 4.797   16.220  13.884  1.00 10.18 ? 209 HOH A O   1 
HETATM 819 O  O   . HOH E 4 .   ? 7.969   8.287   12.108  1.00 35.84 ? 210 HOH A O   1 
HETATM 820 O  O   . HOH E 4 .   ? -1.954  1.325   13.077  1.00 47.60 ? 211 HOH A O   1 
HETATM 821 O  O   . HOH E 4 .   ? -2.502  -0.806  8.580   1.00 43.98 ? 212 HOH A O   1 
HETATM 822 O  O   . HOH E 4 .   ? -4.476  11.262  -6.324  1.00 17.39 ? 213 HOH A O   1 
HETATM 823 O  O   . HOH E 4 .   ? -9.879  7.897   -3.207  1.00 18.96 ? 214 HOH A O   1 
HETATM 824 O  O   . HOH E 4 .   ? -7.601  5.219   -13.033 1.00 16.68 ? 215 HOH A O   1 
HETATM 825 O  O   . HOH E 4 .   ? 9.339   -1.906  -8.343  1.00 18.21 ? 216 HOH A O   1 
HETATM 826 O  O   . HOH E 4 .   ? 7.457   -2.338  -1.767  1.00 6.59  ? 217 HOH A O   1 
HETATM 827 O  O   . HOH E 4 .   ? 10.719  -3.539  -11.703 1.00 33.26 ? 218 HOH A O   1 
HETATM 828 O  O   . HOH E 4 .   ? 10.161  -12.893 -3.227  1.00 31.51 ? 219 HOH A O   1 
HETATM 829 O  O   . HOH E 4 .   ? -0.896  -12.275 -7.616  1.00 18.20 ? 220 HOH A O   1 
HETATM 830 O  O   . HOH E 4 .   ? 7.531   -15.190 -2.980  1.00 14.82 ? 221 HOH A O   1 
HETATM 831 O  O   . HOH E 4 .   ? 9.513   -10.867 11.658  1.00 33.68 ? 222 HOH A O   1 
HETATM 832 O  O   . HOH E 4 .   ? 11.335  -11.747 1.049   0.50 48.67 ? 224 HOH A O   1 
HETATM 833 O  O   . HOH E 4 .   ? 5.824   12.793  -4.288  1.00 50.13 ? 225 HOH A O   1 
HETATM 834 O  O   . HOH E 4 .   ? 5.223   13.839  -1.313  1.00 20.71 ? 226 HOH A O   1 
HETATM 835 O  O   . HOH E 4 .   ? -6.358  -5.425  10.288  1.00 23.78 ? 227 HOH A O   1 
HETATM 836 O  O   . HOH E 4 .   ? -7.795  -9.078  0.787   1.00 9.55  ? 228 HOH A O   1 
HETATM 837 O  O   . HOH E 4 .   ? 2.060   -19.325 -3.785  1.00 28.99 ? 229 HOH A O   1 
HETATM 838 O  O   . HOH E 4 .   ? 10.183  -12.871 -9.744  1.00 48.07 ? 230 HOH A O   1 
HETATM 839 O  O   . HOH E 4 .   ? -3.848  3.677   -9.970  1.00 40.09 ? 231 HOH A O   1 
HETATM 840 O  O   . HOH E 4 .   ? -2.678  8.609   5.182   1.00 21.96 ? 232 HOH A O   1 
HETATM 841 O  O   . HOH E 4 .   ? 7.089   9.375   6.361   1.00 8.23  ? 233 HOH A O   1 
HETATM 842 O  O   . HOH E 4 .   ? -2.691  7.904   9.954   1.00 34.85 ? 234 HOH A O   1 
HETATM 843 O  O   . HOH E 4 .   ? -2.759  5.014   16.423  1.00 43.95 ? 235 HOH A O   1 
HETATM 844 O  O   . HOH E 4 .   ? -3.002  6.509   7.522   1.00 17.51 ? 236 HOH A O   1 
HETATM 845 O  O   . HOH E 4 .   ? -7.277  12.096  -3.204  1.00 34.76 ? 237 HOH A O   1 
HETATM 846 O  O   . HOH E 4 .   ? -10.975 9.191   -10.264 1.00 16.25 ? 238 HOH A O   1 
HETATM 847 O  O   . HOH E 4 .   ? -8.505  9.380   -12.031 1.00 38.52 ? 239 HOH A O   1 
HETATM 848 O  O   . HOH E 4 .   ? -2.990  -9.655  -12.799 1.00 27.45 ? 240 HOH A O   1 
HETATM 849 O  O   . HOH E 4 .   ? 7.082   2.125   4.266   1.00 10.17 ? 241 HOH A O   1 
HETATM 850 O  O   . HOH E 4 .   ? 8.985   13.743  0.225   1.00 41.43 ? 242 HOH A O   1 
HETATM 851 O  O   . HOH E 4 .   ? 8.554   11.617  2.268   1.00 22.46 ? 243 HOH A O   1 
HETATM 852 O  O   . HOH E 4 .   ? -6.562  -12.413 7.037   1.00 17.49 ? 244 HOH A O   1 
HETATM 853 O  O   . HOH E 4 .   ? -9.470  -7.834  1.495   1.00 20.34 ? 245 HOH A O   1 
HETATM 854 O  O   . HOH E 4 .   ? -1.234  -14.720 -1.641  1.00 17.47 ? 246 HOH A O   1 
HETATM 855 O  O   . HOH E 4 .   ? 6.982   16.459  -3.096  1.00 38.87 ? 247 HOH A O   1 
HETATM 856 O  O   . HOH E 4 .   ? -2.024  -6.532  -15.611 1.00 22.53 ? 248 HOH A O   1 
HETATM 857 O  O   . HOH E 4 .   ? -7.619  12.455  -6.049  1.00 40.24 ? 249 HOH A O   1 
HETATM 858 O  O   . HOH E 4 .   ? -4.593  18.895  1.939   1.00 57.40 ? 250 HOH A O   1 
HETATM 859 O  O   . HOH E 4 .   ? -2.621  -2.422  -15.196 1.00 25.29 ? 251 HOH A O   1 
HETATM 860 O  O   . HOH E 4 .   ? 2.893   3.037   -14.113 1.00 21.28 ? 252 HOH A O   1 
HETATM 861 O  O   . HOH E 4 .   ? 12.011  -4.612  -0.660  1.00 42.30 ? 253 HOH A O   1 
HETATM 862 O  O   . HOH E 4 .   ? 12.278  -6.535  -10.678 1.00 31.85 ? 254 HOH A O   1 
HETATM 863 O  O   . HOH E 4 .   ? 13.118  -1.812  -10.014 1.00 32.51 ? 255 HOH A O   1 
HETATM 864 O  O   . HOH E 4 .   ? 11.623  -7.548  -2.665  1.00 32.46 ? 256 HOH A O   1 
HETATM 865 O  O   . HOH E 4 .   ? 14.376  -9.501  -3.037  0.50 30.41 ? 257 HOH A O   1 
HETATM 866 O  O   . HOH E 4 .   ? 7.521   7.441   -6.317  1.00 38.66 ? 258 HOH A O   1 
HETATM 867 O  O   . HOH E 4 .   ? 8.841   4.105   -6.732  1.00 38.17 ? 259 HOH A O   1 
HETATM 868 O  O   . HOH E 4 .   ? -3.551  -21.156 5.017   1.00 38.75 ? 260 HOH A O   1 
HETATM 869 O  O   . HOH E 4 .   ? 5.846   -12.297 3.202   1.00 27.63 ? 261 HOH A O   1 
HETATM 870 O  O   . HOH E 4 .   ? 3.975   -13.001 6.193   1.00 31.17 ? 262 HOH A O   1 
HETATM 871 O  O   . HOH E 4 .   ? 6.941   -8.828  8.971   1.00 20.81 ? 263 HOH A O   1 
HETATM 872 O  O   . HOH E 4 .   ? 13.747  -6.077  1.033   1.00 58.19 ? 264 HOH A O   1 
# 
